data_7P8J
#
_entry.id   7P8J
#
_cell.length_a   89.900
_cell.length_b   107.717
_cell.length_c   251.754
_cell.angle_alpha   90.000
_cell.angle_beta   90.000
_cell.angle_gamma   90.000
#
_symmetry.space_group_name_H-M   'P 21 21 21'
#
loop_
_entity.id
_entity.type
_entity.pdbx_description
1 polymer 'Processed angiotensin-converting enzyme 2'
2 polymer 'Spike glycoprotein'
3 branched 2-acetamido-2-deoxy-beta-D-glucopyranose-(1-4)-2-acetamido-2-deoxy-beta-D-glucopyranose
4 branched beta-D-mannopyranose-(1-4)-2-acetamido-2-deoxy-beta-D-glucopyranose-(1-4)-2-acetamido-2-deoxy-beta-D-glucopyranose
#
loop_
_entity_poly.entity_id
_entity_poly.type
_entity_poly.pdbx_seq_one_letter_code
_entity_poly.pdbx_strand_id
1 'polypeptide(L)'
;GSSTIEEQAKTFLDKFNHEAEDLFYQSSLASWNYNTNITEENVQNMNNAGDKWSAFLKEQSTLAQMYPLQEIQNLTVKLQ
LQALQQNGSSVLSEDKSKRLNTILNTMSTIYSTGKVCNPDNPQECLLLEPGLNEIMANSLDYNERLWAWESWRSEVGKQL
RPLYEEYVVLKNEMARANHYEDYGDYWRGDYEVNGVDGYDYSRGQLIEDVEHTFEEIKPLYEHLHAYVRAKLMNAYPSYI
SPIGCLPAHLLGDMWGRFWTNLYSLTVPFGQKPNIDVTDAMVDQAWDAQRIFKEAEKFFVSVGLPNMTQGFWENSMLTDP
GNVQKAVCHPTAWDLGKGDFRILMCTKVTMDDFLTAHHEMGHIQYDMAYAAQPFLLRNGANEGFHEAVGEIMSLSAATPK
HLKSIGLLSPDFQEDNETEINFLLKQALTIVGTLPFTYMLEKWRWMVFKGEIPKDQWMKKWWEMKREIVGVVEPVPHDET
YCDPASLFHVSNDYSFIRYYTRTLYQFQFQEALCQAAKHEGPLHKCDISNSTEAGQKLFNMLRLGKSEPWTLALENVVGA
KNMNVRPLLNYFEPLFTWLKDQNKNSFVGWSTDWSPYADAAA
;
A,C
2 'polypeptide(L)'
;GSRVQPTDSIVRFPNITNLCPFGEVFNATTFASVYAWNRKRISNCVADYSVLYNSTSFSTFKCYGVSPTKLNDLCFTNVY
ADSFVITGDEVRQIAPGQTGKIADYNYKLPDDFTGCVIAWNSKHIDAKEGGNFNYLYRLFRKANLKPFERDISTEIYQAG
SKPCNGQTGLNCYYPLYRYGFYPTDGVGHQPYRVVVLSFELLNAPATVCGPKKSTNLVKNKCVNFAAHHHHHH
;
B,D
#
loop_
_chem_comp.id
_chem_comp.type
_chem_comp.name
_chem_comp.formula
BMA D-saccharide, beta linking beta-D-mannopyranose 'C6 H12 O6'
NAG D-saccharide, beta linking 2-acetamido-2-deoxy-beta-D-glucopyranose 'C8 H15 N O6'
#
# COMPACT_ATOMS: atom_id res chain seq x y z
N SER A 3 8.65 -28.11 -17.01
CA SER A 3 8.66 -28.37 -15.58
C SER A 3 10.08 -28.39 -15.04
N THR A 4 11.02 -27.92 -15.85
CA THR A 4 12.40 -27.85 -15.42
C THR A 4 12.65 -26.62 -14.56
N ILE A 5 13.72 -26.72 -13.76
CA ILE A 5 14.15 -25.60 -12.93
C ILE A 5 14.54 -24.42 -13.80
N GLU A 6 15.16 -24.70 -14.95
CA GLU A 6 15.56 -23.62 -15.86
C GLU A 6 14.34 -22.86 -16.38
N GLU A 7 13.26 -23.58 -16.71
CA GLU A 7 12.06 -22.90 -17.19
C GLU A 7 11.40 -22.10 -16.08
N GLN A 8 11.35 -22.66 -14.88
CA GLN A 8 10.84 -21.94 -13.72
C GLN A 8 11.66 -20.67 -13.46
N ALA A 9 12.98 -20.77 -13.57
CA ALA A 9 13.85 -19.61 -13.36
C ALA A 9 13.64 -18.56 -14.45
N LYS A 10 13.41 -18.99 -15.69
CA LYS A 10 13.16 -18.04 -16.78
C LYS A 10 11.91 -17.21 -16.54
N THR A 11 10.81 -17.88 -16.13
CA THR A 11 9.58 -17.14 -15.86
C THR A 11 9.73 -16.21 -14.67
N PHE A 12 10.45 -16.64 -13.63
CA PHE A 12 10.73 -15.76 -12.50
C PHE A 12 11.50 -14.51 -12.94
N LEU A 13 12.46 -14.69 -13.85
CA LEU A 13 13.27 -13.55 -14.31
C LEU A 13 12.47 -12.61 -15.21
N ASP A 14 11.57 -13.16 -16.03
CA ASP A 14 10.68 -12.32 -16.82
C ASP A 14 9.81 -11.43 -15.93
N LYS A 15 9.16 -12.02 -14.93
CA LYS A 15 8.36 -11.22 -14.00
C LYS A 15 9.19 -10.14 -13.31
N PHE A 16 10.41 -10.48 -12.91
CA PHE A 16 11.23 -9.51 -12.21
C PHE A 16 11.57 -8.35 -13.14
N ASN A 17 12.01 -8.66 -14.36
CA ASN A 17 12.36 -7.61 -15.30
C ASN A 17 11.17 -6.69 -15.56
N HIS A 18 10.00 -7.27 -15.85
CA HIS A 18 8.85 -6.43 -16.18
C HIS A 18 8.32 -5.68 -14.97
N GLU A 19 8.42 -6.27 -13.76
CA GLU A 19 8.00 -5.55 -12.56
C GLU A 19 9.01 -4.49 -12.14
N ALA A 20 10.30 -4.73 -12.37
CA ALA A 20 11.30 -3.83 -11.81
C ALA A 20 11.56 -2.62 -12.69
N GLU A 21 11.36 -2.77 -14.00
CA GLU A 21 11.54 -1.67 -14.93
C GLU A 21 10.72 -0.46 -14.49
N ASP A 22 9.43 -0.68 -14.20
CA ASP A 22 8.54 0.43 -13.89
C ASP A 22 8.88 1.02 -12.52
N LEU A 23 9.18 0.16 -11.54
CA LEU A 23 9.52 0.64 -10.20
C LEU A 23 10.81 1.43 -10.22
N PHE A 24 11.81 0.95 -10.96
CA PHE A 24 13.05 1.70 -11.08
C PHE A 24 12.79 3.02 -11.79
N TYR A 25 11.88 3.03 -12.76
CA TYR A 25 11.55 4.26 -13.47
C TYR A 25 10.89 5.27 -12.53
N GLN A 26 9.99 4.83 -11.67
CA GLN A 26 9.36 5.74 -10.73
C GLN A 26 10.38 6.32 -9.76
N SER A 27 11.25 5.47 -9.22
CA SER A 27 12.30 5.95 -8.33
C SER A 27 13.23 6.93 -9.02
N SER A 28 13.58 6.65 -10.28
CA SER A 28 14.47 7.55 -11.02
C SER A 28 13.82 8.90 -11.30
N LEU A 29 12.55 8.90 -11.67
CA LEU A 29 11.84 10.15 -11.90
C LEU A 29 11.80 10.99 -10.63
N ALA A 30 11.51 10.36 -9.49
CA ALA A 30 11.43 11.07 -8.22
C ALA A 30 12.78 11.66 -7.84
N SER A 31 13.85 10.85 -7.93
CA SER A 31 15.18 11.34 -7.57
C SER A 31 15.67 12.43 -8.51
N TRP A 32 15.24 12.38 -9.77
CA TRP A 32 15.57 13.46 -10.69
C TRP A 32 14.90 14.77 -10.29
N ASN A 33 13.60 14.71 -9.97
CA ASN A 33 12.89 15.90 -9.51
C ASN A 33 13.51 16.49 -8.24
N TYR A 34 14.08 15.65 -7.37
CA TYR A 34 14.80 16.19 -6.22
C TYR A 34 16.10 16.87 -6.63
N ASN A 35 16.96 16.16 -7.36
CA ASN A 35 18.29 16.67 -7.64
C ASN A 35 18.25 17.89 -8.54
N THR A 36 17.13 18.10 -9.23
CA THR A 36 16.93 19.27 -10.09
C THR A 36 16.03 20.31 -9.45
N ASN A 37 15.52 20.04 -8.26
CA ASN A 37 14.54 20.94 -7.66
C ASN A 37 14.43 20.61 -6.17
N ILE A 38 15.39 21.08 -5.39
CA ILE A 38 15.52 20.70 -3.99
C ILE A 38 14.40 21.26 -3.13
N THR A 39 13.39 20.43 -2.84
CA THR A 39 12.34 20.79 -1.89
C THR A 39 12.10 19.63 -0.95
N GLU A 40 11.32 19.89 0.10
CA GLU A 40 11.05 18.84 1.08
C GLU A 40 10.09 17.79 0.52
N GLU A 41 9.07 18.22 -0.21
CA GLU A 41 8.18 17.30 -0.90
C GLU A 41 8.94 16.36 -1.82
N ASN A 42 9.92 16.88 -2.54
CA ASN A 42 10.66 16.06 -3.50
C ASN A 42 11.55 15.05 -2.79
N VAL A 43 12.19 15.44 -1.68
CA VAL A 43 13.05 14.51 -0.97
C VAL A 43 12.22 13.39 -0.34
N GLN A 44 11.03 13.72 0.16
CA GLN A 44 10.16 12.70 0.72
C GLN A 44 9.65 11.75 -0.35
N ASN A 45 9.32 12.28 -1.54
CA ASN A 45 8.89 11.42 -2.64
C ASN A 45 10.03 10.51 -3.10
N MET A 46 11.25 11.04 -3.17
CA MET A 46 12.40 10.23 -3.55
C MET A 46 12.61 9.10 -2.55
N ASN A 47 12.55 9.41 -1.25
CA ASN A 47 12.78 8.39 -0.24
C ASN A 47 11.66 7.35 -0.24
N ASN A 48 10.42 7.77 -0.47
CA ASN A 48 9.32 6.81 -0.57
C ASN A 48 9.55 5.85 -1.73
N ALA A 49 9.86 6.38 -2.91
CA ALA A 49 10.09 5.54 -4.08
C ALA A 49 11.30 4.64 -3.87
N GLY A 50 12.35 5.15 -3.23
CA GLY A 50 13.53 4.34 -2.99
C GLY A 50 13.28 3.20 -2.02
N ASP A 51 12.49 3.44 -0.97
CA ASP A 51 12.15 2.37 -0.04
C ASP A 51 11.27 1.31 -0.69
N LYS A 52 10.32 1.75 -1.53
CA LYS A 52 9.51 0.79 -2.29
C LYS A 52 10.39 -0.08 -3.18
N TRP A 53 11.36 0.53 -3.87
CA TRP A 53 12.26 -0.22 -4.73
C TRP A 53 13.12 -1.20 -3.95
N SER A 54 13.63 -0.79 -2.79
CA SER A 54 14.47 -1.68 -1.99
C SER A 54 13.67 -2.86 -1.44
N ALA A 55 12.43 -2.60 -1.00
CA ALA A 55 11.58 -3.68 -0.50
C ALA A 55 11.24 -4.69 -1.59
N PHE A 56 10.89 -4.21 -2.78
CA PHE A 56 10.66 -5.13 -3.90
C PHE A 56 11.90 -5.96 -4.19
N LEU A 57 13.08 -5.33 -4.12
CA LEU A 57 14.32 -6.04 -4.41
C LEU A 57 14.59 -7.12 -3.36
N LYS A 58 14.31 -6.83 -2.09
CA LYS A 58 14.56 -7.81 -1.04
C LYS A 58 13.58 -8.97 -1.12
N GLU A 59 12.31 -8.70 -1.45
CA GLU A 59 11.36 -9.78 -1.68
C GLU A 59 11.85 -10.70 -2.80
N GLN A 60 12.28 -10.11 -3.91
CA GLN A 60 12.77 -10.89 -5.05
C GLN A 60 14.07 -11.62 -4.71
N SER A 61 14.87 -11.06 -3.79
CA SER A 61 16.10 -11.74 -3.36
C SER A 61 15.78 -13.01 -2.59
N THR A 62 14.91 -12.93 -1.58
CA THR A 62 14.52 -14.13 -0.85
C THR A 62 13.85 -15.15 -1.76
N LEU A 63 13.16 -14.68 -2.81
CA LEU A 63 12.56 -15.60 -3.77
C LEU A 63 13.62 -16.25 -4.62
N ALA A 64 14.53 -15.43 -5.18
CA ALA A 64 15.56 -15.97 -6.06
C ALA A 64 16.53 -16.87 -5.30
N GLN A 65 16.66 -16.67 -3.98
CA GLN A 65 17.47 -17.58 -3.19
C GLN A 65 16.89 -18.98 -3.12
N MET A 66 15.62 -19.15 -3.52
CA MET A 66 14.98 -20.46 -3.51
C MET A 66 15.29 -21.28 -4.75
N TYR A 67 16.01 -20.73 -5.72
CA TYR A 67 16.39 -21.47 -6.91
C TYR A 67 17.84 -21.89 -6.79
N PRO A 68 18.14 -23.19 -6.69
CA PRO A 68 19.53 -23.61 -6.45
C PRO A 68 20.47 -23.28 -7.60
N LEU A 69 21.33 -22.27 -7.39
CA LEU A 69 22.24 -21.81 -8.45
C LEU A 69 23.02 -22.95 -9.10
N GLN A 70 23.52 -23.90 -8.30
CA GLN A 70 24.37 -24.98 -8.81
C GLN A 70 23.71 -25.77 -9.93
N GLU A 71 22.39 -25.78 -10.00
CA GLU A 71 21.66 -26.59 -10.96
C GLU A 71 21.39 -25.84 -12.25
N ILE A 72 21.96 -24.64 -12.39
CA ILE A 72 21.74 -23.81 -13.56
C ILE A 72 22.87 -24.04 -14.55
N GLN A 73 22.50 -24.33 -15.79
CA GLN A 73 23.45 -24.57 -16.85
C GLN A 73 23.52 -23.41 -17.84
N ASN A 74 22.74 -22.36 -17.62
CA ASN A 74 22.73 -21.21 -18.51
C ASN A 74 23.47 -20.07 -17.80
N LEU A 75 24.55 -19.61 -18.42
CA LEU A 75 25.44 -18.65 -17.77
C LEU A 75 24.77 -17.30 -17.54
N THR A 76 23.98 -16.84 -18.52
CA THR A 76 23.37 -15.52 -18.42
C THR A 76 22.33 -15.44 -17.31
N VAL A 77 21.42 -16.42 -17.27
CA VAL A 77 20.41 -16.45 -16.21
C VAL A 77 21.05 -16.68 -14.85
N LYS A 78 22.17 -17.41 -14.80
CA LYS A 78 22.89 -17.62 -13.55
C LYS A 78 23.42 -16.29 -13.00
N LEU A 79 23.99 -15.46 -13.87
CA LEU A 79 24.48 -14.15 -13.44
C LEU A 79 23.36 -13.28 -12.88
N GLN A 80 22.22 -13.22 -13.58
CA GLN A 80 21.10 -12.41 -13.09
C GLN A 80 20.61 -12.91 -11.73
N LEU A 81 20.53 -14.24 -11.60
CA LEU A 81 20.11 -14.85 -10.34
C LEU A 81 21.09 -14.52 -9.22
N GLN A 82 22.39 -14.57 -9.52
CA GLN A 82 23.42 -14.26 -8.53
C GLN A 82 23.27 -12.83 -8.03
N ALA A 83 23.06 -11.88 -8.95
CA ALA A 83 22.87 -10.50 -8.53
C ALA A 83 21.69 -10.38 -7.56
N LEU A 84 20.59 -11.09 -7.84
CA LEU A 84 19.44 -11.05 -6.96
C LEU A 84 19.66 -11.82 -5.66
N GLN A 85 20.46 -12.88 -5.68
CA GLN A 85 20.59 -13.68 -4.46
C GLN A 85 21.53 -13.03 -3.48
N GLN A 86 22.32 -12.08 -3.93
CA GLN A 86 23.15 -11.32 -3.00
C GLN A 86 22.36 -10.86 -1.77
N ASN A 87 22.68 -11.41 -0.57
CA ASN A 87 21.99 -11.03 0.68
C ASN A 87 22.25 -9.58 1.04
N GLY A 88 23.36 -9.02 0.58
CA GLY A 88 23.66 -7.62 0.79
C GLY A 88 23.67 -7.22 2.25
N SER A 89 23.06 -6.07 2.54
CA SER A 89 23.01 -5.60 3.92
C SER A 89 22.02 -6.42 4.77
N SER A 90 21.10 -7.14 4.12
CA SER A 90 20.04 -7.82 4.86
C SER A 90 20.60 -8.85 5.82
N VAL A 91 21.82 -9.31 5.60
CA VAL A 91 22.38 -10.35 6.45
C VAL A 91 22.81 -9.79 7.80
N LEU A 92 22.70 -8.48 7.98
CA LEU A 92 22.96 -7.84 9.25
C LEU A 92 21.68 -7.88 10.06
N SER A 93 21.81 -7.87 11.38
CA SER A 93 20.59 -7.70 12.14
C SER A 93 19.99 -6.32 11.84
N GLU A 94 18.72 -6.15 12.22
CA GLU A 94 18.01 -4.91 11.89
C GLU A 94 18.63 -3.71 12.59
N ASP A 95 18.84 -3.83 13.91
CA ASP A 95 19.40 -2.73 14.68
C ASP A 95 20.84 -2.41 14.26
N LYS A 96 21.64 -3.46 13.98
CA LYS A 96 23.01 -3.22 13.57
C LYS A 96 23.06 -2.56 12.21
N SER A 97 22.15 -2.96 11.31
CA SER A 97 22.06 -2.32 9.99
C SER A 97 21.63 -0.86 10.13
N LYS A 98 20.64 -0.59 10.99
CA LYS A 98 20.20 0.77 11.24
C LYS A 98 21.36 1.63 11.76
N ARG A 99 22.15 1.08 12.68
CA ARG A 99 23.28 1.83 13.23
C ARG A 99 24.30 2.11 12.15
N LEU A 100 24.52 1.16 11.25
CA LEU A 100 25.46 1.35 10.16
C LEU A 100 25.00 2.44 9.19
N ASN A 101 23.72 2.40 8.80
CA ASN A 101 23.17 3.46 7.93
C ASN A 101 23.23 4.83 8.60
N THR A 102 22.97 4.88 9.91
CA THR A 102 23.00 6.16 10.62
C THR A 102 24.40 6.79 10.54
N ILE A 103 25.43 6.01 10.84
CA ILE A 103 26.78 6.56 10.85
C ILE A 103 27.24 6.86 9.42
N LEU A 104 26.79 6.06 8.44
CA LEU A 104 27.10 6.34 7.04
C LEU A 104 26.57 7.71 6.63
N ASN A 105 25.29 7.97 6.89
CA ASN A 105 24.72 9.27 6.55
C ASN A 105 25.39 10.38 7.34
N THR A 106 25.78 10.10 8.59
CA THR A 106 26.43 11.11 9.42
C THR A 106 27.79 11.49 8.86
N MET A 107 28.59 10.49 8.45
CA MET A 107 29.88 10.78 7.83
C MET A 107 29.71 11.59 6.55
N SER A 108 28.77 11.17 5.70
CA SER A 108 28.50 11.92 4.48
C SER A 108 28.12 13.36 4.78
N THR A 109 27.30 13.57 5.81
CA THR A 109 26.84 14.91 6.16
C THR A 109 27.98 15.79 6.64
N ILE A 110 28.80 15.30 7.59
CA ILE A 110 29.85 16.13 8.16
C ILE A 110 30.93 16.43 7.14
N TYR A 111 31.18 15.51 6.21
CA TYR A 111 32.13 15.79 5.14
C TYR A 111 31.60 16.92 4.25
N SER A 112 30.36 16.78 3.78
CA SER A 112 29.79 17.75 2.86
C SER A 112 29.39 19.06 3.53
N THR A 113 29.43 19.12 4.87
CA THR A 113 29.00 20.31 5.59
C THR A 113 30.07 20.90 6.49
N GLY A 114 31.21 20.23 6.67
CA GLY A 114 32.21 20.71 7.60
C GLY A 114 32.77 22.06 7.18
N LYS A 115 32.88 22.97 8.13
CA LYS A 115 33.48 24.28 7.92
C LYS A 115 34.64 24.45 8.88
N VAL A 116 35.71 25.08 8.40
CA VAL A 116 36.82 25.49 9.25
C VAL A 116 36.92 27.00 9.21
N CYS A 117 37.19 27.61 10.35
CA CYS A 117 37.26 29.05 10.45
C CYS A 117 38.70 29.49 10.69
N ASN A 118 39.06 30.62 10.11
CA ASN A 118 40.40 31.18 10.25
C ASN A 118 40.58 31.68 11.68
N PRO A 119 41.57 31.17 12.42
CA PRO A 119 41.81 31.72 13.78
C PRO A 119 42.18 33.19 13.82
N ASP A 120 42.94 33.73 12.85
CA ASP A 120 43.26 35.15 12.90
C ASP A 120 42.02 36.02 12.72
N ASN A 121 41.05 35.55 11.93
CA ASN A 121 39.81 36.29 11.69
C ASN A 121 38.66 35.30 11.72
N PRO A 122 38.10 35.03 12.91
CA PRO A 122 37.11 33.95 13.07
C PRO A 122 35.80 34.19 12.34
N GLN A 123 35.68 35.33 11.65
CA GLN A 123 34.52 35.62 10.83
C GLN A 123 34.62 35.01 9.43
N GLU A 124 35.83 34.79 8.93
CA GLU A 124 35.99 34.11 7.65
C GLU A 124 35.93 32.59 7.89
N CYS A 125 34.92 31.93 7.33
CA CYS A 125 34.84 30.47 7.40
C CYS A 125 34.54 29.92 6.01
N LEU A 126 35.18 28.80 5.66
CA LEU A 126 35.04 28.19 4.35
C LEU A 126 34.68 26.72 4.49
N LEU A 127 33.82 26.23 3.60
CA LEU A 127 33.62 24.80 3.46
C LEU A 127 34.53 24.26 2.37
N LEU A 128 34.49 22.94 2.15
CA LEU A 128 35.42 22.32 1.21
C LEU A 128 35.26 22.90 -0.18
N GLU A 129 34.01 23.04 -0.63
CA GLU A 129 33.70 23.62 -1.94
C GLU A 129 32.87 24.87 -1.74
N PRO A 130 33.27 26.04 -2.25
CA PRO A 130 34.43 26.27 -3.10
C PRO A 130 35.64 26.87 -2.38
N GLY A 131 35.49 27.19 -1.09
CA GLY A 131 36.49 27.95 -0.36
C GLY A 131 37.83 27.25 -0.23
N LEU A 132 37.85 26.13 0.49
CA LEU A 132 39.11 25.43 0.74
C LEU A 132 39.75 24.96 -0.57
N ASN A 133 38.94 24.57 -1.54
CA ASN A 133 39.47 24.16 -2.84
C ASN A 133 40.09 25.33 -3.60
N GLU A 134 39.50 26.53 -3.51
CA GLU A 134 40.10 27.70 -4.15
C GLU A 134 41.49 27.99 -3.59
N ILE A 135 41.67 27.88 -2.27
CA ILE A 135 42.99 28.07 -1.68
C ILE A 135 43.97 27.03 -2.22
N MET A 136 43.62 25.74 -2.10
CA MET A 136 44.52 24.67 -2.52
C MET A 136 44.82 24.69 -4.02
N ALA A 137 44.01 25.37 -4.83
CA ALA A 137 44.25 25.40 -6.27
C ALA A 137 45.08 26.60 -6.71
N ASN A 138 44.87 27.78 -6.11
CA ASN A 138 45.48 29.00 -6.63
C ASN A 138 46.49 29.64 -5.69
N SER A 139 46.45 29.34 -4.40
CA SER A 139 47.35 30.00 -3.46
C SER A 139 48.79 29.56 -3.69
N LEU A 140 49.70 30.53 -3.66
CA LEU A 140 51.13 30.26 -3.69
C LEU A 140 51.82 30.48 -2.35
N ASP A 141 51.06 30.66 -1.27
CA ASP A 141 51.63 30.94 0.05
C ASP A 141 51.70 29.65 0.86
N TYR A 142 52.91 29.28 1.27
CA TYR A 142 53.12 28.03 1.99
C TYR A 142 52.33 27.98 3.30
N ASN A 143 52.38 29.06 4.09
CA ASN A 143 51.71 29.05 5.39
C ASN A 143 50.19 29.00 5.25
N GLU A 144 49.62 29.71 4.27
CA GLU A 144 48.18 29.65 4.08
C GLU A 144 47.75 28.25 3.64
N ARG A 145 48.49 27.67 2.69
CA ARG A 145 48.19 26.30 2.24
C ARG A 145 48.34 25.32 3.38
N LEU A 146 49.37 25.49 4.22
CA LEU A 146 49.56 24.59 5.35
C LEU A 146 48.39 24.71 6.32
N TRP A 147 47.91 25.95 6.55
CA TRP A 147 46.74 26.14 7.39
C TRP A 147 45.52 25.43 6.82
N ALA A 148 45.27 25.60 5.52
CA ALA A 148 44.14 24.97 4.87
C ALA A 148 44.21 23.46 5.02
N TRP A 149 45.38 22.88 4.70
CA TRP A 149 45.56 21.43 4.76
C TRP A 149 45.27 20.91 6.17
N GLU A 150 45.90 21.52 7.18
CA GLU A 150 45.75 21.03 8.55
C GLU A 150 44.38 21.31 9.15
N SER A 151 43.74 22.43 8.80
CA SER A 151 42.40 22.70 9.33
C SER A 151 41.36 21.70 8.85
N TRP A 152 41.33 21.43 7.53
CA TRP A 152 40.39 20.44 7.02
C TRP A 152 40.51 19.09 7.72
N ARG A 153 41.75 18.60 7.87
CA ARG A 153 41.94 17.27 8.44
C ARG A 153 41.64 17.25 9.94
N SER A 154 42.33 18.10 10.71
CA SER A 154 42.18 18.15 12.17
C SER A 154 40.78 18.53 12.66
N GLU A 155 39.89 19.05 11.81
CA GLU A 155 38.51 19.32 12.22
C GLU A 155 37.54 18.19 11.87
N VAL A 156 37.35 17.92 10.58
CA VAL A 156 36.31 16.98 10.15
C VAL A 156 36.78 15.54 10.32
N GLY A 157 38.06 15.27 10.05
CA GLY A 157 38.57 13.91 10.15
C GLY A 157 38.60 13.39 11.57
N LYS A 158 38.83 14.27 12.55
CA LYS A 158 38.76 13.86 13.95
C LYS A 158 37.34 13.40 14.30
N GLN A 159 36.34 14.09 13.76
CA GLN A 159 34.96 13.65 13.93
C GLN A 159 34.73 12.31 13.24
N LEU A 160 35.38 12.10 12.09
CA LEU A 160 35.12 10.92 11.28
C LEU A 160 35.77 9.67 11.85
N ARG A 161 36.85 9.81 12.63
CA ARG A 161 37.66 8.70 13.14
C ARG A 161 36.81 7.61 13.80
N PRO A 162 36.07 7.90 14.87
CA PRO A 162 35.33 6.81 15.52
C PRO A 162 34.23 6.24 14.65
N LEU A 163 33.51 7.11 13.93
CA LEU A 163 32.53 6.64 12.94
C LEU A 163 33.17 5.71 11.93
N TYR A 164 34.40 6.01 11.50
CA TYR A 164 35.05 5.17 10.50
C TYR A 164 35.50 3.83 11.09
N GLU A 165 35.88 3.80 12.37
CA GLU A 165 36.20 2.52 13.00
C GLU A 165 34.99 1.61 13.02
N GLU A 166 33.84 2.13 13.44
CA GLU A 166 32.62 1.33 13.44
C GLU A 166 32.22 0.95 12.02
N TYR A 167 32.41 1.86 11.06
CA TYR A 167 32.15 1.54 9.66
C TYR A 167 32.99 0.36 9.17
N VAL A 168 34.28 0.37 9.47
CA VAL A 168 35.17 -0.71 9.04
C VAL A 168 34.73 -2.05 9.61
N VAL A 169 34.49 -2.12 10.91
CA VAL A 169 34.21 -3.42 11.52
C VAL A 169 32.88 -3.98 11.04
N LEU A 170 31.84 -3.13 10.93
CA LEU A 170 30.54 -3.61 10.49
C LEU A 170 30.55 -4.00 9.02
N LYS A 171 31.22 -3.21 8.17
CA LYS A 171 31.28 -3.56 6.75
C LYS A 171 32.04 -4.85 6.52
N ASN A 172 33.07 -5.10 7.32
CA ASN A 172 33.76 -6.37 7.17
C ASN A 172 32.90 -7.55 7.59
N GLU A 173 32.16 -7.39 8.70
CA GLU A 173 31.20 -8.40 9.14
C GLU A 173 30.16 -8.72 8.08
N MET A 174 29.59 -7.69 7.45
CA MET A 174 28.57 -7.92 6.42
C MET A 174 29.15 -8.76 5.30
N ALA A 175 30.32 -8.36 4.81
CA ALA A 175 30.97 -9.05 3.70
C ALA A 175 31.28 -10.48 4.11
N ARG A 176 31.65 -10.68 5.37
CA ARG A 176 31.96 -12.02 5.88
C ARG A 176 30.70 -12.88 5.88
N ALA A 177 29.57 -12.29 6.26
CA ALA A 177 28.31 -13.01 6.23
C ALA A 177 27.91 -13.32 4.80
N ASN A 178 28.33 -12.48 3.85
CA ASN A 178 28.09 -12.69 2.43
C ASN A 178 29.17 -13.55 1.80
N HIS A 179 29.86 -14.35 2.62
CA HIS A 179 30.84 -15.35 2.21
C HIS A 179 32.08 -14.71 1.59
N TYR A 180 32.48 -13.55 2.10
CA TYR A 180 33.72 -12.90 1.73
C TYR A 180 34.64 -12.75 2.93
N GLU A 181 35.92 -12.49 2.64
CA GLU A 181 36.91 -12.30 3.69
C GLU A 181 36.71 -10.95 4.38
N ASP A 182 36.51 -9.90 3.59
CA ASP A 182 36.27 -8.57 4.12
C ASP A 182 35.56 -7.75 3.05
N TYR A 183 35.27 -6.49 3.39
CA TYR A 183 34.59 -5.61 2.46
C TYR A 183 35.40 -5.35 1.20
N GLY A 184 36.74 -5.31 1.32
CA GLY A 184 37.58 -5.20 0.13
C GLY A 184 37.46 -6.41 -0.78
N ASP A 185 37.39 -7.60 -0.21
CA ASP A 185 37.16 -8.82 -0.99
C ASP A 185 35.80 -8.77 -1.70
N TYR A 186 34.77 -8.26 -1.01
CA TYR A 186 33.49 -8.05 -1.65
C TYR A 186 33.69 -7.17 -2.88
N TRP A 187 34.39 -6.05 -2.67
CA TRP A 187 34.70 -5.13 -3.75
C TRP A 187 35.48 -5.84 -4.85
N ARG A 188 36.46 -6.67 -4.45
CA ARG A 188 37.23 -7.41 -5.43
C ARG A 188 36.37 -8.40 -6.19
N GLY A 189 35.21 -8.79 -5.63
CA GLY A 189 34.31 -9.66 -6.36
C GLY A 189 33.80 -9.07 -7.66
N ASP A 190 33.82 -7.74 -7.80
CA ASP A 190 33.38 -7.12 -9.04
C ASP A 190 34.22 -7.59 -10.23
N TYR A 191 35.49 -7.87 -10.00
CA TYR A 191 36.37 -8.29 -11.07
C TYR A 191 36.44 -9.80 -11.22
N GLU A 192 35.74 -10.53 -10.36
CA GLU A 192 35.83 -11.98 -10.31
C GLU A 192 35.07 -12.56 -11.50
N VAL A 193 35.65 -13.55 -12.18
CA VAL A 193 34.97 -14.31 -13.22
C VAL A 193 35.08 -15.81 -12.94
N ASN A 194 33.93 -16.49 -12.88
CA ASN A 194 33.86 -17.90 -12.45
C ASN A 194 32.80 -18.62 -13.29
N GLY A 195 33.25 -19.39 -14.29
CA GLY A 195 32.31 -20.18 -15.06
C GLY A 195 32.59 -20.31 -16.54
N VAL A 196 33.30 -19.35 -17.11
CA VAL A 196 33.59 -19.35 -18.55
C VAL A 196 34.98 -19.93 -18.71
N ASP A 197 35.07 -21.10 -19.36
CA ASP A 197 36.35 -21.75 -19.55
C ASP A 197 37.23 -20.92 -20.48
N GLY A 198 38.46 -20.66 -20.04
CA GLY A 198 39.40 -19.89 -20.79
C GLY A 198 39.36 -18.39 -20.53
N TYR A 199 38.40 -17.90 -19.73
CA TYR A 199 38.34 -16.48 -19.43
C TYR A 199 38.16 -16.17 -17.96
N ASP A 200 38.23 -17.17 -17.08
CA ASP A 200 38.06 -16.87 -15.67
C ASP A 200 39.26 -16.04 -15.21
N TYR A 201 39.14 -15.47 -14.00
CA TYR A 201 40.09 -14.55 -13.37
C TYR A 201 39.68 -14.46 -11.90
N SER A 202 40.58 -14.89 -11.02
CA SER A 202 40.28 -14.91 -9.60
C SER A 202 40.53 -13.56 -8.94
N ARG A 203 40.17 -13.52 -7.67
CA ARG A 203 40.19 -12.36 -6.80
C ARG A 203 41.56 -12.00 -6.24
N GLY A 204 42.52 -12.91 -6.26
CA GLY A 204 43.86 -12.56 -5.82
C GLY A 204 44.69 -12.06 -7.00
N GLN A 205 44.29 -12.50 -8.20
CA GLN A 205 44.90 -12.01 -9.43
C GLN A 205 44.82 -10.50 -9.59
N LEU A 206 43.81 -9.84 -9.02
CA LEU A 206 43.75 -8.39 -9.10
C LEU A 206 44.95 -7.76 -8.40
N ILE A 207 45.27 -8.24 -7.19
CA ILE A 207 46.45 -7.73 -6.50
C ILE A 207 47.69 -7.98 -7.34
N GLU A 208 47.83 -9.20 -7.86
CA GLU A 208 48.98 -9.53 -8.70
C GLU A 208 49.07 -8.57 -9.87
N ASP A 209 47.96 -8.36 -10.57
CA ASP A 209 47.98 -7.52 -11.76
C ASP A 209 48.22 -6.06 -11.40
N VAL A 210 47.55 -5.56 -10.37
CA VAL A 210 47.72 -4.16 -9.98
C VAL A 210 49.17 -3.90 -9.58
N GLU A 211 49.77 -4.80 -8.79
CA GLU A 211 51.15 -4.60 -8.38
C GLU A 211 52.11 -4.79 -9.55
N HIS A 212 51.90 -5.82 -10.37
CA HIS A 212 52.78 -6.04 -11.51
C HIS A 212 52.73 -4.87 -12.49
N THR A 213 51.55 -4.26 -12.64
CA THR A 213 51.43 -3.13 -13.55
C THR A 213 51.88 -1.83 -12.93
N PHE A 214 51.65 -1.64 -11.63
CA PHE A 214 52.15 -0.45 -10.96
C PHE A 214 53.67 -0.41 -10.95
N GLU A 215 54.30 -1.59 -10.89
CA GLU A 215 55.76 -1.69 -11.02
C GLU A 215 56.25 -1.10 -12.34
N GLU A 216 55.56 -1.40 -13.44
CA GLU A 216 55.98 -0.85 -14.73
C GLU A 216 55.70 0.64 -14.85
N ILE A 217 54.67 1.15 -14.15
CA ILE A 217 54.40 2.58 -14.20
C ILE A 217 55.44 3.33 -13.37
N LYS A 218 56.02 2.66 -12.38
CA LYS A 218 56.91 3.29 -11.39
C LYS A 218 57.97 4.20 -12.00
N PRO A 219 58.72 3.81 -13.04
CA PRO A 219 59.81 4.67 -13.49
C PRO A 219 59.32 6.00 -14.06
N LEU A 220 58.27 5.95 -14.88
CA LEU A 220 57.71 7.19 -15.44
C LEU A 220 57.26 8.15 -14.34
N TYR A 221 56.60 7.64 -13.30
CA TYR A 221 56.17 8.50 -12.20
C TYR A 221 57.37 9.07 -11.45
N GLU A 222 58.42 8.27 -11.28
CA GLU A 222 59.62 8.76 -10.59
C GLU A 222 60.22 9.96 -11.30
N HIS A 223 60.30 9.93 -12.63
CA HIS A 223 60.89 11.06 -13.35
C HIS A 223 60.01 12.29 -13.30
N LEU A 224 58.68 12.12 -13.47
CA LEU A 224 57.77 13.25 -13.29
C LEU A 224 57.89 13.83 -11.89
N HIS A 225 58.03 12.96 -10.89
CA HIS A 225 58.17 13.42 -9.52
C HIS A 225 59.41 14.28 -9.34
N ALA A 226 60.54 13.84 -9.91
CA ALA A 226 61.76 14.61 -9.81
C ALA A 226 61.61 15.98 -10.47
N TYR A 227 61.03 16.01 -11.68
CA TYR A 227 60.84 17.27 -12.39
C TYR A 227 59.95 18.23 -11.62
N VAL A 228 58.81 17.75 -11.14
CA VAL A 228 57.91 18.60 -10.38
C VAL A 228 58.57 19.07 -9.09
N ARG A 229 59.40 18.23 -8.48
CA ARG A 229 60.07 18.61 -7.24
C ARG A 229 61.03 19.76 -7.47
N ALA A 230 61.84 19.71 -8.52
CA ALA A 230 62.73 20.82 -8.83
C ALA A 230 61.93 22.10 -9.12
N LYS A 231 60.91 21.98 -9.97
CA LYS A 231 60.11 23.15 -10.33
C LYS A 231 59.43 23.76 -9.12
N LEU A 232 58.99 22.93 -8.17
CA LEU A 232 58.37 23.44 -6.95
C LEU A 232 59.40 24.06 -6.01
N MET A 233 60.64 23.56 -6.02
CA MET A 233 61.70 24.20 -5.25
C MET A 233 61.87 25.65 -5.68
N ASN A 234 61.78 25.93 -6.98
CA ASN A 234 61.81 27.31 -7.44
C ASN A 234 60.63 28.11 -6.91
N ALA A 235 59.50 27.45 -6.61
CA ALA A 235 58.30 28.16 -6.18
C ALA A 235 58.22 28.36 -4.67
N TYR A 236 58.74 27.41 -3.89
CA TYR A 236 58.75 27.50 -2.43
C TYR A 236 60.19 27.31 -1.94
N PRO A 237 61.03 28.33 -2.09
CA PRO A 237 62.43 28.21 -1.69
C PRO A 237 62.60 28.00 -0.18
N SER A 238 63.57 27.15 0.16
CA SER A 238 63.96 26.78 1.52
C SER A 238 62.95 25.89 2.21
N TYR A 239 61.89 25.48 1.53
CA TYR A 239 60.88 24.61 2.10
C TYR A 239 60.95 23.17 1.59
N ILE A 240 61.65 22.91 0.50
CA ILE A 240 61.63 21.60 -0.13
C ILE A 240 63.06 21.11 -0.31
N SER A 241 63.31 19.90 0.17
CA SER A 241 64.57 19.24 -0.05
C SER A 241 64.61 18.65 -1.46
N PRO A 242 65.74 18.75 -2.15
CA PRO A 242 65.85 18.17 -3.50
C PRO A 242 65.84 16.65 -3.53
N ILE A 243 65.85 15.97 -2.38
CA ILE A 243 65.85 14.52 -2.34
C ILE A 243 64.69 13.94 -1.54
N GLY A 244 63.81 14.78 -0.99
CA GLY A 244 62.75 14.33 -0.13
C GLY A 244 61.40 14.19 -0.85
N CYS A 245 60.42 13.71 -0.08
CA CYS A 245 59.04 13.60 -0.58
C CYS A 245 58.40 14.98 -0.70
N LEU A 246 57.34 15.05 -1.49
CA LEU A 246 56.64 16.32 -1.69
C LEU A 246 55.73 16.65 -0.51
N PRO A 247 55.79 17.86 0.03
CA PRO A 247 54.83 18.25 1.07
C PRO A 247 53.41 18.11 0.53
N ALA A 248 52.55 17.50 1.35
CA ALA A 248 51.23 17.09 0.87
C ALA A 248 50.35 18.28 0.50
N HIS A 249 50.64 19.46 1.01
CA HIS A 249 49.79 20.62 0.82
C HIS A 249 50.18 21.49 -0.37
N LEU A 250 51.14 21.06 -1.20
CA LEU A 250 51.58 21.84 -2.34
C LEU A 250 51.26 21.15 -3.66
N LEU A 251 50.33 20.20 -3.66
CA LEU A 251 50.12 19.30 -4.79
C LEU A 251 49.01 19.75 -5.73
N GLY A 252 48.24 20.78 -5.37
CA GLY A 252 47.22 21.35 -6.21
C GLY A 252 45.80 21.21 -5.72
N ASP A 253 45.52 20.28 -4.81
CA ASP A 253 44.21 20.22 -4.16
C ASP A 253 44.39 19.77 -2.71
N MET A 254 43.28 19.53 -2.03
CA MET A 254 43.29 19.25 -0.60
C MET A 254 44.04 17.97 -0.24
N TRP A 255 44.18 17.03 -1.19
CA TRP A 255 44.74 15.71 -0.91
C TRP A 255 45.85 15.28 -1.86
N GLY A 256 46.00 15.91 -3.02
CA GLY A 256 46.89 15.42 -4.06
C GLY A 256 46.30 14.43 -5.04
N ARG A 257 44.97 14.29 -5.09
CA ARG A 257 44.38 13.38 -6.06
C ARG A 257 44.69 13.79 -7.50
N PHE A 258 44.77 15.10 -7.78
CA PHE A 258 45.17 15.60 -9.08
C PHE A 258 46.19 16.73 -8.92
N TRP A 259 47.26 16.68 -9.72
CA TRP A 259 48.25 17.75 -9.81
C TRP A 259 47.94 18.75 -10.90
N THR A 260 46.66 18.92 -11.25
CA THR A 260 46.28 19.77 -12.37
C THR A 260 46.72 21.22 -12.16
N ASN A 261 46.58 21.74 -10.94
CA ASN A 261 46.87 23.14 -10.69
C ASN A 261 48.36 23.42 -10.52
N LEU A 262 49.21 22.44 -10.79
CA LEU A 262 50.65 22.67 -10.81
C LEU A 262 51.17 23.00 -12.21
N TYR A 263 50.28 23.12 -13.21
CA TYR A 263 50.74 23.33 -14.57
C TYR A 263 51.41 24.69 -14.72
N SER A 264 50.90 25.70 -14.02
CA SER A 264 51.47 27.04 -14.05
C SER A 264 52.87 27.08 -13.44
N LEU A 265 53.17 26.17 -12.52
CA LEU A 265 54.47 26.13 -11.85
C LEU A 265 55.45 25.15 -12.50
N THR A 266 55.01 24.33 -13.44
CA THR A 266 55.85 23.29 -14.02
C THR A 266 55.89 23.35 -15.54
N VAL A 267 55.31 24.38 -16.16
CA VAL A 267 55.21 24.44 -17.61
C VAL A 267 56.61 24.38 -18.23
N PRO A 268 56.84 23.44 -19.14
CA PRO A 268 58.18 23.36 -19.77
C PRO A 268 58.55 24.60 -20.55
N PHE A 269 57.66 25.06 -21.43
CA PHE A 269 57.99 26.23 -22.29
C PHE A 269 56.91 27.31 -22.13
N GLY A 270 57.19 28.33 -21.31
CA GLY A 270 56.24 29.43 -21.09
C GLY A 270 55.97 30.20 -22.38
N GLN A 271 57.01 30.38 -23.21
CA GLN A 271 56.87 31.16 -24.47
C GLN A 271 55.84 30.45 -25.37
N LYS A 272 55.88 29.12 -25.44
CA LYS A 272 54.85 28.38 -26.22
C LYS A 272 53.49 28.60 -25.55
N PRO A 273 52.42 28.93 -26.30
CA PRO A 273 51.12 29.22 -25.70
C PRO A 273 50.47 27.99 -25.06
N ASN A 274 49.85 28.16 -23.89
CA ASN A 274 49.12 27.03 -23.25
C ASN A 274 47.86 26.78 -24.08
N ILE A 275 47.39 25.53 -24.16
CA ILE A 275 46.23 25.24 -25.05
C ILE A 275 44.94 25.51 -24.28
N ASP A 276 44.36 26.70 -24.46
CA ASP A 276 43.06 27.04 -23.82
C ASP A 276 42.14 27.62 -24.90
N VAL A 277 40.89 27.13 -24.96
CA VAL A 277 39.94 27.61 -26.01
C VAL A 277 38.78 28.36 -25.35
N THR A 278 38.90 28.69 -24.06
CA THR A 278 37.78 29.33 -23.37
C THR A 278 37.49 30.69 -24.01
N ASP A 279 38.55 31.45 -24.29
CA ASP A 279 38.37 32.77 -24.87
C ASP A 279 37.76 32.67 -26.26
N ALA A 280 38.13 31.64 -27.01
CA ALA A 280 37.53 31.41 -28.32
C ALA A 280 36.04 31.11 -28.23
N MET A 281 35.64 30.25 -27.27
CA MET A 281 34.21 29.95 -27.10
C MET A 281 33.39 31.18 -26.79
N VAL A 282 33.87 32.06 -25.90
CA VAL A 282 33.08 33.24 -25.55
C VAL A 282 33.00 34.20 -26.72
N ASP A 283 34.09 34.34 -27.46
CA ASP A 283 34.14 35.25 -28.61
C ASP A 283 33.39 34.70 -29.81
N GLN A 284 33.23 33.38 -29.88
CA GLN A 284 32.43 32.77 -30.93
C GLN A 284 30.98 32.66 -30.51
N ALA A 285 30.08 32.87 -31.46
CA ALA A 285 28.66 32.69 -31.19
C ALA A 285 28.49 31.33 -30.56
N TRP A 286 28.05 31.30 -29.30
CA TRP A 286 27.75 30.04 -28.65
C TRP A 286 26.29 29.93 -28.24
N ASP A 287 25.82 28.69 -28.24
CA ASP A 287 24.52 28.27 -27.75
C ASP A 287 24.81 27.05 -26.86
N ALA A 288 24.30 27.03 -25.63
CA ALA A 288 24.53 25.87 -24.75
C ALA A 288 23.95 24.61 -25.36
N GLN A 289 22.78 24.74 -25.99
CA GLN A 289 22.21 23.68 -26.78
C GLN A 289 23.25 23.23 -27.80
N ARG A 290 23.83 24.19 -28.51
CA ARG A 290 24.75 23.90 -29.58
C ARG A 290 26.01 23.22 -29.11
N ILE A 291 26.54 23.61 -27.96
CA ILE A 291 27.73 22.93 -27.45
C ILE A 291 27.43 21.44 -27.31
N PHE A 292 26.29 21.11 -26.66
CA PHE A 292 25.90 19.72 -26.43
C PHE A 292 25.50 19.08 -27.74
N LYS A 293 24.95 19.90 -28.66
CA LYS A 293 24.66 19.45 -30.02
C LYS A 293 25.93 19.10 -30.77
N GLU A 294 27.01 19.86 -30.54
CA GLU A 294 28.27 19.56 -31.20
C GLU A 294 28.84 18.23 -30.72
N ALA A 295 28.73 17.95 -29.42
CA ALA A 295 29.12 16.63 -28.93
C ALA A 295 28.29 15.56 -29.62
N GLU A 296 26.98 15.82 -29.77
CA GLU A 296 26.10 14.88 -30.47
C GLU A 296 26.54 14.69 -31.92
N LYS A 297 26.91 15.79 -32.59
CA LYS A 297 27.41 15.69 -33.95
C LYS A 297 28.68 14.85 -34.00
N PHE A 298 29.55 14.99 -32.98
CA PHE A 298 30.75 14.16 -32.89
C PHE A 298 30.40 12.67 -32.83
N PHE A 299 29.45 12.31 -31.95
CA PHE A 299 29.12 10.91 -31.77
C PHE A 299 28.42 10.31 -32.99
N VAL A 300 27.60 11.08 -33.69
CA VAL A 300 26.97 10.54 -34.90
C VAL A 300 28.00 10.34 -36.02
N SER A 301 29.06 11.16 -36.06
CA SER A 301 30.06 11.05 -37.12
C SER A 301 30.84 9.74 -37.10
N VAL A 302 30.77 8.97 -36.02
CA VAL A 302 31.49 7.71 -35.90
C VAL A 302 30.54 6.52 -35.96
N GLY A 303 29.28 6.74 -36.32
CA GLY A 303 28.32 5.67 -36.49
C GLY A 303 27.39 5.40 -35.33
N LEU A 304 27.30 6.30 -34.35
CA LEU A 304 26.39 6.12 -33.22
C LEU A 304 25.11 6.93 -33.43
N PRO A 305 24.02 6.56 -32.74
CA PRO A 305 22.75 7.25 -32.98
C PRO A 305 22.75 8.66 -32.40
N ASN A 306 21.81 9.46 -32.88
CA ASN A 306 21.51 10.75 -32.27
C ASN A 306 21.12 10.58 -30.79
N MET A 307 21.02 11.71 -30.10
CA MET A 307 20.34 11.77 -28.81
C MET A 307 18.82 11.74 -28.99
N THR A 308 18.14 11.20 -27.99
CA THR A 308 16.69 11.04 -28.06
C THR A 308 15.99 12.38 -27.85
N GLN A 309 14.82 12.53 -28.48
CA GLN A 309 13.99 13.70 -28.23
C GLN A 309 13.63 13.85 -26.75
N GLY A 310 13.48 12.74 -26.04
CA GLY A 310 13.30 12.80 -24.60
C GLY A 310 14.48 13.40 -23.87
N PHE A 311 15.70 13.07 -24.32
CA PHE A 311 16.89 13.67 -23.76
C PHE A 311 16.89 15.19 -23.93
N TRP A 312 16.68 15.66 -25.17
CA TRP A 312 16.74 17.10 -25.40
C TRP A 312 15.63 17.85 -24.67
N GLU A 313 14.50 17.20 -24.41
CA GLU A 313 13.38 17.86 -23.73
C GLU A 313 13.46 17.79 -22.21
N ASN A 314 14.10 16.75 -21.66
CA ASN A 314 14.05 16.51 -20.23
C ASN A 314 15.38 16.79 -19.54
N SER A 315 16.47 16.86 -20.30
CA SER A 315 17.78 17.14 -19.74
C SER A 315 17.79 18.57 -19.22
N MET A 316 18.68 18.83 -18.27
CA MET A 316 18.91 20.17 -17.76
C MET A 316 20.31 20.60 -18.14
N LEU A 317 20.38 21.51 -19.11
CA LEU A 317 21.63 21.89 -19.76
C LEU A 317 22.12 23.26 -19.33
N THR A 318 21.41 23.98 -18.49
CA THR A 318 21.88 25.26 -18.00
C THR A 318 21.62 25.36 -16.52
N ASP A 319 22.38 26.23 -15.85
CA ASP A 319 22.14 26.51 -14.45
C ASP A 319 20.75 27.12 -14.35
N PRO A 320 19.82 26.55 -13.57
CA PRO A 320 18.47 27.12 -13.53
C PRO A 320 18.38 28.44 -12.80
N GLY A 321 19.46 28.89 -12.17
CA GLY A 321 19.50 30.20 -11.56
C GLY A 321 19.40 30.12 -10.05
N ASN A 322 19.06 31.28 -9.47
CA ASN A 322 18.99 31.44 -8.02
C ASN A 322 17.65 30.95 -7.50
N VAL A 323 16.61 31.03 -8.35
CA VAL A 323 15.24 30.64 -8.01
C VAL A 323 15.11 29.13 -7.82
N GLN A 324 15.88 28.34 -8.57
CA GLN A 324 15.77 26.89 -8.57
C GLN A 324 17.14 26.32 -8.23
N LYS A 325 17.28 25.80 -7.02
CA LYS A 325 18.57 25.24 -6.63
C LYS A 325 18.60 23.77 -6.98
N ALA A 326 19.71 23.33 -7.56
CA ALA A 326 19.89 21.99 -8.04
C ALA A 326 21.28 21.51 -7.68
N VAL A 327 21.52 20.22 -7.90
CA VAL A 327 22.84 19.65 -7.68
C VAL A 327 23.60 19.76 -9.01
N CYS A 328 24.78 20.36 -8.99
CA CYS A 328 25.48 20.75 -10.21
C CYS A 328 26.63 19.81 -10.54
N HIS A 329 26.83 18.75 -9.75
CA HIS A 329 27.81 17.73 -10.08
C HIS A 329 27.41 17.11 -11.41
N PRO A 330 28.28 17.15 -12.42
CA PRO A 330 27.88 16.60 -13.73
C PRO A 330 27.57 15.12 -13.62
N THR A 331 26.36 14.76 -14.07
CA THR A 331 25.90 13.39 -13.98
C THR A 331 25.16 13.03 -15.26
N ALA A 332 25.28 11.77 -15.66
CA ALA A 332 24.57 11.22 -16.80
C ALA A 332 23.56 10.23 -16.25
N TRP A 333 22.28 10.53 -16.41
CA TRP A 333 21.23 9.75 -15.79
C TRP A 333 20.68 8.76 -16.80
N ASP A 334 20.73 7.48 -16.43
CA ASP A 334 20.07 6.41 -17.15
C ASP A 334 18.88 6.00 -16.28
N LEU A 335 17.74 6.64 -16.51
CA LEU A 335 16.57 6.44 -15.68
C LEU A 335 15.87 5.12 -15.98
N GLY A 336 16.18 4.49 -17.12
CA GLY A 336 15.43 3.35 -17.57
C GLY A 336 14.26 3.75 -18.44
N LYS A 337 13.63 2.74 -19.04
CA LYS A 337 12.54 2.93 -20.00
C LYS A 337 12.95 3.87 -21.12
N GLY A 338 14.22 3.78 -21.54
CA GLY A 338 14.68 4.62 -22.61
C GLY A 338 14.80 6.08 -22.28
N ASP A 339 14.75 6.45 -21.00
CA ASP A 339 14.85 7.85 -20.60
C ASP A 339 16.29 8.14 -20.26
N PHE A 340 16.90 9.04 -21.03
CA PHE A 340 18.28 9.41 -20.83
C PHE A 340 18.36 10.91 -20.71
N ARG A 341 19.05 11.39 -19.68
CA ARG A 341 19.18 12.81 -19.43
C ARG A 341 20.61 13.09 -18.99
N ILE A 342 20.95 14.37 -19.01
CA ILE A 342 22.21 14.85 -18.45
C ILE A 342 21.89 16.02 -17.53
N LEU A 343 22.43 15.97 -16.32
CA LEU A 343 22.27 17.02 -15.34
C LEU A 343 23.61 17.71 -15.21
N MET A 344 23.67 18.97 -15.64
CA MET A 344 24.92 19.70 -15.67
C MET A 344 24.63 21.19 -15.72
N CYS A 345 25.28 21.95 -14.83
CA CYS A 345 25.14 23.40 -14.82
C CYS A 345 26.23 23.97 -15.71
N THR A 346 26.05 23.76 -17.03
CA THR A 346 27.15 24.03 -17.94
C THR A 346 27.49 25.52 -18.03
N LYS A 347 28.77 25.82 -17.87
CA LYS A 347 29.37 27.10 -18.20
C LYS A 347 30.15 26.98 -19.52
N VAL A 348 30.50 28.12 -20.09
CA VAL A 348 31.21 28.17 -21.39
C VAL A 348 32.70 28.13 -21.06
N THR A 349 33.19 26.91 -20.80
CA THR A 349 34.61 26.75 -20.47
C THR A 349 35.12 25.47 -21.14
N MET A 350 36.44 25.42 -21.32
CA MET A 350 37.09 24.26 -21.92
C MET A 350 36.94 23.00 -21.07
N ASP A 351 37.02 23.13 -19.74
CA ASP A 351 36.86 21.96 -18.88
C ASP A 351 35.49 21.33 -19.05
N ASP A 352 34.45 22.15 -19.14
CA ASP A 352 33.10 21.65 -19.33
C ASP A 352 32.85 21.06 -20.72
N PHE A 353 33.53 21.58 -21.75
CA PHE A 353 33.44 20.95 -23.07
C PHE A 353 33.86 19.48 -23.06
N LEU A 354 35.05 19.18 -22.53
CA LEU A 354 35.49 17.78 -22.52
C LEU A 354 34.60 16.92 -21.63
N THR A 355 34.19 17.43 -20.48
CA THR A 355 33.35 16.65 -19.59
C THR A 355 31.94 16.47 -20.15
N ALA A 356 31.48 17.40 -20.99
CA ALA A 356 30.21 17.18 -21.68
C ALA A 356 30.34 16.00 -22.64
N HIS A 357 31.45 15.93 -23.37
CA HIS A 357 31.74 14.76 -24.19
C HIS A 357 31.78 13.50 -23.31
N HIS A 358 32.41 13.60 -22.15
CA HIS A 358 32.52 12.46 -21.24
C HIS A 358 31.14 11.97 -20.81
N GLU A 359 30.29 12.88 -20.35
CA GLU A 359 28.96 12.48 -19.87
C GLU A 359 28.09 11.97 -21.01
N MET A 360 28.19 12.58 -22.19
CA MET A 360 27.44 12.07 -23.33
C MET A 360 27.96 10.72 -23.80
N GLY A 361 29.25 10.45 -23.58
CA GLY A 361 29.75 9.09 -23.80
C GLY A 361 29.10 8.10 -22.86
N HIS A 362 28.96 8.45 -21.59
CA HIS A 362 28.17 7.68 -20.65
C HIS A 362 26.78 7.37 -21.21
N ILE A 363 26.10 8.41 -21.71
CA ILE A 363 24.73 8.23 -22.21
C ILE A 363 24.71 7.27 -23.39
N GLN A 364 25.72 7.32 -24.26
CA GLN A 364 25.74 6.39 -25.37
C GLN A 364 25.92 4.97 -24.86
N TYR A 365 26.82 4.78 -23.89
CA TYR A 365 26.92 3.50 -23.22
C TYR A 365 25.56 3.14 -22.67
N ASP A 366 24.94 4.09 -21.97
CA ASP A 366 23.62 3.87 -21.38
C ASP A 366 22.61 3.59 -22.48
N MET A 367 22.69 4.32 -23.60
CA MET A 367 21.78 4.03 -24.70
C MET A 367 22.03 2.63 -25.21
N ALA A 368 23.28 2.18 -25.20
CA ALA A 368 23.59 0.87 -25.75
C ALA A 368 23.03 -0.18 -24.78
N TYR A 369 23.13 -1.45 -25.17
CA TYR A 369 22.69 -2.62 -24.39
C TYR A 369 21.29 -2.43 -23.76
N ALA A 370 20.43 -1.61 -24.40
CA ALA A 370 19.12 -1.36 -23.80
C ALA A 370 18.20 -2.56 -23.93
N ALA A 371 18.40 -3.38 -24.96
CA ALA A 371 17.56 -4.55 -25.17
C ALA A 371 17.93 -5.69 -24.24
N GLN A 372 19.04 -5.55 -23.52
CA GLN A 372 19.42 -6.56 -22.55
C GLN A 372 18.46 -6.53 -21.38
N PRO A 373 18.31 -7.65 -20.69
CA PRO A 373 17.53 -7.66 -19.44
C PRO A 373 18.08 -6.70 -18.40
N PHE A 374 17.20 -6.37 -17.45
CA PHE A 374 17.43 -5.30 -16.49
C PHE A 374 18.78 -5.44 -15.78
N LEU A 375 18.98 -6.57 -15.10
CA LEU A 375 20.17 -6.78 -14.28
C LEU A 375 21.44 -6.81 -15.09
N LEU A 376 21.34 -6.74 -16.41
CA LEU A 376 22.50 -6.70 -17.28
C LEU A 376 22.71 -5.30 -17.83
N ARG A 377 21.92 -4.33 -17.39
CA ARG A 377 22.08 -2.94 -17.83
C ARG A 377 23.07 -2.30 -16.87
N ASN A 378 24.35 -2.51 -17.18
CA ASN A 378 25.44 -2.03 -16.35
C ASN A 378 26.74 -2.24 -17.12
N GLY A 379 27.77 -1.51 -16.69
CA GLY A 379 29.08 -1.66 -17.31
C GLY A 379 29.67 -3.04 -17.11
N ALA A 380 30.59 -3.40 -18.02
CA ALA A 380 31.23 -4.71 -17.95
C ALA A 380 31.83 -4.94 -16.57
N ASN A 381 32.54 -3.96 -16.06
CA ASN A 381 32.90 -3.89 -14.64
C ASN A 381 32.75 -2.43 -14.22
N GLU A 382 33.25 -2.10 -13.04
CA GLU A 382 33.01 -0.76 -12.50
C GLU A 382 33.79 0.31 -13.26
N GLY A 383 34.75 -0.06 -14.09
CA GLY A 383 35.55 0.93 -14.79
C GLY A 383 35.17 1.32 -16.21
N PHE A 384 34.25 0.59 -16.83
CA PHE A 384 34.06 0.75 -18.27
C PHE A 384 33.40 2.07 -18.65
N HIS A 385 32.38 2.51 -17.91
CA HIS A 385 31.68 3.75 -18.25
C HIS A 385 32.59 4.98 -18.25
N GLU A 386 33.35 5.18 -17.17
CA GLU A 386 34.24 6.34 -17.10
C GLU A 386 35.38 6.26 -18.10
N ALA A 387 35.89 5.06 -18.36
CA ALA A 387 36.94 4.90 -19.37
C ALA A 387 36.43 5.34 -20.74
N VAL A 388 35.18 4.99 -21.06
CA VAL A 388 34.59 5.38 -22.34
C VAL A 388 34.43 6.90 -22.39
N GLY A 389 33.87 7.48 -21.34
CA GLY A 389 33.78 8.93 -21.28
C GLY A 389 35.13 9.61 -21.46
N GLU A 390 36.18 9.03 -20.89
CA GLU A 390 37.51 9.64 -20.95
C GLU A 390 38.16 9.57 -22.33
N ILE A 391 37.93 8.49 -23.10
CA ILE A 391 38.47 8.44 -24.47
C ILE A 391 37.78 9.46 -25.38
N MET A 392 36.49 9.71 -25.15
CA MET A 392 35.81 10.80 -25.86
C MET A 392 36.52 12.13 -25.63
N SER A 393 36.83 12.45 -24.38
CA SER A 393 37.42 13.75 -24.06
C SER A 393 38.84 13.90 -24.62
N LEU A 394 39.63 12.83 -24.65
CA LEU A 394 40.95 12.92 -25.29
C LEU A 394 40.83 13.27 -26.77
N SER A 395 39.98 12.55 -27.50
CA SER A 395 39.79 12.86 -28.92
C SER A 395 39.34 14.30 -29.11
N ALA A 396 38.44 14.77 -28.24
CA ALA A 396 37.98 16.15 -28.33
C ALA A 396 39.06 17.14 -27.93
N ALA A 397 40.00 16.73 -27.09
CA ALA A 397 41.04 17.62 -26.61
C ALA A 397 42.20 17.74 -27.58
N THR A 398 42.31 16.83 -28.54
CA THR A 398 43.39 16.90 -29.51
C THR A 398 43.32 18.20 -30.29
N PRO A 399 44.45 18.82 -30.60
CA PRO A 399 44.42 20.09 -31.35
C PRO A 399 43.83 19.95 -32.76
N LYS A 400 44.00 18.79 -33.40
CA LYS A 400 43.40 18.57 -34.71
C LYS A 400 41.88 18.69 -34.66
N HIS A 401 41.25 18.03 -33.69
CA HIS A 401 39.80 18.17 -33.53
C HIS A 401 39.42 19.61 -33.20
N LEU A 402 40.15 20.24 -32.29
CA LEU A 402 39.85 21.62 -31.90
C LEU A 402 39.95 22.56 -33.11
N LYS A 403 40.91 22.32 -34.00
CA LYS A 403 41.01 23.12 -35.22
C LYS A 403 39.85 22.87 -36.18
N SER A 404 39.53 21.59 -36.41
CA SER A 404 38.46 21.23 -37.34
C SER A 404 37.10 21.76 -36.93
N ILE A 405 36.86 21.93 -35.64
CA ILE A 405 35.58 22.48 -35.17
C ILE A 405 35.50 24.00 -35.32
N GLY A 406 36.64 24.69 -35.49
CA GLY A 406 36.62 26.11 -35.74
C GLY A 406 36.79 27.05 -34.55
N LEU A 407 37.19 26.56 -33.40
CA LEU A 407 37.47 27.45 -32.28
C LEU A 407 38.92 27.88 -32.25
N LEU A 408 39.76 27.17 -33.01
CA LEU A 408 41.23 27.45 -33.00
C LEU A 408 41.63 28.17 -34.28
N SER A 409 42.77 28.88 -34.25
CA SER A 409 43.27 29.59 -35.45
C SER A 409 43.63 28.60 -36.55
N PRO A 410 43.47 28.87 -37.88
CA PRO A 410 43.89 27.88 -38.89
C PRO A 410 45.40 27.64 -38.95
N ASP A 411 46.21 28.40 -38.19
CA ASP A 411 47.69 28.27 -38.28
C ASP A 411 48.17 26.88 -37.83
N PHE A 412 47.59 26.34 -36.76
CA PHE A 412 47.96 24.97 -36.26
C PHE A 412 49.47 24.86 -36.03
N GLN A 413 50.09 25.86 -35.39
CA GLN A 413 51.53 25.72 -35.07
C GLN A 413 51.69 24.55 -34.08
N GLU A 414 52.60 23.61 -34.39
CA GLU A 414 52.80 22.43 -33.52
C GLU A 414 54.31 22.18 -33.31
N ASP A 415 54.96 23.01 -32.50
CA ASP A 415 56.40 22.80 -32.20
C ASP A 415 56.54 21.55 -31.33
N ASN A 416 57.68 20.84 -31.41
CA ASN A 416 57.92 19.67 -30.52
C ASN A 416 57.71 20.12 -29.08
N GLU A 417 57.74 21.43 -28.83
CA GLU A 417 57.55 21.97 -27.49
C GLU A 417 56.08 22.15 -27.15
N THR A 418 55.25 22.55 -28.11
CA THR A 418 53.81 22.57 -27.86
C THR A 418 53.28 21.16 -27.57
N GLU A 419 53.84 20.15 -28.23
CA GLU A 419 53.44 18.76 -27.99
C GLU A 419 53.83 18.29 -26.59
N ILE A 420 55.04 18.65 -26.15
CA ILE A 420 55.52 18.27 -24.82
C ILE A 420 54.73 18.99 -23.73
N ASN A 421 54.34 20.24 -23.97
CA ASN A 421 53.48 20.96 -23.04
C ASN A 421 52.17 20.21 -22.78
N PHE A 422 51.48 19.81 -23.86
CA PHE A 422 50.20 19.10 -23.70
C PHE A 422 50.38 17.78 -22.96
N LEU A 423 51.43 17.03 -23.30
CA LEU A 423 51.67 15.73 -22.66
C LEU A 423 52.04 15.88 -21.20
N LEU A 424 52.78 16.95 -20.85
CA LEU A 424 53.13 17.19 -19.46
C LEU A 424 51.88 17.51 -18.63
N LYS A 425 50.97 18.32 -19.18
CA LYS A 425 49.72 18.63 -18.49
C LYS A 425 48.87 17.38 -18.32
N GLN A 426 48.88 16.50 -19.30
CA GLN A 426 48.17 15.22 -19.17
C GLN A 426 48.74 14.39 -18.02
N ALA A 427 50.06 14.37 -17.85
CA ALA A 427 50.66 13.49 -16.84
C ALA A 427 50.33 13.96 -15.43
N LEU A 428 50.38 15.28 -15.19
CA LEU A 428 50.04 15.81 -13.87
C LEU A 428 48.71 15.25 -13.38
N THR A 429 47.77 15.05 -14.30
CA THR A 429 46.45 14.50 -14.05
C THR A 429 46.44 12.97 -14.06
N ILE A 430 47.00 12.35 -15.11
CA ILE A 430 46.76 10.94 -15.35
C ILE A 430 47.67 10.07 -14.49
N VAL A 431 48.97 10.36 -14.47
CA VAL A 431 49.88 9.57 -13.66
C VAL A 431 49.96 10.08 -12.21
N GLY A 432 49.65 11.35 -11.97
CA GLY A 432 49.65 11.83 -10.60
C GLY A 432 48.61 11.15 -9.72
N THR A 433 47.54 10.64 -10.32
CA THR A 433 46.47 10.04 -9.56
C THR A 433 46.65 8.55 -9.32
N LEU A 434 47.58 7.90 -10.03
CA LEU A 434 47.68 6.44 -9.94
C LEU A 434 48.26 5.98 -8.61
N PRO A 435 49.39 6.52 -8.12
CA PRO A 435 49.86 6.09 -6.79
C PRO A 435 48.87 6.44 -5.70
N PHE A 436 48.23 7.59 -5.82
CA PHE A 436 47.19 7.96 -4.88
C PHE A 436 46.10 6.89 -4.89
N THR A 437 45.61 6.55 -6.08
CA THR A 437 44.55 5.56 -6.22
C THR A 437 45.02 4.21 -5.70
N TYR A 438 46.20 3.76 -6.13
CA TYR A 438 46.68 2.44 -5.72
C TYR A 438 46.90 2.38 -4.21
N MET A 439 47.47 3.42 -3.62
CA MET A 439 47.72 3.43 -2.18
C MET A 439 46.45 3.47 -1.35
N LEU A 440 45.49 4.30 -1.73
CA LEU A 440 44.25 4.37 -0.97
C LEU A 440 43.57 3.00 -0.90
N GLU A 441 43.44 2.34 -2.05
CA GLU A 441 42.78 1.04 -2.03
C GLU A 441 43.64 -0.01 -1.33
N LYS A 442 44.97 0.10 -1.45
CA LYS A 442 45.85 -0.83 -0.73
C LYS A 442 45.73 -0.67 0.78
N TRP A 443 45.72 0.58 1.27
CA TRP A 443 45.53 0.81 2.69
C TRP A 443 44.17 0.33 3.16
N ARG A 444 43.13 0.63 2.38
CA ARG A 444 41.77 0.24 2.72
C ARG A 444 41.64 -1.28 2.74
N TRP A 445 42.18 -1.95 1.71
CA TRP A 445 42.18 -3.40 1.66
C TRP A 445 42.86 -3.99 2.90
N MET A 446 44.03 -3.45 3.25
CA MET A 446 44.78 -3.96 4.40
C MET A 446 44.04 -3.70 5.70
N VAL A 447 43.38 -2.54 5.80
CA VAL A 447 42.60 -2.22 7.00
C VAL A 447 41.45 -3.22 7.13
N PHE A 448 40.76 -3.49 6.02
CA PHE A 448 39.67 -4.46 6.04
C PHE A 448 40.18 -5.86 6.42
N LYS A 449 41.37 -6.23 5.95
CA LYS A 449 41.93 -7.53 6.27
C LYS A 449 42.39 -7.65 7.73
N GLY A 450 42.44 -6.53 8.47
CA GLY A 450 42.92 -6.58 9.83
C GLY A 450 44.41 -6.70 10.00
N GLU A 451 45.19 -6.23 9.02
CA GLU A 451 46.65 -6.26 9.08
C GLU A 451 47.23 -4.99 9.66
N ILE A 452 46.44 -3.92 9.75
CA ILE A 452 46.88 -2.65 10.31
C ILE A 452 46.12 -2.47 11.63
N PRO A 453 46.78 -2.65 12.76
CA PRO A 453 46.15 -2.46 14.07
C PRO A 453 45.60 -1.05 14.28
N LYS A 454 44.68 -0.95 15.24
CA LYS A 454 44.01 0.32 15.52
C LYS A 454 45.00 1.37 15.99
N ASP A 455 46.03 0.96 16.72
CA ASP A 455 47.04 1.85 17.29
C ASP A 455 48.07 2.29 16.27
N GLN A 456 47.94 1.88 15.01
CA GLN A 456 48.85 2.35 13.97
C GLN A 456 48.16 2.64 12.64
N TRP A 457 46.90 3.06 12.65
CA TRP A 457 46.26 3.48 11.40
C TRP A 457 47.05 4.57 10.72
N MET A 458 47.26 5.69 11.41
CA MET A 458 47.97 6.81 10.82
C MET A 458 49.46 6.53 10.61
N LYS A 459 50.09 5.75 11.50
CA LYS A 459 51.48 5.36 11.31
C LYS A 459 51.70 4.65 9.98
N LYS A 460 50.95 3.58 9.72
CA LYS A 460 51.10 2.84 8.48
C LYS A 460 50.65 3.65 7.27
N TRP A 461 49.63 4.48 7.44
CA TRP A 461 49.15 5.34 6.35
C TRP A 461 50.27 6.23 5.82
N TRP A 462 50.97 6.92 6.72
CA TRP A 462 52.00 7.85 6.26
C TRP A 462 53.31 7.14 5.92
N GLU A 463 53.59 6.00 6.56
CA GLU A 463 54.68 5.15 6.09
C GLU A 463 54.45 4.74 4.64
N MET A 464 53.23 4.30 4.33
CA MET A 464 52.90 3.90 2.96
C MET A 464 52.85 5.10 2.03
N LYS A 465 52.32 6.23 2.51
CA LYS A 465 52.34 7.50 1.78
C LYS A 465 53.73 7.83 1.26
N ARG A 466 54.70 7.93 2.15
CA ARG A 466 56.09 8.22 1.77
C ARG A 466 56.57 7.27 0.67
N GLU A 467 56.57 5.96 0.96
CA GLU A 467 57.21 4.99 0.07
C GLU A 467 56.63 5.00 -1.34
N ILE A 468 55.30 4.99 -1.47
CA ILE A 468 54.71 4.79 -2.79
C ILE A 468 54.58 6.11 -3.54
N VAL A 469 53.88 7.11 -2.97
CA VAL A 469 53.60 8.33 -3.73
C VAL A 469 54.76 9.30 -3.66
N GLY A 470 55.67 9.14 -2.71
CA GLY A 470 56.71 10.15 -2.59
C GLY A 470 56.23 11.44 -2.00
N VAL A 471 55.30 11.38 -1.06
CA VAL A 471 54.69 12.56 -0.45
C VAL A 471 54.80 12.42 1.06
N VAL A 472 55.14 13.51 1.73
CA VAL A 472 55.41 13.52 3.16
C VAL A 472 54.54 14.59 3.81
N GLU A 473 54.04 14.29 5.00
CA GLU A 473 53.16 15.21 5.70
C GLU A 473 53.93 16.44 6.21
N PRO A 474 53.33 17.64 6.14
CA PRO A 474 53.99 18.85 6.66
C PRO A 474 53.97 18.97 8.18
N VAL A 475 52.98 18.37 8.83
CA VAL A 475 52.92 18.34 10.30
C VAL A 475 52.55 16.92 10.76
N PRO A 476 53.07 16.56 11.95
CA PRO A 476 52.85 15.19 12.44
C PRO A 476 51.42 14.94 12.89
N HIS A 477 50.96 13.70 12.69
CA HIS A 477 49.59 13.35 13.02
C HIS A 477 49.64 12.10 13.89
N ASP A 478 49.02 12.15 15.06
CA ASP A 478 48.92 10.97 15.89
C ASP A 478 47.65 10.22 15.53
N GLU A 479 47.27 9.24 16.36
CA GLU A 479 46.08 8.46 16.03
C GLU A 479 44.79 9.19 16.36
N THR A 480 44.87 10.42 16.89
CA THR A 480 43.66 11.20 17.07
C THR A 480 43.13 11.67 15.72
N TYR A 481 44.02 11.98 14.78
CA TYR A 481 43.61 12.43 13.46
C TYR A 481 43.06 11.24 12.67
N CYS A 482 42.40 11.54 11.55
CA CYS A 482 41.95 10.49 10.65
C CYS A 482 42.00 10.93 9.19
N ASP A 483 43.20 11.26 8.71
CA ASP A 483 43.33 11.84 7.38
C ASP A 483 42.76 10.96 6.27
N PRO A 484 42.85 9.61 6.30
CA PRO A 484 42.17 8.83 5.25
C PRO A 484 40.68 9.11 5.09
N ALA A 485 39.95 9.31 6.19
CA ALA A 485 38.52 9.61 6.10
C ALA A 485 38.23 11.01 5.59
N SER A 486 39.25 11.85 5.40
CA SER A 486 39.11 13.17 4.82
C SER A 486 38.91 13.19 3.31
N LEU A 487 38.77 12.04 2.63
CA LEU A 487 38.44 12.04 1.21
C LEU A 487 37.00 11.64 1.00
N PHE A 488 36.38 12.23 -0.03
CA PHE A 488 34.95 12.04 -0.28
C PHE A 488 34.62 10.56 -0.48
N HIS A 489 35.37 9.90 -1.37
CA HIS A 489 35.07 8.52 -1.71
C HIS A 489 35.21 7.60 -0.50
N VAL A 490 36.12 7.91 0.41
CA VAL A 490 36.34 7.08 1.59
C VAL A 490 35.24 7.30 2.61
N SER A 491 34.86 8.54 2.87
CA SER A 491 33.83 8.84 3.86
C SER A 491 32.41 8.63 3.33
N ASN A 492 32.25 8.30 2.05
CA ASN A 492 30.94 8.07 1.45
C ASN A 492 30.80 6.66 0.89
N ASP A 493 31.67 5.74 1.32
CA ASP A 493 31.51 4.30 1.05
C ASP A 493 31.53 4.00 -0.44
N TYR A 494 32.47 4.61 -1.15
CA TYR A 494 32.69 4.32 -2.56
C TYR A 494 34.06 3.67 -2.73
N SER A 495 34.10 2.57 -3.49
CA SER A 495 35.39 1.98 -3.84
C SER A 495 36.17 2.95 -4.72
N PHE A 496 37.48 2.76 -4.76
CA PHE A 496 38.36 3.70 -5.41
C PHE A 496 39.20 3.10 -6.52
N ILE A 497 39.43 1.80 -6.51
CA ILE A 497 40.25 1.16 -7.53
C ILE A 497 39.66 1.27 -8.92
N ARG A 498 38.39 1.63 -9.08
CA ARG A 498 37.90 1.84 -10.44
C ARG A 498 38.77 2.84 -11.19
N TYR A 499 39.32 3.83 -10.48
CA TYR A 499 40.06 4.90 -11.16
C TYR A 499 41.42 4.42 -11.65
N TYR A 500 42.09 3.57 -10.89
CA TYR A 500 43.30 2.94 -11.40
C TYR A 500 42.98 2.13 -12.66
N THR A 501 41.98 1.26 -12.55
CA THR A 501 41.60 0.37 -13.65
C THR A 501 41.10 1.14 -14.87
N ARG A 502 40.33 2.21 -14.65
CA ARG A 502 39.81 3.01 -15.77
C ARG A 502 40.90 3.75 -16.53
N THR A 503 41.96 4.19 -15.86
CA THR A 503 43.04 4.87 -16.55
C THR A 503 43.74 3.96 -17.54
N LEU A 504 43.99 2.70 -17.16
CA LEU A 504 44.60 1.75 -18.09
C LEU A 504 43.65 1.34 -19.21
N TYR A 505 42.39 1.05 -18.87
CA TYR A 505 41.41 0.66 -19.89
C TYR A 505 41.28 1.71 -20.98
N GLN A 506 41.28 2.99 -20.59
CA GLN A 506 40.99 4.05 -21.55
C GLN A 506 42.10 4.16 -22.60
N PHE A 507 43.35 3.95 -22.20
CA PHE A 507 44.41 4.01 -23.19
C PHE A 507 44.49 2.75 -24.04
N GLN A 508 44.13 1.59 -23.47
CA GLN A 508 43.94 0.41 -24.29
C GLN A 508 42.90 0.67 -25.38
N PHE A 509 41.74 1.21 -25.00
CA PHE A 509 40.70 1.51 -25.97
C PHE A 509 41.17 2.54 -27.00
N GLN A 510 41.86 3.59 -26.53
CA GLN A 510 42.32 4.64 -27.43
C GLN A 510 43.31 4.10 -28.46
N GLU A 511 44.27 3.29 -28.01
CA GLU A 511 45.21 2.66 -28.95
C GLU A 511 44.47 1.80 -29.96
N ALA A 512 43.54 0.97 -29.48
CA ALA A 512 42.82 0.05 -30.36
C ALA A 512 42.01 0.82 -31.39
N LEU A 513 41.27 1.85 -30.97
CA LEU A 513 40.41 2.56 -31.90
C LEU A 513 41.22 3.42 -32.85
N CYS A 514 42.40 3.89 -32.43
CA CYS A 514 43.25 4.64 -33.34
C CYS A 514 43.98 3.73 -34.32
N GLN A 515 44.35 2.53 -33.88
CA GLN A 515 44.83 1.52 -34.83
C GLN A 515 43.73 1.16 -35.83
N ALA A 516 42.48 1.06 -35.35
CA ALA A 516 41.36 0.81 -36.25
C ALA A 516 41.18 1.97 -37.23
N ALA A 517 41.41 3.20 -36.77
CA ALA A 517 41.32 4.37 -37.63
C ALA A 517 42.57 4.59 -38.46
N LYS A 518 43.49 3.61 -38.48
CA LYS A 518 44.70 3.67 -39.31
C LYS A 518 45.58 4.87 -38.97
N HIS A 519 45.49 5.35 -37.73
CA HIS A 519 46.32 6.48 -37.32
C HIS A 519 47.79 6.09 -37.33
N GLU A 520 48.65 7.06 -37.63
CA GLU A 520 50.07 6.83 -37.88
C GLU A 520 50.99 7.60 -36.97
N GLY A 521 50.64 8.84 -36.60
CA GLY A 521 51.51 9.68 -35.81
C GLY A 521 51.57 9.23 -34.36
N PRO A 522 52.04 10.10 -33.47
CA PRO A 522 52.00 9.76 -32.04
C PRO A 522 50.58 9.57 -31.57
N LEU A 523 50.40 8.63 -30.64
CA LEU A 523 49.06 8.23 -30.24
C LEU A 523 48.27 9.41 -29.68
N HIS A 524 48.94 10.28 -28.92
CA HIS A 524 48.27 11.43 -28.30
C HIS A 524 47.77 12.45 -29.32
N LYS A 525 48.17 12.37 -30.59
CA LYS A 525 47.67 13.26 -31.62
C LYS A 525 46.49 12.64 -32.40
N CYS A 526 45.92 11.55 -31.89
CA CYS A 526 44.89 10.80 -32.61
C CYS A 526 43.50 11.36 -32.30
N ASP A 527 42.72 11.58 -33.35
CA ASP A 527 41.32 11.97 -33.24
C ASP A 527 40.48 10.96 -34.03
N ILE A 528 39.66 10.20 -33.31
CA ILE A 528 38.90 9.09 -33.89
C ILE A 528 37.64 9.59 -34.60
N SER A 529 37.50 10.91 -34.70
CA SER A 529 36.37 11.51 -35.40
C SER A 529 36.29 10.99 -36.84
N ASN A 530 35.05 10.88 -37.35
CA ASN A 530 34.77 10.47 -38.72
C ASN A 530 35.20 9.04 -39.01
N SER A 531 35.31 8.20 -37.98
CA SER A 531 35.76 6.81 -38.14
C SER A 531 34.63 5.87 -37.75
N THR A 532 33.83 5.46 -38.75
CA THR A 532 32.78 4.49 -38.51
C THR A 532 33.32 3.12 -38.10
N GLU A 533 34.54 2.78 -38.53
CA GLU A 533 35.15 1.51 -38.12
C GLU A 533 35.42 1.49 -36.62
N ALA A 534 36.05 2.55 -36.09
CA ALA A 534 36.29 2.63 -34.66
C ALA A 534 34.97 2.68 -33.89
N GLY A 535 34.00 3.42 -34.42
CA GLY A 535 32.68 3.46 -33.81
C GLY A 535 32.03 2.09 -33.68
N GLN A 536 32.09 1.30 -34.75
CA GLN A 536 31.50 -0.04 -34.71
C GLN A 536 32.23 -0.93 -33.71
N LYS A 537 33.57 -0.87 -33.67
CA LYS A 537 34.30 -1.71 -32.73
C LYS A 537 33.96 -1.36 -31.28
N LEU A 538 33.71 -0.08 -31.01
CA LEU A 538 33.33 0.27 -29.65
C LEU A 538 31.88 -0.13 -29.38
N PHE A 539 30.99 0.03 -30.36
CA PHE A 539 29.59 -0.35 -30.14
C PHE A 539 29.50 -1.86 -29.95
N ASN A 540 30.34 -2.61 -30.67
CA ASN A 540 30.41 -4.05 -30.53
C ASN A 540 30.71 -4.48 -29.11
N MET A 541 31.43 -3.65 -28.35
CA MET A 541 31.71 -3.88 -26.94
C MET A 541 30.62 -3.29 -26.04
N LEU A 542 30.08 -2.12 -26.40
CA LEU A 542 29.08 -1.45 -25.58
C LEU A 542 27.82 -2.30 -25.41
N ARG A 543 27.41 -2.99 -26.48
CA ARG A 543 26.15 -3.72 -26.46
C ARG A 543 26.13 -4.90 -25.47
N LEU A 544 27.29 -5.37 -24.99
CA LEU A 544 27.22 -6.54 -24.12
C LEU A 544 26.67 -6.19 -22.75
N GLY A 545 26.88 -4.98 -22.27
CA GLY A 545 26.52 -4.71 -20.89
C GLY A 545 27.30 -5.64 -19.96
N LYS A 546 26.59 -6.20 -19.00
CA LYS A 546 27.17 -7.18 -18.08
C LYS A 546 26.76 -8.61 -18.44
N SER A 547 26.45 -8.85 -19.72
CA SER A 547 26.07 -10.20 -20.13
C SER A 547 27.28 -11.12 -20.25
N GLU A 548 28.38 -10.63 -20.82
CA GLU A 548 29.61 -11.38 -20.95
C GLU A 548 30.62 -10.94 -19.91
N PRO A 549 31.58 -11.80 -19.56
CA PRO A 549 32.61 -11.39 -18.61
C PRO A 549 33.37 -10.19 -19.16
N TRP A 550 33.87 -9.35 -18.25
CA TRP A 550 34.58 -8.16 -18.71
C TRP A 550 35.86 -8.54 -19.44
N THR A 551 36.46 -9.68 -19.07
CA THR A 551 37.65 -10.17 -19.78
C THR A 551 37.32 -10.53 -21.23
N LEU A 552 36.21 -11.24 -21.45
CA LEU A 552 35.81 -11.58 -22.81
C LEU A 552 35.45 -10.33 -23.61
N ALA A 553 34.76 -9.38 -22.98
CA ALA A 553 34.40 -8.13 -23.65
C ALA A 553 35.63 -7.31 -24.04
N LEU A 554 36.62 -7.27 -23.14
CA LEU A 554 37.85 -6.55 -23.45
C LEU A 554 38.63 -7.24 -24.57
N GLU A 555 38.61 -8.57 -24.59
CA GLU A 555 39.30 -9.28 -25.67
C GLU A 555 38.63 -9.01 -27.00
N ASN A 556 37.30 -8.90 -27.01
CA ASN A 556 36.57 -8.66 -28.25
C ASN A 556 37.04 -7.41 -28.96
N VAL A 557 37.53 -6.40 -28.23
CA VAL A 557 37.91 -5.14 -28.83
C VAL A 557 39.43 -4.98 -28.93
N VAL A 558 40.19 -5.36 -27.91
CA VAL A 558 41.62 -5.10 -27.88
C VAL A 558 42.46 -6.35 -28.11
N GLY A 559 41.88 -7.54 -28.04
CA GLY A 559 42.63 -8.76 -28.26
C GLY A 559 43.37 -9.29 -27.04
N ALA A 560 43.06 -8.80 -25.85
CA ALA A 560 43.74 -9.23 -24.63
C ALA A 560 42.72 -9.48 -23.53
N LYS A 561 42.95 -10.52 -22.75
CA LYS A 561 42.06 -10.91 -21.65
C LYS A 561 42.30 -10.11 -20.38
N ASN A 562 43.24 -9.16 -20.36
CA ASN A 562 43.63 -8.48 -19.14
C ASN A 562 44.07 -7.06 -19.44
N MET A 563 44.17 -6.27 -18.38
CA MET A 563 44.59 -4.88 -18.47
C MET A 563 46.06 -4.78 -18.85
N ASN A 564 46.39 -3.73 -19.59
CA ASN A 564 47.72 -3.54 -20.16
C ASN A 564 48.20 -2.11 -19.98
N VAL A 565 49.50 -1.97 -19.74
CA VAL A 565 50.12 -0.68 -19.45
C VAL A 565 50.81 -0.08 -20.68
N ARG A 566 51.10 -0.88 -21.71
CA ARG A 566 51.78 -0.34 -22.88
C ARG A 566 51.00 0.78 -23.58
N PRO A 567 49.67 0.77 -23.63
CA PRO A 567 48.96 1.97 -24.16
C PRO A 567 49.33 3.25 -23.43
N LEU A 568 49.31 3.23 -22.10
CA LEU A 568 49.67 4.42 -21.34
C LEU A 568 51.13 4.80 -21.58
N LEU A 569 52.02 3.81 -21.53
CA LEU A 569 53.44 4.09 -21.70
C LEU A 569 53.77 4.58 -23.11
N ASN A 570 53.10 4.05 -24.14
CA ASN A 570 53.32 4.55 -25.49
C ASN A 570 52.75 5.95 -25.71
N TYR A 571 51.61 6.25 -25.07
CA TYR A 571 51.06 7.60 -25.11
C TYR A 571 52.03 8.62 -24.53
N PHE A 572 52.73 8.25 -23.46
CA PHE A 572 53.60 9.18 -22.75
C PHE A 572 55.07 8.99 -23.06
N GLU A 573 55.42 8.09 -23.99
CA GLU A 573 56.83 7.86 -24.33
C GLU A 573 57.59 9.14 -24.66
N PRO A 574 57.08 10.07 -25.48
CA PRO A 574 57.88 11.28 -25.75
C PRO A 574 58.15 12.09 -24.50
N LEU A 575 57.13 12.30 -23.67
CA LEU A 575 57.35 12.97 -22.38
C LEU A 575 58.31 12.19 -21.50
N PHE A 576 58.29 10.86 -21.58
CA PHE A 576 59.20 10.06 -20.76
C PHE A 576 60.66 10.34 -21.10
N THR A 577 60.99 10.32 -22.39
CA THR A 577 62.37 10.60 -22.79
C THR A 577 62.75 12.04 -22.48
N TRP A 578 61.82 12.98 -22.67
CA TRP A 578 62.10 14.37 -22.35
C TRP A 578 62.37 14.54 -20.86
N LEU A 579 61.60 13.87 -20.01
CA LEU A 579 61.85 13.89 -18.57
C LEU A 579 63.19 13.26 -18.24
N LYS A 580 63.50 12.10 -18.85
CA LYS A 580 64.77 11.44 -18.60
C LYS A 580 65.94 12.36 -18.94
N ASP A 581 65.81 13.14 -20.02
CA ASP A 581 66.84 14.12 -20.33
C ASP A 581 66.81 15.28 -19.35
N GLN A 582 65.61 15.76 -19.01
CA GLN A 582 65.52 16.92 -18.14
C GLN A 582 66.00 16.65 -16.72
N ASN A 583 66.00 15.41 -16.26
CA ASN A 583 66.40 15.05 -14.90
C ASN A 583 67.81 14.49 -14.82
N LYS A 584 68.65 14.72 -15.83
CA LYS A 584 69.99 14.17 -15.81
C LYS A 584 70.76 14.70 -14.61
N ASN A 585 70.56 15.98 -14.28
CA ASN A 585 71.20 16.64 -13.16
C ASN A 585 70.25 16.83 -12.00
N SER A 586 69.22 15.98 -11.92
CA SER A 586 68.20 15.97 -10.88
C SER A 586 68.20 14.63 -10.17
N PHE A 587 67.72 14.62 -8.93
CA PHE A 587 67.61 13.39 -8.15
C PHE A 587 66.40 12.58 -8.57
N VAL A 588 66.62 11.29 -8.82
CA VAL A 588 65.60 10.31 -9.21
C VAL A 588 65.45 9.28 -8.10
N GLY A 589 64.22 9.05 -7.63
CA GLY A 589 64.08 8.33 -6.38
C GLY A 589 63.55 9.22 -5.27
N TRP A 590 63.53 8.68 -4.06
CA TRP A 590 63.02 9.49 -2.96
C TRP A 590 63.62 8.87 -1.72
N SER A 591 63.97 9.70 -0.75
CA SER A 591 64.33 9.17 0.56
C SER A 591 63.09 8.90 1.38
N THR A 592 63.06 7.75 2.06
CA THR A 592 61.86 7.50 2.84
C THR A 592 61.95 8.17 4.21
N ASP A 593 63.08 8.86 4.47
CA ASP A 593 63.44 9.37 5.78
C ASP A 593 63.34 10.87 5.92
N TRP A 594 63.41 11.62 4.81
CA TRP A 594 63.34 13.07 4.92
C TRP A 594 61.94 13.51 5.31
N SER A 595 61.90 14.53 6.17
CA SER A 595 60.68 15.12 6.68
C SER A 595 60.85 16.64 6.63
N PRO A 596 59.76 17.38 6.47
CA PRO A 596 59.86 18.85 6.52
C PRO A 596 60.16 19.35 7.92
N TYR A 597 59.42 18.78 8.87
CA TYR A 597 59.51 19.03 10.30
C TYR A 597 60.68 18.27 10.89
N ALA A 598 61.11 18.69 12.07
CA ALA A 598 62.23 18.04 12.75
C ALA A 598 61.97 18.01 14.25
N ASP A 599 62.15 16.84 14.85
CA ASP A 599 61.91 16.63 16.27
C ASP A 599 60.50 17.06 16.68
N ASN B 18 -23.44 5.27 -46.62
CA ASN B 18 -23.97 6.58 -46.29
C ASN B 18 -24.51 6.65 -44.87
N LEU B 19 -24.44 5.52 -44.16
CA LEU B 19 -24.86 5.42 -42.78
C LEU B 19 -23.70 5.33 -41.79
N CYS B 20 -22.49 5.04 -42.30
CA CYS B 20 -21.34 4.69 -41.47
C CYS B 20 -20.13 5.55 -41.78
N PRO B 21 -19.76 6.48 -40.89
CA PRO B 21 -18.40 7.06 -40.99
C PRO B 21 -17.32 6.01 -40.87
N PHE B 22 -17.64 4.89 -40.21
CA PHE B 22 -16.96 3.60 -40.20
C PHE B 22 -15.62 3.71 -39.49
N GLY B 23 -15.29 4.91 -39.03
CA GLY B 23 -14.15 5.22 -38.21
C GLY B 23 -14.49 5.73 -36.83
N GLU B 24 -15.73 5.60 -36.37
CA GLU B 24 -16.00 5.73 -34.95
C GLU B 24 -15.05 4.85 -34.14
N VAL B 25 -14.52 3.81 -34.76
CA VAL B 25 -13.38 3.10 -34.22
C VAL B 25 -12.14 3.98 -34.29
N PHE B 26 -11.78 4.45 -35.50
CA PHE B 26 -10.48 5.06 -35.72
C PHE B 26 -10.19 6.20 -34.74
N ASN B 27 -10.97 7.27 -34.76
CA ASN B 27 -10.78 8.36 -33.81
C ASN B 27 -11.93 8.24 -32.83
N ALA B 28 -11.61 8.25 -31.53
CA ALA B 28 -12.62 8.10 -30.51
C ALA B 28 -12.05 8.57 -29.18
N THR B 29 -12.75 8.26 -28.10
CA THR B 29 -12.30 8.65 -26.76
C THR B 29 -11.23 7.69 -26.23
N THR B 30 -11.53 6.39 -26.23
CA THR B 30 -10.64 5.38 -25.66
C THR B 30 -10.80 4.07 -26.41
N PHE B 31 -9.81 3.20 -26.26
CA PHE B 31 -9.82 1.84 -26.82
C PHE B 31 -9.76 0.79 -25.72
N ALA B 32 -9.63 -0.46 -26.16
CA ALA B 32 -9.60 -1.62 -25.28
C ALA B 32 -8.18 -2.17 -25.17
N SER B 33 -7.99 -3.02 -24.16
CA SER B 33 -6.70 -3.65 -23.93
C SER B 33 -6.38 -4.66 -25.02
N VAL B 34 -5.13 -5.10 -25.04
CA VAL B 34 -4.67 -6.01 -26.09
C VAL B 34 -5.24 -7.41 -25.89
N TYR B 35 -5.31 -7.88 -24.64
CA TYR B 35 -5.79 -9.24 -24.42
C TYR B 35 -7.30 -9.34 -24.60
N ALA B 36 -8.00 -8.21 -24.63
CA ALA B 36 -9.43 -8.19 -24.86
C ALA B 36 -9.74 -7.29 -26.04
N TRP B 37 -9.00 -7.47 -27.13
CA TRP B 37 -9.20 -6.66 -28.33
C TRP B 37 -10.62 -6.80 -28.85
N ASN B 38 -11.05 -5.78 -29.59
CA ASN B 38 -12.45 -5.59 -29.96
C ASN B 38 -12.65 -5.85 -31.45
N ARG B 39 -13.83 -6.36 -31.78
CA ARG B 39 -14.23 -6.57 -33.17
C ARG B 39 -15.47 -5.72 -33.47
N LYS B 40 -15.59 -5.30 -34.73
CA LYS B 40 -16.75 -4.53 -35.17
C LYS B 40 -17.02 -4.83 -36.63
N ARG B 41 -18.31 -4.97 -36.97
CA ARG B 41 -18.72 -5.11 -38.36
C ARG B 41 -18.91 -3.74 -39.00
N ILE B 42 -18.54 -3.65 -40.26
CA ILE B 42 -18.66 -2.42 -41.05
C ILE B 42 -19.43 -2.77 -42.31
N SER B 43 -20.43 -1.97 -42.64
CA SER B 43 -21.30 -2.28 -43.77
C SER B 43 -22.01 -1.01 -44.24
N ASN B 44 -22.31 -0.98 -45.54
CA ASN B 44 -23.04 0.12 -46.19
C ASN B 44 -22.22 1.41 -46.18
N CYS B 45 -20.94 1.30 -46.52
CA CYS B 45 -20.00 2.40 -46.33
C CYS B 45 -19.45 2.88 -47.68
N VAL B 46 -19.03 4.14 -47.69
CA VAL B 46 -18.26 4.69 -48.79
C VAL B 46 -16.81 4.87 -48.32
N ALA B 47 -15.98 3.86 -48.59
CA ALA B 47 -14.61 3.86 -48.10
C ALA B 47 -13.78 4.78 -48.97
N ASP B 48 -13.56 5.99 -48.49
CA ASP B 48 -12.60 6.91 -49.09
C ASP B 48 -11.42 6.98 -48.13
N TYR B 49 -10.24 6.60 -48.61
CA TYR B 49 -9.08 6.53 -47.74
C TYR B 49 -7.94 7.40 -48.24
N SER B 50 -8.25 8.34 -49.15
CA SER B 50 -7.28 9.32 -49.60
C SER B 50 -7.14 10.49 -48.63
N VAL B 51 -8.25 10.86 -47.98
CA VAL B 51 -8.19 11.87 -46.93
C VAL B 51 -7.45 11.35 -45.70
N LEU B 52 -7.44 10.04 -45.51
CA LEU B 52 -6.61 9.46 -44.45
C LEU B 52 -5.15 9.28 -44.84
N TYR B 53 -4.77 9.51 -46.10
CA TYR B 53 -3.36 9.52 -46.50
C TYR B 53 -2.64 10.80 -46.07
N ASN B 54 -3.34 11.92 -46.02
CA ASN B 54 -2.83 13.15 -45.41
C ASN B 54 -3.41 13.36 -44.01
N SER B 55 -3.76 12.28 -43.32
CA SER B 55 -4.17 12.33 -41.93
C SER B 55 -2.94 12.43 -41.04
N THR B 56 -3.12 12.25 -39.73
CA THR B 56 -1.97 12.09 -38.85
C THR B 56 -1.14 10.91 -39.35
N SER B 57 0.16 11.15 -39.51
CA SER B 57 1.02 10.17 -40.17
C SER B 57 0.95 8.81 -39.48
N PHE B 58 0.59 7.78 -40.26
CA PHE B 58 0.46 6.43 -39.74
C PHE B 58 1.85 5.85 -39.50
N SER B 59 2.11 5.41 -38.26
CA SER B 59 3.38 4.77 -37.95
C SER B 59 3.70 3.62 -38.90
N THR B 60 2.68 2.87 -39.31
CA THR B 60 2.87 1.78 -40.26
C THR B 60 1.56 1.51 -40.96
N PHE B 61 1.58 1.48 -42.29
CA PHE B 61 0.39 1.19 -43.10
C PHE B 61 0.83 0.37 -44.31
N LYS B 62 0.70 -0.95 -44.21
CA LYS B 62 1.09 -1.86 -45.27
C LYS B 62 -0.01 -2.91 -45.46
N CYS B 63 -0.32 -3.21 -46.72
CA CYS B 63 -1.36 -4.16 -47.04
C CYS B 63 -0.76 -5.46 -47.58
N TYR B 64 -1.48 -6.56 -47.39
CA TYR B 64 -0.99 -7.89 -47.69
C TYR B 64 -1.71 -8.57 -48.85
N GLY B 65 -3.04 -8.46 -48.91
CA GLY B 65 -3.80 -9.19 -49.92
C GLY B 65 -4.20 -8.38 -51.13
N VAL B 66 -4.28 -7.06 -50.99
CA VAL B 66 -4.74 -6.18 -52.05
C VAL B 66 -3.77 -5.02 -52.17
N SER B 67 -4.04 -4.15 -53.13
CA SER B 67 -3.16 -3.04 -53.45
C SER B 67 -3.63 -1.78 -52.77
N PRO B 68 -2.73 -1.01 -52.15
CA PRO B 68 -3.13 0.31 -51.62
C PRO B 68 -3.48 1.32 -52.70
N THR B 69 -3.04 1.12 -53.94
CA THR B 69 -3.40 1.99 -55.06
C THR B 69 -4.68 1.53 -55.78
N LYS B 70 -5.36 0.50 -55.26
CA LYS B 70 -6.60 -0.01 -55.82
C LYS B 70 -7.70 -0.18 -54.78
N LEU B 71 -7.54 0.36 -53.58
CA LEU B 71 -8.44 0.07 -52.46
C LEU B 71 -9.90 0.40 -52.79
N ASN B 72 -10.16 1.65 -53.18
CA ASN B 72 -11.55 2.09 -53.31
C ASN B 72 -12.24 1.43 -54.49
N ASP B 73 -11.49 1.13 -55.56
CA ASP B 73 -12.05 0.42 -56.70
C ASP B 73 -12.60 -0.94 -56.28
N LEU B 74 -11.88 -1.62 -55.40
CA LEU B 74 -12.32 -2.93 -54.92
C LEU B 74 -13.60 -2.79 -54.11
N CYS B 75 -14.56 -3.67 -54.38
CA CYS B 75 -15.83 -3.68 -53.67
C CYS B 75 -15.97 -5.05 -52.99
N PHE B 76 -15.45 -5.17 -51.77
CA PHE B 76 -15.52 -6.44 -51.05
C PHE B 76 -16.84 -6.57 -50.31
N THR B 77 -17.08 -7.78 -49.78
CA THR B 77 -18.36 -8.09 -49.15
C THR B 77 -18.33 -7.82 -47.65
N ASN B 78 -17.49 -8.55 -46.91
CA ASN B 78 -17.46 -8.47 -45.46
C ASN B 78 -16.15 -7.84 -44.98
N VAL B 79 -16.25 -6.98 -43.99
CA VAL B 79 -15.10 -6.30 -43.42
C VAL B 79 -15.23 -6.25 -41.90
N TYR B 80 -14.12 -6.44 -41.20
CA TYR B 80 -14.08 -6.44 -39.74
C TYR B 80 -12.91 -5.58 -39.27
N ALA B 81 -13.04 -5.01 -38.08
CA ALA B 81 -12.07 -4.06 -37.56
C ALA B 81 -11.64 -4.47 -36.15
N ASP B 82 -10.33 -4.60 -35.95
CA ASP B 82 -9.76 -4.96 -34.65
C ASP B 82 -8.95 -3.79 -34.11
N SER B 83 -9.35 -3.29 -32.93
CA SER B 83 -8.71 -2.13 -32.32
C SER B 83 -8.24 -2.46 -30.91
N PHE B 84 -7.02 -2.03 -30.59
CA PHE B 84 -6.40 -2.29 -29.30
C PHE B 84 -5.14 -1.44 -29.21
N VAL B 85 -4.53 -1.44 -28.02
CA VAL B 85 -3.39 -0.57 -27.72
C VAL B 85 -2.25 -1.41 -27.18
N ILE B 86 -1.03 -1.15 -27.68
CA ILE B 86 0.18 -1.87 -27.29
C ILE B 86 1.34 -0.89 -27.26
N THR B 87 2.49 -1.37 -26.81
CA THR B 87 3.68 -0.54 -26.67
C THR B 87 4.40 -0.38 -28.02
N GLY B 88 5.44 0.45 -28.00
CA GLY B 88 6.14 0.86 -29.20
C GLY B 88 7.08 -0.18 -29.80
N ASP B 89 7.90 -0.83 -28.97
CA ASP B 89 8.78 -1.87 -29.51
C ASP B 89 7.99 -3.12 -29.87
N GLU B 90 6.88 -3.39 -29.16
CA GLU B 90 6.05 -4.55 -29.42
C GLU B 90 5.16 -4.38 -30.66
N VAL B 91 5.12 -3.20 -31.27
CA VAL B 91 4.18 -2.96 -32.37
C VAL B 91 4.59 -3.72 -33.62
N ARG B 92 5.89 -3.88 -33.84
CA ARG B 92 6.40 -4.57 -35.02
C ARG B 92 6.13 -6.06 -35.01
N GLN B 93 5.47 -6.58 -33.97
CA GLN B 93 5.05 -7.98 -33.93
C GLN B 93 3.69 -8.22 -34.57
N ILE B 94 2.96 -7.15 -34.95
CA ILE B 94 1.62 -7.36 -35.47
C ILE B 94 1.73 -7.68 -36.95
N ALA B 95 1.96 -8.96 -37.25
CA ALA B 95 2.22 -9.45 -38.58
C ALA B 95 2.22 -10.96 -38.52
N PRO B 96 1.97 -11.64 -39.64
CA PRO B 96 2.13 -13.09 -39.65
C PRO B 96 3.58 -13.46 -39.41
N GLY B 97 3.79 -14.46 -38.55
CA GLY B 97 5.13 -14.81 -38.13
C GLY B 97 5.66 -13.84 -37.08
N GLN B 98 6.99 -13.87 -36.91
CA GLN B 98 7.67 -13.11 -35.85
C GLN B 98 6.92 -13.22 -34.52
N THR B 99 6.62 -14.46 -34.15
CA THR B 99 5.88 -14.73 -32.92
C THR B 99 6.67 -14.23 -31.72
N GLY B 100 5.98 -13.58 -30.80
CA GLY B 100 6.59 -13.03 -29.59
C GLY B 100 5.59 -12.95 -28.46
N LYS B 101 5.78 -11.97 -27.59
CA LYS B 101 4.88 -11.80 -26.45
C LYS B 101 3.48 -11.45 -26.93
N ILE B 102 3.37 -10.39 -27.75
CA ILE B 102 2.07 -10.01 -28.30
C ILE B 102 1.59 -11.03 -29.32
N ALA B 103 2.48 -11.52 -30.17
CA ALA B 103 2.08 -12.37 -31.30
C ALA B 103 1.70 -13.79 -30.89
N ASP B 104 1.92 -14.18 -29.64
CA ASP B 104 1.46 -15.48 -29.16
C ASP B 104 0.41 -15.37 -28.07
N TYR B 105 0.71 -14.67 -26.98
CA TYR B 105 -0.15 -14.69 -25.80
C TYR B 105 -1.35 -13.74 -25.90
N ASN B 106 -1.31 -12.77 -26.81
CA ASN B 106 -2.35 -11.75 -26.88
C ASN B 106 -3.11 -11.74 -28.20
N TYR B 107 -2.42 -11.63 -29.33
CA TYR B 107 -3.08 -11.40 -30.62
C TYR B 107 -2.16 -11.90 -31.74
N LYS B 108 -2.47 -13.05 -32.32
CA LYS B 108 -1.74 -13.59 -33.45
C LYS B 108 -2.51 -13.35 -34.74
N LEU B 109 -1.77 -13.24 -35.86
CA LEU B 109 -2.35 -13.08 -37.19
C LEU B 109 -2.18 -14.36 -38.01
N PRO B 110 -3.16 -14.71 -38.84
CA PRO B 110 -3.01 -15.91 -39.66
C PRO B 110 -1.88 -15.76 -40.66
N ASP B 111 -1.23 -16.88 -40.97
CA ASP B 111 -0.12 -16.85 -41.91
C ASP B 111 -0.59 -16.41 -43.29
N ASP B 112 -1.74 -16.92 -43.74
CA ASP B 112 -2.42 -16.37 -44.90
C ASP B 112 -3.31 -15.23 -44.44
N PHE B 113 -2.92 -14.00 -44.76
CA PHE B 113 -3.64 -12.83 -44.29
C PHE B 113 -4.03 -11.98 -45.48
N THR B 114 -5.30 -11.60 -45.55
CA THR B 114 -5.84 -10.76 -46.61
C THR B 114 -6.44 -9.54 -45.92
N GLY B 115 -5.62 -8.51 -45.75
CA GLY B 115 -6.08 -7.31 -45.09
C GLY B 115 -4.95 -6.31 -44.95
N CYS B 116 -5.19 -5.30 -44.12
CA CYS B 116 -4.24 -4.21 -43.93
C CYS B 116 -4.14 -3.92 -42.44
N VAL B 117 -2.99 -3.38 -42.04
CA VAL B 117 -2.72 -3.03 -40.64
C VAL B 117 -2.41 -1.54 -40.55
N ILE B 118 -2.93 -0.89 -39.51
CA ILE B 118 -2.86 0.56 -39.35
C ILE B 118 -2.43 0.87 -37.92
N ALA B 119 -1.54 1.86 -37.77
CA ALA B 119 -1.08 2.29 -36.45
C ALA B 119 -0.62 3.75 -36.51
N TRP B 120 -0.90 4.49 -35.43
CA TRP B 120 -0.40 5.86 -35.28
C TRP B 120 -0.03 6.10 -33.82
N ASN B 121 0.64 7.23 -33.58
CA ASN B 121 1.18 7.58 -32.28
C ASN B 121 0.30 8.64 -31.63
N SER B 122 -0.05 8.42 -30.35
CA SER B 122 -0.79 9.39 -29.56
C SER B 122 0.16 9.99 -28.52
N LYS B 123 0.56 11.24 -28.73
CA LYS B 123 1.59 11.86 -27.91
C LYS B 123 1.18 11.94 -26.45
N HIS B 124 0.09 12.64 -26.16
CA HIS B 124 -0.38 12.83 -24.79
C HIS B 124 -1.84 12.45 -24.64
N ILE B 125 -2.42 11.82 -25.66
CA ILE B 125 -3.80 11.35 -25.56
C ILE B 125 -3.89 10.21 -24.56
N ASP B 126 -3.09 9.17 -24.76
CA ASP B 126 -3.06 8.02 -23.87
C ASP B 126 -2.07 8.18 -22.72
N ALA B 127 -1.31 9.26 -22.68
CA ALA B 127 -0.28 9.47 -21.67
C ALA B 127 -0.60 10.71 -20.86
N LYS B 128 -0.53 10.58 -19.53
CA LYS B 128 -0.80 11.69 -18.62
C LYS B 128 0.38 11.82 -17.66
N GLU B 129 0.52 13.02 -17.10
CA GLU B 129 1.67 13.29 -16.23
C GLU B 129 1.71 12.37 -15.03
N GLY B 130 0.55 12.10 -14.42
CA GLY B 130 0.50 11.14 -13.33
C GLY B 130 0.77 9.72 -13.75
N GLY B 131 0.49 9.39 -15.00
CA GLY B 131 0.68 8.06 -15.53
C GLY B 131 -0.65 7.36 -15.78
N ASN B 132 -0.67 6.53 -16.81
CA ASN B 132 -1.87 5.81 -17.20
C ASN B 132 -1.68 4.33 -16.89
N PHE B 133 -2.57 3.79 -16.07
CA PHE B 133 -2.51 2.38 -15.71
C PHE B 133 -3.83 1.70 -16.03
N ASN B 134 -4.36 1.97 -17.23
CA ASN B 134 -5.65 1.47 -17.64
C ASN B 134 -5.58 0.42 -18.74
N TYR B 135 -4.40 0.15 -19.29
CA TYR B 135 -4.22 -0.83 -20.35
C TYR B 135 -3.48 -2.04 -19.80
N LEU B 136 -3.99 -3.23 -20.10
CA LEU B 136 -3.44 -4.46 -19.58
C LEU B 136 -2.89 -5.31 -20.72
N TYR B 137 -2.16 -6.36 -20.33
CA TYR B 137 -1.54 -7.27 -21.28
C TYR B 137 -1.13 -8.53 -20.55
N ARG B 138 -1.18 -9.65 -21.27
CA ARG B 138 -0.90 -10.97 -20.71
C ARG B 138 0.56 -11.34 -20.98
N LEU B 139 1.23 -11.87 -19.96
CA LEU B 139 2.60 -12.33 -20.07
C LEU B 139 2.76 -13.83 -19.89
N PHE B 140 1.90 -14.46 -19.08
CA PHE B 140 1.98 -15.89 -18.80
C PHE B 140 0.73 -16.55 -19.36
N ARG B 141 0.91 -17.52 -20.27
CA ARG B 141 -0.20 -18.33 -20.72
C ARG B 141 0.30 -19.75 -20.97
N LYS B 142 -0.64 -20.70 -20.91
CA LYS B 142 -0.29 -22.12 -21.04
C LYS B 142 0.26 -22.42 -22.43
N ALA B 143 -0.35 -21.88 -23.47
CA ALA B 143 0.05 -22.18 -24.85
C ALA B 143 -0.11 -20.94 -25.72
N ASN B 144 0.52 -20.98 -26.88
CA ASN B 144 0.40 -19.89 -27.84
C ASN B 144 -1.00 -19.89 -28.44
N LEU B 145 -1.57 -18.70 -28.61
CA LEU B 145 -2.93 -18.58 -29.11
C LEU B 145 -2.97 -18.75 -30.62
N LYS B 146 -3.86 -19.65 -31.08
CA LYS B 146 -4.14 -19.79 -32.50
C LYS B 146 -4.79 -18.50 -33.02
N PRO B 147 -4.71 -18.25 -34.33
CA PRO B 147 -5.15 -16.95 -34.87
C PRO B 147 -6.59 -16.61 -34.50
N PHE B 148 -6.78 -15.34 -34.10
CA PHE B 148 -8.10 -14.77 -33.81
C PHE B 148 -8.75 -15.47 -32.62
N GLU B 149 -7.96 -15.68 -31.57
CA GLU B 149 -8.44 -16.26 -30.33
C GLU B 149 -8.20 -15.30 -29.18
N ARG B 150 -9.05 -15.39 -28.16
CA ARG B 150 -8.89 -14.62 -26.94
C ARG B 150 -8.96 -15.54 -25.72
N ASP B 151 -8.27 -15.15 -24.67
CA ASP B 151 -8.32 -15.85 -23.40
C ASP B 151 -8.12 -14.80 -22.31
N ILE B 152 -9.22 -14.31 -21.77
CA ILE B 152 -9.23 -13.23 -20.80
C ILE B 152 -9.28 -13.80 -19.38
N SER B 153 -9.01 -15.09 -19.25
CA SER B 153 -9.12 -15.78 -17.96
C SER B 153 -8.09 -15.27 -16.96
N THR B 154 -8.54 -15.06 -15.73
CA THR B 154 -7.64 -14.73 -14.62
C THR B 154 -7.29 -16.01 -13.86
N GLU B 155 -6.67 -16.93 -14.59
CA GLU B 155 -6.27 -18.21 -14.04
C GLU B 155 -4.83 -18.08 -13.58
N ILE B 156 -4.60 -18.24 -12.28
CA ILE B 156 -3.29 -18.02 -11.69
C ILE B 156 -2.30 -19.01 -12.33
N TYR B 157 -1.34 -18.50 -13.09
CA TYR B 157 -0.44 -19.37 -13.83
C TYR B 157 0.53 -20.07 -12.88
N GLN B 158 0.73 -21.36 -13.11
CA GLN B 158 1.54 -22.20 -12.22
C GLN B 158 2.31 -23.21 -13.08
N ALA B 159 3.51 -22.82 -13.50
CA ALA B 159 4.36 -23.68 -14.30
C ALA B 159 4.99 -24.79 -13.46
N GLY B 160 5.49 -24.43 -12.28
CA GLY B 160 5.91 -25.45 -11.34
C GLY B 160 4.76 -26.40 -11.03
N SER B 161 5.12 -27.68 -10.81
CA SER B 161 4.12 -28.72 -10.62
C SER B 161 3.11 -28.34 -9.54
N LYS B 162 3.57 -27.77 -8.43
CA LYS B 162 2.74 -27.45 -7.27
C LYS B 162 1.62 -26.47 -7.59
N PRO B 163 0.35 -26.93 -7.62
CA PRO B 163 -0.76 -26.06 -8.00
C PRO B 163 -1.38 -25.27 -6.85
N CYS B 164 -0.81 -24.11 -6.51
CA CYS B 164 -1.38 -23.27 -5.45
C CYS B 164 -2.87 -23.05 -5.65
N ASN B 165 -3.23 -22.40 -6.77
CA ASN B 165 -4.61 -22.22 -7.21
C ASN B 165 -5.41 -21.31 -6.28
N GLY B 166 -4.83 -20.93 -5.16
CA GLY B 166 -5.57 -20.13 -4.21
C GLY B 166 -5.43 -18.65 -4.45
N GLN B 167 -4.21 -18.14 -4.36
CA GLN B 167 -3.92 -16.72 -4.53
C GLN B 167 -2.56 -16.59 -5.19
N THR B 168 -1.98 -15.40 -5.12
CA THR B 168 -0.56 -15.21 -5.40
C THR B 168 0.26 -16.26 -4.65
N GLY B 169 1.21 -16.87 -5.34
CA GLY B 169 2.02 -17.91 -4.77
C GLY B 169 3.50 -17.65 -4.99
N LEU B 170 4.33 -18.50 -4.38
CA LEU B 170 5.78 -18.37 -4.52
C LEU B 170 6.22 -18.61 -5.96
N ASN B 171 5.81 -19.75 -6.53
CA ASN B 171 6.07 -20.05 -7.94
C ASN B 171 4.86 -19.74 -8.82
N CYS B 172 3.77 -19.26 -8.23
CA CYS B 172 2.57 -18.86 -8.96
C CYS B 172 2.65 -17.37 -9.32
N TYR B 173 1.88 -16.98 -10.32
CA TYR B 173 1.96 -15.62 -10.83
C TYR B 173 0.60 -15.21 -11.37
N TYR B 174 0.26 -13.93 -11.21
CA TYR B 174 -0.96 -13.41 -11.79
C TYR B 174 -0.68 -13.06 -13.25
N PRO B 175 -1.41 -13.62 -14.21
CA PRO B 175 -0.95 -13.58 -15.61
C PRO B 175 -1.13 -12.22 -16.29
N LEU B 176 -1.88 -11.29 -15.70
CA LEU B 176 -2.18 -10.02 -16.34
C LEU B 176 -1.36 -8.92 -15.72
N TYR B 177 -0.65 -8.17 -16.57
CA TYR B 177 0.10 -7.00 -16.13
C TYR B 177 -0.43 -5.75 -16.82
N ARG B 178 -0.03 -4.59 -16.29
CA ARG B 178 -0.62 -3.31 -16.66
C ARG B 178 0.44 -2.39 -17.25
N TYR B 179 0.08 -1.72 -18.34
CA TYR B 179 0.97 -0.74 -18.95
C TYR B 179 1.12 0.49 -18.07
N GLY B 180 2.33 1.04 -18.04
CA GLY B 180 2.58 2.34 -17.45
C GLY B 180 3.04 3.34 -18.49
N PHE B 181 2.24 4.38 -18.73
CA PHE B 181 2.46 5.32 -19.81
C PHE B 181 2.54 6.74 -19.27
N TYR B 182 3.75 7.30 -19.27
CA TYR B 182 4.09 8.64 -18.83
C TYR B 182 4.49 9.50 -20.02
N PRO B 183 4.31 10.82 -19.93
CA PRO B 183 4.60 11.69 -21.09
C PRO B 183 6.08 11.92 -21.37
N THR B 184 7.00 11.32 -20.60
CA THR B 184 8.44 11.50 -20.83
C THR B 184 9.11 10.20 -21.26
N ASP B 185 8.34 9.20 -21.69
CA ASP B 185 8.91 7.92 -22.06
C ASP B 185 9.66 8.02 -23.39
N GLY B 186 10.56 7.07 -23.60
CA GLY B 186 11.18 6.94 -24.89
C GLY B 186 10.21 6.44 -25.94
N VAL B 187 10.59 6.64 -27.20
CA VAL B 187 9.71 6.28 -28.32
C VAL B 187 9.45 4.79 -28.36
N GLY B 188 10.38 3.98 -27.83
CA GLY B 188 10.27 2.54 -27.92
C GLY B 188 9.06 1.96 -27.22
N HIS B 189 8.48 2.68 -26.27
CA HIS B 189 7.28 2.23 -25.56
C HIS B 189 6.33 3.39 -25.28
N GLN B 190 6.13 4.23 -26.26
CA GLN B 190 5.05 5.21 -26.14
C GLN B 190 3.75 4.58 -26.63
N PRO B 191 2.59 5.11 -26.19
CA PRO B 191 1.32 4.46 -26.56
C PRO B 191 1.07 4.47 -28.05
N TYR B 192 1.13 3.29 -28.67
CA TYR B 192 0.77 3.13 -30.07
C TYR B 192 -0.65 2.57 -30.17
N ARG B 193 -1.43 3.13 -31.07
CA ARG B 193 -2.83 2.79 -31.26
C ARG B 193 -2.98 2.03 -32.58
N VAL B 194 -3.54 0.83 -32.52
CA VAL B 194 -3.51 -0.10 -33.64
C VAL B 194 -4.92 -0.44 -34.07
N VAL B 195 -5.15 -0.45 -35.39
CA VAL B 195 -6.40 -0.90 -35.99
C VAL B 195 -6.05 -1.86 -37.12
N VAL B 196 -6.69 -3.02 -37.13
CA VAL B 196 -6.42 -4.07 -38.12
C VAL B 196 -7.69 -4.34 -38.92
N LEU B 197 -7.57 -4.34 -40.24
CA LEU B 197 -8.68 -4.64 -41.14
C LEU B 197 -8.46 -5.99 -41.79
N SER B 198 -9.47 -6.86 -41.72
CA SER B 198 -9.39 -8.21 -42.27
C SER B 198 -10.64 -8.48 -43.10
N PHE B 199 -10.44 -9.00 -44.32
CA PHE B 199 -11.52 -9.30 -45.25
C PHE B 199 -11.60 -10.83 -45.41
N GLU B 200 -12.55 -11.43 -44.71
CA GLU B 200 -12.75 -12.87 -44.81
C GLU B 200 -13.12 -13.28 -46.23
N LEU B 201 -12.60 -14.43 -46.67
CA LEU B 201 -12.83 -14.92 -48.03
C LEU B 201 -14.05 -15.83 -48.02
N LEU B 202 -15.18 -15.32 -48.51
CA LEU B 202 -16.43 -16.06 -48.56
C LEU B 202 -17.08 -15.92 -49.94
N ASN B 203 -17.98 -16.87 -50.25
CA ASN B 203 -18.81 -16.81 -51.44
C ASN B 203 -20.19 -16.20 -51.17
N ALA B 204 -20.29 -15.31 -50.18
CA ALA B 204 -21.55 -14.67 -49.83
C ALA B 204 -21.35 -13.15 -49.79
N PRO B 205 -22.25 -12.38 -50.39
CA PRO B 205 -22.03 -10.94 -50.51
C PRO B 205 -22.62 -10.14 -49.36
N ALA B 206 -21.90 -9.06 -49.02
CA ALA B 206 -22.41 -7.98 -48.18
C ALA B 206 -22.09 -6.66 -48.87
N THR B 207 -22.44 -5.55 -48.22
CA THR B 207 -22.44 -4.23 -48.86
C THR B 207 -21.27 -3.37 -48.37
N VAL B 208 -20.17 -3.41 -49.10
CA VAL B 208 -19.00 -2.56 -48.86
C VAL B 208 -18.35 -2.24 -50.20
N CYS B 209 -17.99 -0.97 -50.41
CA CYS B 209 -17.15 -0.57 -51.54
C CYS B 209 -16.75 0.90 -51.35
N GLY B 210 -15.85 1.34 -52.21
CA GLY B 210 -15.36 2.72 -52.18
C GLY B 210 -15.94 3.61 -53.27
N SER C 3 -25.66 21.41 -10.69
CA SER C 3 -24.56 22.20 -10.16
C SER C 3 -24.86 22.69 -8.75
N THR C 4 -25.90 22.13 -8.16
CA THR C 4 -26.28 22.50 -6.80
C THR C 4 -25.44 21.76 -5.76
N ILE C 5 -25.38 22.35 -4.57
CA ILE C 5 -24.69 21.76 -3.42
C ILE C 5 -25.35 20.43 -3.03
N GLU C 6 -26.68 20.36 -3.11
CA GLU C 6 -27.37 19.12 -2.77
C GLU C 6 -26.97 17.99 -3.71
N GLU C 7 -26.84 18.27 -5.00
CA GLU C 7 -26.44 17.22 -5.95
C GLU C 7 -24.99 16.79 -5.73
N GLN C 8 -24.11 17.75 -5.48
CA GLN C 8 -22.73 17.43 -5.16
C GLN C 8 -22.63 16.55 -3.92
N ALA C 9 -23.41 16.87 -2.88
CA ALA C 9 -23.40 16.07 -1.67
C ALA C 9 -23.98 14.67 -1.89
N LYS C 10 -25.01 14.55 -2.73
CA LYS C 10 -25.59 13.24 -3.02
C LYS C 10 -24.59 12.32 -3.70
N THR C 11 -23.92 12.84 -4.71
CA THR C 11 -22.92 12.06 -5.41
C THR C 11 -21.72 11.73 -4.51
N PHE C 12 -21.31 12.69 -3.67
CA PHE C 12 -20.26 12.42 -2.70
C PHE C 12 -20.65 11.28 -1.77
N LEU C 13 -21.92 11.27 -1.35
CA LEU C 13 -22.40 10.22 -0.45
C LEU C 13 -22.49 8.89 -1.17
N ASP C 14 -22.83 8.91 -2.46
CA ASP C 14 -22.80 7.69 -3.27
C ASP C 14 -21.41 7.09 -3.28
N LYS C 15 -20.39 7.89 -3.59
CA LYS C 15 -19.02 7.40 -3.57
C LYS C 15 -18.63 6.83 -2.20
N PHE C 16 -19.03 7.51 -1.12
CA PHE C 16 -18.66 7.03 0.21
C PHE C 16 -19.30 5.68 0.50
N ASN C 17 -20.61 5.55 0.27
CA ASN C 17 -21.29 4.28 0.55
C ASN C 17 -20.66 3.13 -0.23
N HIS C 18 -20.44 3.32 -1.53
CA HIS C 18 -19.91 2.22 -2.34
C HIS C 18 -18.46 1.90 -1.99
N GLU C 19 -17.67 2.92 -1.61
CA GLU C 19 -16.30 2.62 -1.19
C GLU C 19 -16.26 2.00 0.20
N ALA C 20 -17.18 2.38 1.09
CA ALA C 20 -17.05 1.97 2.49
C ALA C 20 -17.66 0.60 2.75
N GLU C 21 -18.67 0.19 1.98
CA GLU C 21 -19.28 -1.13 2.16
C GLU C 21 -18.20 -2.20 2.12
N ASP C 22 -17.33 -2.13 1.11
CA ASP C 22 -16.33 -3.17 0.90
C ASP C 22 -15.25 -3.11 1.99
N LEU C 23 -14.83 -1.90 2.37
CA LEU C 23 -13.82 -1.75 3.40
C LEU C 23 -14.31 -2.26 4.75
N PHE C 24 -15.56 -1.92 5.12
CA PHE C 24 -16.14 -2.43 6.35
C PHE C 24 -16.29 -3.95 6.33
N TYR C 25 -16.61 -4.50 5.17
CA TYR C 25 -16.74 -5.96 5.06
C TYR C 25 -15.41 -6.66 5.29
N GLN C 26 -14.33 -6.10 4.73
CA GLN C 26 -13.01 -6.70 4.95
C GLN C 26 -12.61 -6.63 6.42
N SER C 27 -12.81 -5.47 7.06
CA SER C 27 -12.51 -5.35 8.48
C SER C 27 -13.34 -6.31 9.31
N SER C 28 -14.63 -6.46 8.98
CA SER C 28 -15.49 -7.37 9.73
C SER C 28 -15.06 -8.82 9.55
N LEU C 29 -14.70 -9.20 8.33
CA LEU C 29 -14.21 -10.55 8.08
C LEU C 29 -12.94 -10.82 8.88
N ALA C 30 -12.03 -9.85 8.90
CA ALA C 30 -10.78 -10.01 9.63
C ALA C 30 -11.04 -10.12 11.13
N SER C 31 -11.87 -9.22 11.67
CA SER C 31 -12.16 -9.26 13.10
C SER C 31 -12.94 -10.50 13.50
N TRP C 32 -13.77 -11.04 12.60
CA TRP C 32 -14.44 -12.29 12.88
C TRP C 32 -13.45 -13.45 12.95
N ASN C 33 -12.53 -13.51 11.98
CA ASN C 33 -11.50 -14.55 12.01
C ASN C 33 -10.65 -14.48 13.27
N TYR C 34 -10.45 -13.28 13.83
CA TYR C 34 -9.75 -13.19 15.12
C TYR C 34 -10.61 -13.72 16.26
N ASN C 35 -11.83 -13.21 16.41
CA ASN C 35 -12.64 -13.53 17.57
C ASN C 35 -13.06 -15.00 17.61
N THR C 36 -13.01 -15.68 16.47
CA THR C 36 -13.33 -17.10 16.40
C THR C 36 -12.09 -17.98 16.28
N ASN C 37 -10.90 -17.37 16.23
CA ASN C 37 -9.68 -18.14 16.01
C ASN C 37 -8.47 -17.30 16.40
N ILE C 38 -8.20 -17.21 17.71
CA ILE C 38 -7.20 -16.31 18.25
C ILE C 38 -5.79 -16.73 17.90
N THR C 39 -5.19 -16.09 16.89
CA THR C 39 -3.79 -16.29 16.55
C THR C 39 -3.16 -14.93 16.32
N GLU C 40 -1.84 -14.93 16.20
CA GLU C 40 -1.13 -13.67 16.01
C GLU C 40 -1.32 -13.13 14.59
N GLU C 41 -1.31 -14.02 13.60
CA GLU C 41 -1.63 -13.63 12.23
C GLU C 41 -2.99 -12.96 12.14
N ASN C 42 -3.97 -13.50 12.85
CA ASN C 42 -5.33 -12.96 12.77
C ASN C 42 -5.44 -11.60 13.45
N VAL C 43 -4.77 -11.40 14.58
CA VAL C 43 -4.84 -10.11 15.26
C VAL C 43 -4.13 -9.02 14.45
N GLN C 44 -3.02 -9.36 13.79
CA GLN C 44 -2.34 -8.37 12.95
C GLN C 44 -3.17 -8.00 11.73
N ASN C 45 -3.82 -8.98 11.11
CA ASN C 45 -4.70 -8.70 9.97
C ASN C 45 -5.90 -7.85 10.36
N MET C 46 -6.50 -8.13 11.53
CA MET C 46 -7.62 -7.33 12.01
C MET C 46 -7.21 -5.88 12.23
N ASN C 47 -6.06 -5.65 12.85
CA ASN C 47 -5.60 -4.29 13.12
C ASN C 47 -5.26 -3.56 11.84
N ASN C 48 -4.71 -4.27 10.85
CA ASN C 48 -4.45 -3.66 9.55
C ASN C 48 -5.74 -3.16 8.90
N ALA C 49 -6.75 -4.03 8.84
CA ALA C 49 -8.03 -3.66 8.23
C ALA C 49 -8.70 -2.53 8.99
N GLY C 50 -8.63 -2.56 10.33
CA GLY C 50 -9.24 -1.49 11.10
C GLY C 50 -8.56 -0.14 10.90
N ASP C 51 -7.23 -0.15 10.79
CA ASP C 51 -6.51 1.10 10.52
C ASP C 51 -6.83 1.63 9.12
N LYS C 52 -6.92 0.73 8.13
CA LYS C 52 -7.32 1.12 6.80
C LYS C 52 -8.71 1.75 6.83
N TRP C 53 -9.63 1.13 7.57
CA TRP C 53 -10.98 1.66 7.66
C TRP C 53 -11.01 3.01 8.36
N SER C 54 -10.22 3.19 9.42
CA SER C 54 -10.19 4.47 10.12
C SER C 54 -9.58 5.57 9.26
N ALA C 55 -8.52 5.26 8.51
CA ALA C 55 -7.92 6.24 7.62
C ALA C 55 -8.86 6.68 6.52
N PHE C 56 -9.55 5.72 5.88
CA PHE C 56 -10.56 6.07 4.89
C PHE C 56 -11.62 6.96 5.50
N LEU C 57 -12.03 6.65 6.73
CA LEU C 57 -13.06 7.42 7.40
C LEU C 57 -12.58 8.84 7.67
N LYS C 58 -11.32 8.99 8.08
CA LYS C 58 -10.79 10.32 8.37
C LYS C 58 -10.64 11.14 7.09
N GLU C 59 -10.21 10.51 6.00
CA GLU C 59 -10.18 11.19 4.71
C GLU C 59 -11.57 11.69 4.32
N GLN C 60 -12.57 10.81 4.43
CA GLN C 60 -13.94 11.18 4.08
C GLN C 60 -14.51 12.23 5.04
N SER C 61 -14.05 12.22 6.30
CA SER C 61 -14.48 13.24 7.26
C SER C 61 -13.98 14.62 6.85
N THR C 62 -12.68 14.74 6.58
CA THR C 62 -12.14 16.02 6.13
C THR C 62 -12.79 16.47 4.83
N LEU C 63 -13.21 15.53 3.99
CA LEU C 63 -13.91 15.88 2.77
C LEU C 63 -15.32 16.37 3.07
N ALA C 64 -16.06 15.60 3.89
CA ALA C 64 -17.43 15.96 4.20
C ALA C 64 -17.54 17.26 5.01
N GLN C 65 -16.50 17.62 5.76
CA GLN C 65 -16.52 18.90 6.45
C GLN C 65 -16.49 20.08 5.47
N MET C 66 -16.19 19.83 4.19
CA MET C 66 -16.15 20.88 3.19
C MET C 66 -17.51 21.21 2.61
N TYR C 67 -18.57 20.49 3.01
CA TYR C 67 -19.92 20.78 2.55
C TYR C 67 -20.67 21.51 3.64
N PRO C 68 -21.04 22.77 3.46
CA PRO C 68 -21.67 23.51 4.57
C PRO C 68 -23.01 22.93 4.96
N LEU C 69 -23.05 22.24 6.11
CA LEU C 69 -24.27 21.59 6.55
C LEU C 69 -25.47 22.53 6.48
N GLN C 70 -25.29 23.78 6.90
CA GLN C 70 -26.38 24.75 6.99
C GLN C 70 -27.12 24.94 5.67
N GLU C 71 -26.49 24.65 4.53
CA GLU C 71 -27.09 24.89 3.24
C GLU C 71 -27.84 23.68 2.73
N ILE C 72 -27.97 22.65 3.55
CA ILE C 72 -28.62 21.40 3.18
C ILE C 72 -30.07 21.45 3.62
N GLN C 73 -30.98 21.16 2.70
CA GLN C 73 -32.41 21.16 2.99
C GLN C 73 -32.96 19.75 3.07
N ASN C 74 -32.13 18.74 2.87
CA ASN C 74 -32.58 17.34 2.90
C ASN C 74 -32.11 16.73 4.21
N LEU C 75 -33.08 16.28 5.02
CA LEU C 75 -32.78 15.84 6.37
C LEU C 75 -31.94 14.56 6.38
N THR C 76 -32.22 13.63 5.47
CA THR C 76 -31.51 12.36 5.46
C THR C 76 -30.05 12.53 5.08
N VAL C 77 -29.78 13.27 3.99
CA VAL C 77 -28.40 13.52 3.59
C VAL C 77 -27.66 14.38 4.61
N LYS C 78 -28.37 15.27 5.30
CA LYS C 78 -27.75 16.07 6.35
C LYS C 78 -27.26 15.20 7.50
N LEU C 79 -28.07 14.23 7.91
CA LEU C 79 -27.67 13.31 8.98
C LEU C 79 -26.42 12.52 8.60
N GLN C 80 -26.38 11.97 7.39
CA GLN C 80 -25.21 11.20 6.96
C GLN C 80 -23.97 12.10 6.97
N LEU C 81 -24.13 13.32 6.48
CA LEU C 81 -23.03 14.29 6.46
C LEU C 81 -22.55 14.62 7.87
N GLN C 82 -23.49 14.82 8.81
CA GLN C 82 -23.13 15.12 10.18
C GLN C 82 -22.32 13.98 10.81
N ALA C 83 -22.76 12.74 10.61
CA ALA C 83 -22.01 11.60 11.13
C ALA C 83 -20.58 11.62 10.61
N LEU C 84 -20.41 11.94 9.32
CA LEU C 84 -19.07 12.02 8.73
C LEU C 84 -18.29 13.25 9.19
N GLN C 85 -18.96 14.37 9.48
CA GLN C 85 -18.20 15.57 9.78
C GLN C 85 -17.68 15.58 11.22
N GLN C 86 -18.22 14.72 12.09
CA GLN C 86 -17.74 14.51 13.45
C GLN C 86 -16.22 14.37 13.49
N ASN C 87 -15.55 15.36 14.08
CA ASN C 87 -14.10 15.31 14.15
C ASN C 87 -13.65 14.15 15.05
N GLY C 88 -14.49 13.77 16.01
CA GLY C 88 -14.21 12.64 16.89
C GLY C 88 -12.90 12.83 17.63
N SER C 89 -12.11 11.76 17.69
CA SER C 89 -10.82 11.85 18.37
C SER C 89 -9.81 12.69 17.60
N SER C 90 -10.04 12.91 16.30
CA SER C 90 -9.03 13.58 15.47
C SER C 90 -8.75 14.99 15.94
N VAL C 91 -9.66 15.59 16.71
CA VAL C 91 -9.50 16.98 17.14
C VAL C 91 -8.46 17.09 18.25
N LEU C 92 -7.92 15.97 18.72
CA LEU C 92 -6.86 15.93 19.70
C LEU C 92 -5.54 16.03 18.96
N SER C 93 -4.52 16.56 19.63
CA SER C 93 -3.23 16.46 19.00
C SER C 93 -2.83 14.99 18.87
N GLU C 94 -1.83 14.73 18.04
CA GLU C 94 -1.45 13.35 17.75
C GLU C 94 -0.90 12.67 19.00
N ASP C 95 0.06 13.32 19.67
CA ASP C 95 0.68 12.75 20.85
C ASP C 95 -0.33 12.60 21.98
N LYS C 96 -1.21 13.60 22.15
CA LYS C 96 -2.20 13.52 23.22
C LYS C 96 -3.20 12.41 22.92
N SER C 97 -3.55 12.23 21.64
CA SER C 97 -4.44 11.15 21.24
C SER C 97 -3.77 9.78 21.47
N LYS C 98 -2.49 9.67 21.12
CA LYS C 98 -1.74 8.43 21.35
C LYS C 98 -1.74 8.07 22.84
N ARG C 99 -1.53 9.07 23.71
CA ARG C 99 -1.49 8.81 25.15
C ARG C 99 -2.83 8.33 25.67
N LEU C 100 -3.93 8.89 25.14
CA LEU C 100 -5.27 8.48 25.55
C LEU C 100 -5.57 7.03 25.15
N ASN C 101 -5.25 6.66 23.90
CA ASN C 101 -5.43 5.27 23.47
C ASN C 101 -4.59 4.31 24.30
N THR C 102 -3.37 4.70 24.66
CA THR C 102 -2.52 3.84 25.46
C THR C 102 -3.17 3.52 26.81
N ILE C 103 -3.65 4.55 27.50
CA ILE C 103 -4.24 4.33 28.81
C ILE C 103 -5.58 3.62 28.70
N LEU C 104 -6.33 3.87 27.61
CA LEU C 104 -7.58 3.14 27.38
C LEU C 104 -7.33 1.64 27.26
N ASN C 105 -6.38 1.25 26.40
CA ASN C 105 -6.06 -0.16 26.24
C ASN C 105 -5.49 -0.74 27.52
N THR C 106 -4.72 0.05 28.27
CA THR C 106 -4.14 -0.43 29.52
C THR C 106 -5.23 -0.73 30.54
N MET C 107 -6.21 0.17 30.67
CA MET C 107 -7.33 -0.08 31.57
C MET C 107 -8.09 -1.34 31.16
N SER C 108 -8.38 -1.46 29.86
CA SER C 108 -9.06 -2.65 29.37
C SER C 108 -8.29 -3.92 29.70
N THR C 109 -6.96 -3.88 29.53
CA THR C 109 -6.13 -5.06 29.79
C THR C 109 -6.12 -5.45 31.26
N ILE C 110 -5.88 -4.49 32.16
CA ILE C 110 -5.76 -4.82 33.58
C ILE C 110 -7.09 -5.29 34.16
N TYR C 111 -8.20 -4.76 33.66
CA TYR C 111 -9.51 -5.26 34.11
C TYR C 111 -9.69 -6.71 33.70
N SER C 112 -9.46 -7.01 32.41
CA SER C 112 -9.70 -8.35 31.90
C SER C 112 -8.61 -9.34 32.29
N THR C 113 -7.51 -8.88 32.91
CA THR C 113 -6.41 -9.75 33.29
C THR C 113 -6.09 -9.72 34.77
N GLY C 114 -6.70 -8.83 35.54
CA GLY C 114 -6.33 -8.69 36.94
C GLY C 114 -6.66 -9.96 37.73
N LYS C 115 -5.71 -10.37 38.56
CA LYS C 115 -5.89 -11.51 39.44
C LYS C 115 -5.67 -11.07 40.88
N VAL C 116 -6.48 -11.60 41.81
CA VAL C 116 -6.26 -11.41 43.23
C VAL C 116 -6.03 -12.78 43.86
N CYS C 117 -5.09 -12.84 44.81
CA CYS C 117 -4.71 -14.10 45.44
C CYS C 117 -5.19 -14.09 46.91
N ASN C 118 -5.60 -15.26 47.39
CA ASN C 118 -6.07 -15.44 48.77
C ASN C 118 -4.89 -15.33 49.72
N PRO C 119 -4.91 -14.40 50.69
CA PRO C 119 -3.81 -14.32 51.66
C PRO C 119 -3.59 -15.57 52.52
N ASP C 120 -4.64 -16.29 52.92
CA ASP C 120 -4.40 -17.50 53.71
C ASP C 120 -3.66 -18.57 52.90
N ASN C 121 -3.91 -18.63 51.59
CA ASN C 121 -3.28 -19.62 50.71
C ASN C 121 -2.87 -18.96 49.39
N PRO C 122 -1.65 -18.39 49.33
CA PRO C 122 -1.23 -17.56 48.19
C PRO C 122 -1.08 -18.32 46.88
N GLN C 123 -1.33 -19.63 46.88
CA GLN C 123 -1.31 -20.43 45.67
C GLN C 123 -2.63 -20.40 44.91
N GLU C 124 -3.75 -20.16 45.60
CA GLU C 124 -5.05 -19.99 44.95
C GLU C 124 -5.19 -18.55 44.44
N CYS C 125 -5.28 -18.37 43.12
CA CYS C 125 -5.54 -17.05 42.56
C CYS C 125 -6.66 -17.15 41.53
N LEU C 126 -7.55 -16.14 41.53
CA LEU C 126 -8.71 -16.11 40.64
C LEU C 126 -8.77 -14.79 39.88
N LEU C 127 -9.20 -14.84 38.61
CA LEU C 127 -9.57 -13.64 37.89
C LEU C 127 -11.07 -13.40 38.02
N LEU C 128 -11.55 -12.30 37.43
CA LEU C 128 -12.95 -11.91 37.62
C LEU C 128 -13.90 -12.99 37.12
N GLU C 129 -13.64 -13.53 35.93
CA GLU C 129 -14.43 -14.60 35.35
C GLU C 129 -13.54 -15.83 35.15
N PRO C 130 -13.89 -17.01 35.71
CA PRO C 130 -15.15 -17.27 36.41
C PRO C 130 -15.01 -17.31 37.94
N GLY C 131 -13.79 -17.15 38.45
CA GLY C 131 -13.52 -17.37 39.86
C GLY C 131 -14.24 -16.39 40.77
N LEU C 132 -13.92 -15.10 40.67
CA LEU C 132 -14.53 -14.13 41.55
C LEU C 132 -16.03 -14.06 41.34
N ASN C 133 -16.49 -14.24 40.10
CA ASN C 133 -17.91 -14.26 39.81
C ASN C 133 -18.61 -15.48 40.42
N GLU C 134 -17.94 -16.63 40.43
CA GLU C 134 -18.50 -17.82 41.07
C GLU C 134 -18.70 -17.61 42.57
N ILE C 135 -17.74 -16.97 43.24
CA ILE C 135 -17.89 -16.64 44.66
C ILE C 135 -19.09 -15.73 44.88
N MET C 136 -19.11 -14.60 44.17
CA MET C 136 -20.18 -13.62 44.36
C MET C 136 -21.56 -14.15 44.01
N ALA C 137 -21.64 -15.23 43.22
CA ALA C 137 -22.94 -15.79 42.85
C ALA C 137 -23.43 -16.87 43.81
N ASN C 138 -22.54 -17.73 44.29
CA ASN C 138 -22.96 -18.90 45.03
C ASN C 138 -22.52 -18.91 46.49
N SER C 139 -21.51 -18.15 46.86
CA SER C 139 -21.04 -18.22 48.24
C SER C 139 -22.09 -17.62 49.15
N LEU C 140 -22.33 -18.30 50.28
CA LEU C 140 -23.19 -17.78 51.34
C LEU C 140 -22.40 -17.33 52.56
N ASP C 141 -21.08 -17.24 52.47
CA ASP C 141 -20.26 -16.89 53.61
C ASP C 141 -19.94 -15.40 53.58
N TYR C 142 -20.35 -14.69 54.63
CA TYR C 142 -20.18 -13.24 54.68
C TYR C 142 -18.71 -12.87 54.59
N ASN C 143 -17.86 -13.55 55.35
CA ASN C 143 -16.45 -13.20 55.37
C ASN C 143 -15.78 -13.50 54.04
N GLU C 144 -16.16 -14.62 53.40
CA GLU C 144 -15.60 -14.95 52.09
C GLU C 144 -16.03 -13.94 51.04
N ARG C 145 -17.32 -13.58 51.03
CA ARG C 145 -17.84 -12.58 50.10
C ARG C 145 -17.17 -11.21 50.30
N LEU C 146 -16.96 -10.81 51.55
CA LEU C 146 -16.31 -9.52 51.82
C LEU C 146 -14.87 -9.50 51.30
N TRP C 147 -14.15 -10.60 51.45
CA TRP C 147 -12.79 -10.69 50.92
C TRP C 147 -12.77 -10.51 49.40
N ALA C 148 -13.66 -11.21 48.70
CA ALA C 148 -13.71 -11.10 47.24
C ALA C 148 -13.99 -9.66 46.82
N TRP C 149 -15.00 -9.04 47.43
CA TRP C 149 -15.37 -7.68 47.10
C TRP C 149 -14.19 -6.74 47.29
N GLU C 150 -13.55 -6.78 48.46
CA GLU C 150 -12.47 -5.85 48.76
C GLU C 150 -11.22 -6.15 47.96
N SER C 151 -10.93 -7.43 47.69
CA SER C 151 -9.75 -7.74 46.90
C SER C 151 -9.86 -7.22 45.47
N TRP C 152 -10.99 -7.47 44.81
CA TRP C 152 -11.17 -6.95 43.45
C TRP C 152 -10.99 -5.44 43.39
N ARG C 153 -11.64 -4.71 44.29
CA ARG C 153 -11.59 -3.26 44.25
C ARG C 153 -10.22 -2.72 44.63
N SER C 154 -9.75 -3.06 45.83
CA SER C 154 -8.48 -2.54 46.34
C SER C 154 -7.26 -2.97 45.53
N GLU C 155 -7.39 -3.94 44.61
CA GLU C 155 -6.28 -4.31 43.72
C GLU C 155 -6.36 -3.63 42.36
N VAL C 156 -7.41 -3.92 41.57
CA VAL C 156 -7.45 -3.44 40.19
C VAL C 156 -7.87 -1.98 40.13
N GLY C 157 -8.80 -1.56 40.99
CA GLY C 157 -9.27 -0.18 40.93
C GLY C 157 -8.20 0.81 41.35
N LYS C 158 -7.32 0.42 42.28
CA LYS C 158 -6.21 1.27 42.65
C LYS C 158 -5.28 1.51 41.47
N GLN C 159 -5.05 0.48 40.65
CA GLN C 159 -4.29 0.66 39.42
C GLN C 159 -5.03 1.58 38.46
N LEU C 160 -6.36 1.48 38.43
CA LEU C 160 -7.17 2.20 37.46
C LEU C 160 -7.31 3.68 37.80
N ARG C 161 -7.19 4.05 39.08
CA ARG C 161 -7.43 5.40 39.56
C ARG C 161 -6.68 6.46 38.74
N PRO C 162 -5.35 6.44 38.67
CA PRO C 162 -4.67 7.52 37.92
C PRO C 162 -4.95 7.48 36.43
N LEU C 163 -4.98 6.28 35.83
CA LEU C 163 -5.39 6.13 34.44
C LEU C 163 -6.77 6.73 34.20
N TYR C 164 -7.69 6.56 35.15
CA TYR C 164 -9.05 7.08 34.99
C TYR C 164 -9.10 8.60 35.12
N GLU C 165 -8.26 9.19 35.97
CA GLU C 165 -8.20 10.65 36.04
C GLU C 165 -7.77 11.25 34.71
N GLU C 166 -6.71 10.71 34.12
CA GLU C 166 -6.27 11.18 32.81
C GLU C 166 -7.32 10.92 31.73
N TYR C 167 -8.00 9.78 31.80
CA TYR C 167 -9.08 9.49 30.86
C TYR C 167 -10.20 10.53 30.93
N VAL C 168 -10.64 10.86 32.15
CA VAL C 168 -11.72 11.85 32.32
C VAL C 168 -11.34 13.21 31.74
N VAL C 169 -10.16 13.71 32.10
CA VAL C 169 -9.80 15.07 31.69
C VAL C 169 -9.63 15.15 30.17
N LEU C 170 -9.01 14.13 29.57
CA LEU C 170 -8.80 14.15 28.12
C LEU C 170 -10.11 14.00 27.36
N LYS C 171 -11.00 13.11 27.83
CA LYS C 171 -12.29 12.93 27.15
C LYS C 171 -13.14 14.20 27.22
N ASN C 172 -13.07 14.91 28.35
CA ASN C 172 -13.83 16.16 28.44
C ASN C 172 -13.28 17.23 27.51
N GLU C 173 -11.95 17.35 27.43
CA GLU C 173 -11.31 18.25 26.46
C GLU C 173 -11.74 17.93 25.04
N MET C 174 -11.70 16.65 24.66
CA MET C 174 -12.08 16.25 23.30
C MET C 174 -13.51 16.67 23.03
N ALA C 175 -14.43 16.35 23.94
CA ALA C 175 -15.84 16.64 23.70
C ALA C 175 -16.04 18.14 23.58
N ARG C 176 -15.32 18.94 24.38
CA ARG C 176 -15.45 20.38 24.25
C ARG C 176 -14.89 20.84 22.92
N ALA C 177 -13.79 20.24 22.46
CA ALA C 177 -13.28 20.60 21.15
C ALA C 177 -14.29 20.20 20.07
N ASN C 178 -15.08 19.16 20.32
CA ASN C 178 -16.13 18.73 19.41
C ASN C 178 -17.45 19.46 19.71
N HIS C 179 -17.37 20.64 20.34
CA HIS C 179 -18.48 21.57 20.61
C HIS C 179 -19.51 21.04 21.60
N TYR C 180 -19.08 20.26 22.59
CA TYR C 180 -19.90 19.81 23.71
C TYR C 180 -19.34 20.30 25.04
N GLU C 181 -20.18 20.22 26.07
CA GLU C 181 -19.76 20.65 27.39
C GLU C 181 -18.78 19.65 28.00
N ASP C 182 -19.08 18.35 27.88
CA ASP C 182 -18.19 17.31 28.38
C ASP C 182 -18.51 16.01 27.65
N TYR C 183 -17.78 14.95 28.02
CA TYR C 183 -17.98 13.65 27.37
C TYR C 183 -19.37 13.10 27.61
N GLY C 184 -19.97 13.39 28.77
CA GLY C 184 -21.36 13.02 28.98
C GLY C 184 -22.31 13.73 28.03
N ASP C 185 -22.06 15.01 27.77
CA ASP C 185 -22.84 15.74 26.78
C ASP C 185 -22.70 15.14 25.38
N TYR C 186 -21.48 14.73 25.02
CA TYR C 186 -21.29 14.01 23.76
C TYR C 186 -22.20 12.80 23.74
N TRP C 187 -22.14 12.01 24.80
CA TRP C 187 -22.97 10.82 24.91
C TRP C 187 -24.44 11.20 24.84
N ARG C 188 -24.82 12.29 25.53
CA ARG C 188 -26.19 12.74 25.47
C ARG C 188 -26.58 13.18 24.07
N GLY C 189 -25.59 13.53 23.23
CA GLY C 189 -25.91 13.86 21.85
C GLY C 189 -26.56 12.73 21.09
N ASP C 190 -26.37 11.48 21.53
CA ASP C 190 -27.00 10.36 20.85
C ASP C 190 -28.51 10.47 20.85
N TYR C 191 -29.09 11.07 21.89
CA TYR C 191 -30.52 11.21 22.02
C TYR C 191 -31.04 12.53 21.47
N GLU C 192 -30.14 13.37 20.97
CA GLU C 192 -30.49 14.71 20.54
C GLU C 192 -31.22 14.62 19.20
N VAL C 193 -32.31 15.39 19.06
CA VAL C 193 -33.01 15.54 17.79
C VAL C 193 -33.18 17.02 17.46
N ASN C 194 -32.70 17.42 16.27
CA ASN C 194 -32.63 18.82 15.86
C ASN C 194 -32.96 18.93 14.38
N GLY C 195 -34.18 19.35 14.07
CA GLY C 195 -34.53 19.57 12.68
C GLY C 195 -35.94 19.18 12.27
N VAL C 196 -36.56 18.25 13.00
CA VAL C 196 -37.91 17.79 12.67
C VAL C 196 -38.88 18.56 13.55
N ASP C 197 -39.72 19.38 12.92
CA ASP C 197 -40.69 20.16 13.68
C ASP C 197 -41.70 19.23 14.33
N GLY C 198 -41.92 19.40 15.62
CA GLY C 198 -42.84 18.57 16.36
C GLY C 198 -42.26 17.31 16.95
N TYR C 199 -40.98 16.99 16.66
CA TYR C 199 -40.37 15.80 17.25
C TYR C 199 -39.00 16.07 17.84
N ASP C 200 -38.57 17.32 17.93
CA ASP C 200 -37.27 17.58 18.51
C ASP C 200 -37.33 17.22 19.99
N TYR C 201 -36.16 17.15 20.63
CA TYR C 201 -35.94 16.75 22.01
C TYR C 201 -34.52 17.16 22.36
N SER C 202 -34.38 18.05 23.33
CA SER C 202 -33.06 18.56 23.67
C SER C 202 -32.32 17.63 24.64
N ARG C 203 -31.07 18.01 24.89
CA ARG C 203 -30.10 17.29 25.69
C ARG C 203 -30.28 17.45 27.19
N GLY C 204 -31.00 18.48 27.65
CA GLY C 204 -31.26 18.59 29.06
C GLY C 204 -32.55 17.89 29.41
N GLN C 205 -33.43 17.77 28.41
CA GLN C 205 -34.66 16.99 28.56
C GLN C 205 -34.39 15.55 28.97
N LEU C 206 -33.25 14.99 28.58
CA LEU C 206 -32.93 13.63 29.02
C LEU C 206 -32.81 13.58 30.53
N ILE C 207 -32.07 14.52 31.13
CA ILE C 207 -31.96 14.54 32.58
C ILE C 207 -33.34 14.71 33.19
N GLU C 208 -34.11 15.67 32.66
CA GLU C 208 -35.47 15.90 33.16
C GLU C 208 -36.30 14.62 33.06
N ASP C 209 -36.23 13.96 31.90
CA ASP C 209 -37.05 12.76 31.70
C ASP C 209 -36.57 11.60 32.56
N VAL C 210 -35.25 11.39 32.63
CA VAL C 210 -34.71 10.28 33.42
C VAL C 210 -35.06 10.44 34.90
N GLU C 211 -34.94 11.66 35.42
CA GLU C 211 -35.26 11.89 36.83
C GLU C 211 -36.75 11.78 37.09
N HIS C 212 -37.57 12.37 36.21
CA HIS C 212 -39.02 12.29 36.38
C HIS C 212 -39.52 10.85 36.36
N THR C 213 -38.90 10.00 35.55
CA THR C 213 -39.34 8.61 35.47
C THR C 213 -38.75 7.75 36.59
N PHE C 214 -37.52 8.04 37.01
CA PHE C 214 -36.95 7.31 38.13
C PHE C 214 -37.72 7.59 39.40
N GLU C 215 -38.26 8.80 39.54
CA GLU C 215 -39.14 9.12 40.66
C GLU C 215 -40.33 8.18 40.70
N GLU C 216 -40.94 7.90 39.55
CA GLU C 216 -42.08 6.98 39.54
C GLU C 216 -41.65 5.54 39.77
N ILE C 217 -40.42 5.18 39.40
CA ILE C 217 -39.95 3.82 39.66
C ILE C 217 -39.64 3.65 41.14
N LYS C 218 -39.30 4.75 41.82
CA LYS C 218 -38.80 4.72 43.19
C LYS C 218 -39.64 3.88 44.14
N PRO C 219 -40.97 3.98 44.17
CA PRO C 219 -41.72 3.24 45.20
C PRO C 219 -41.63 1.74 45.02
N LEU C 220 -41.77 1.25 43.78
CA LEU C 220 -41.65 -0.17 43.51
C LEU C 220 -40.29 -0.71 43.96
N TYR C 221 -39.22 0.01 43.67
CA TYR C 221 -37.89 -0.40 44.10
C TYR C 221 -37.74 -0.40 45.61
N GLU C 222 -38.34 0.59 46.27
CA GLU C 222 -38.26 0.64 47.73
C GLU C 222 -38.86 -0.59 48.37
N HIS C 223 -40.02 -1.05 47.88
CA HIS C 223 -40.65 -2.22 48.48
C HIS C 223 -39.86 -3.48 48.18
N LEU C 224 -39.35 -3.64 46.96
CA LEU C 224 -38.48 -4.78 46.68
C LEU C 224 -37.25 -4.74 47.59
N HIS C 225 -36.70 -3.54 47.82
CA HIS C 225 -35.54 -3.42 48.69
C HIS C 225 -35.85 -3.87 50.10
N ALA C 226 -37.00 -3.46 50.64
CA ALA C 226 -37.37 -3.88 51.98
C ALA C 226 -37.53 -5.40 52.06
N TYR C 227 -38.22 -5.98 51.08
CA TYR C 227 -38.43 -7.43 51.08
C TYR C 227 -37.11 -8.18 51.01
N VAL C 228 -36.23 -7.79 50.08
CA VAL C 228 -34.94 -8.45 49.94
C VAL C 228 -34.11 -8.26 51.20
N ARG C 229 -34.22 -7.10 51.84
CA ARG C 229 -33.43 -6.84 53.05
C ARG C 229 -33.83 -7.78 54.18
N ALA C 230 -35.12 -7.96 54.41
CA ALA C 230 -35.57 -8.90 55.44
C ALA C 230 -35.13 -10.33 55.12
N LYS C 231 -35.34 -10.77 53.88
CA LYS C 231 -34.97 -12.13 53.50
C LYS C 231 -33.47 -12.36 53.66
N LEU C 232 -32.66 -11.34 53.39
CA LEU C 232 -31.22 -11.45 53.58
C LEU C 232 -30.84 -11.46 55.06
N MET C 233 -31.61 -10.77 55.90
CA MET C 233 -31.39 -10.85 57.34
C MET C 233 -31.49 -12.30 57.83
N ASN C 234 -32.45 -13.06 57.28
CA ASN C 234 -32.52 -14.48 57.62
C ASN C 234 -31.28 -15.24 57.16
N ALA C 235 -30.60 -14.75 56.11
CA ALA C 235 -29.45 -15.47 55.55
C ALA C 235 -28.13 -15.08 56.18
N TYR C 236 -27.97 -13.82 56.59
CA TYR C 236 -26.75 -13.33 57.23
C TYR C 236 -27.15 -12.68 58.56
N PRO C 237 -27.46 -13.49 59.57
CA PRO C 237 -27.89 -12.93 60.87
C PRO C 237 -26.78 -12.13 61.53
N SER C 238 -27.18 -11.03 62.18
CA SER C 238 -26.33 -10.09 62.92
C SER C 238 -25.46 -9.22 62.03
N TYR C 239 -25.58 -9.33 60.71
CA TYR C 239 -24.79 -8.53 59.79
C TYR C 239 -25.57 -7.41 59.12
N ILE C 240 -26.90 -7.44 59.15
CA ILE C 240 -27.71 -6.49 58.40
C ILE C 240 -28.71 -5.84 59.34
N SER C 241 -28.75 -4.52 59.32
CA SER C 241 -29.75 -3.78 60.06
C SER C 241 -31.08 -3.80 59.32
N PRO C 242 -32.19 -3.97 60.02
CA PRO C 242 -33.50 -3.97 59.35
C PRO C 242 -33.91 -2.62 58.78
N ILE C 243 -33.14 -1.57 59.04
CA ILE C 243 -33.44 -0.23 58.55
C ILE C 243 -32.33 0.36 57.73
N GLY C 244 -31.22 -0.37 57.55
CA GLY C 244 -30.06 0.15 56.88
C GLY C 244 -29.99 -0.28 55.42
N CYS C 245 -28.96 0.24 54.75
CA CYS C 245 -28.71 -0.13 53.37
C CYS C 245 -28.18 -1.56 53.29
N LEU C 246 -28.28 -2.14 52.11
CA LEU C 246 -27.80 -3.51 51.90
C LEU C 246 -26.28 -3.52 51.73
N PRO C 247 -25.57 -4.40 52.43
CA PRO C 247 -24.12 -4.53 52.19
C PRO C 247 -23.85 -4.88 50.73
N ALA C 248 -22.87 -4.18 50.15
CA ALA C 248 -22.65 -4.23 48.71
C ALA C 248 -22.20 -5.60 48.24
N HIS C 249 -21.65 -6.43 49.13
CA HIS C 249 -21.07 -7.70 48.75
C HIS C 249 -22.04 -8.88 48.88
N LEU C 250 -23.31 -8.63 49.15
CA LEU C 250 -24.28 -9.72 49.29
C LEU C 250 -25.37 -9.65 48.23
N LEU C 251 -25.11 -8.97 47.11
CA LEU C 251 -26.13 -8.63 46.15
C LEU C 251 -26.22 -9.61 44.97
N GLY C 252 -25.28 -10.53 44.85
CA GLY C 252 -25.32 -11.57 43.83
C GLY C 252 -24.21 -11.51 42.80
N ASP C 253 -23.55 -10.38 42.62
CA ASP C 253 -22.35 -10.34 41.77
C ASP C 253 -21.35 -9.36 42.38
N MET C 254 -20.28 -9.09 41.64
CA MET C 254 -19.16 -8.31 42.17
C MET C 254 -19.55 -6.87 42.49
N TRP C 255 -20.61 -6.34 41.88
CA TRP C 255 -20.99 -4.94 42.01
C TRP C 255 -22.44 -4.68 42.37
N GLY C 256 -23.33 -5.66 42.22
CA GLY C 256 -24.77 -5.44 42.34
C GLY C 256 -25.51 -5.02 41.09
N ARG C 257 -24.91 -5.16 39.91
CA ARG C 257 -25.63 -4.82 38.68
C ARG C 257 -26.87 -5.69 38.50
N PHE C 258 -26.81 -6.95 38.90
CA PHE C 258 -27.97 -7.84 38.89
C PHE C 258 -28.05 -8.62 40.20
N TRP C 259 -29.26 -8.68 40.76
CA TRP C 259 -29.58 -9.48 41.93
C TRP C 259 -30.11 -10.88 41.57
N THR C 260 -29.70 -11.42 40.41
CA THR C 260 -30.25 -12.69 39.95
C THR C 260 -29.96 -13.84 40.93
N ASN C 261 -28.76 -13.88 41.50
CA ASN C 261 -28.39 -15.01 42.34
C ASN C 261 -28.95 -14.90 43.74
N LEU C 262 -29.84 -13.94 43.99
CA LEU C 262 -30.56 -13.89 45.25
C LEU C 262 -31.91 -14.60 45.20
N TYR C 263 -32.25 -15.26 44.09
CA TYR C 263 -33.58 -15.85 43.97
C TYR C 263 -33.76 -17.01 44.95
N SER C 264 -32.69 -17.77 45.17
CA SER C 264 -32.71 -18.88 46.12
C SER C 264 -32.92 -18.40 47.54
N LEU C 265 -32.52 -17.17 47.85
CA LEU C 265 -32.65 -16.60 49.18
C LEU C 265 -33.90 -15.76 49.37
N THR C 266 -34.56 -15.38 48.27
CA THR C 266 -35.73 -14.45 48.38
C THR C 266 -36.95 -15.03 47.66
N VAL C 267 -36.99 -16.34 47.44
CA VAL C 267 -38.13 -16.92 46.67
C VAL C 267 -39.41 -16.65 47.47
N PRO C 268 -40.49 -16.13 46.85
CA PRO C 268 -41.71 -15.79 47.59
C PRO C 268 -42.37 -16.99 48.29
N PHE C 269 -42.46 -18.14 47.60
CA PHE C 269 -43.05 -19.35 48.23
C PHE C 269 -42.07 -20.53 48.15
N GLY C 270 -41.71 -21.09 49.30
CA GLY C 270 -40.82 -22.27 49.33
C GLY C 270 -41.46 -23.49 48.71
N GLN C 271 -42.77 -23.68 48.94
CA GLN C 271 -43.48 -24.89 48.45
C GLN C 271 -43.43 -24.91 46.92
N LYS C 272 -43.64 -23.77 46.26
CA LYS C 272 -43.66 -23.74 44.78
C LYS C 272 -42.24 -23.98 44.25
N PRO C 273 -42.06 -24.87 43.25
CA PRO C 273 -40.73 -25.13 42.67
C PRO C 273 -40.20 -23.96 41.82
N ASN C 274 -38.88 -23.78 41.80
CA ASN C 274 -38.28 -22.73 40.92
C ASN C 274 -38.52 -23.12 39.46
N ILE C 275 -38.76 -22.14 38.59
CA ILE C 275 -39.10 -22.49 37.17
C ILE C 275 -37.79 -22.71 36.39
N ASP C 276 -37.57 -23.94 35.91
CA ASP C 276 -36.37 -24.25 35.10
C ASP C 276 -36.76 -25.26 34.02
N VAL C 277 -36.11 -25.22 32.85
CA VAL C 277 -36.39 -26.22 31.78
C VAL C 277 -35.06 -26.83 31.33
N THR C 278 -33.98 -26.59 32.08
CA THR C 278 -32.68 -27.13 31.71
C THR C 278 -32.73 -28.66 31.70
N ASP C 279 -33.35 -29.24 32.73
CA ASP C 279 -33.42 -30.69 32.81
C ASP C 279 -34.27 -31.26 31.69
N ALA C 280 -35.31 -30.53 31.29
CA ALA C 280 -36.14 -30.96 30.16
C ALA C 280 -35.36 -30.93 28.85
N MET C 281 -34.55 -29.89 28.60
CA MET C 281 -33.74 -29.85 27.38
C MET C 281 -32.78 -31.02 27.29
N VAL C 282 -32.12 -31.37 28.39
CA VAL C 282 -31.16 -32.48 28.33
C VAL C 282 -31.88 -33.81 28.14
N ASP C 283 -33.05 -33.97 28.78
CA ASP C 283 -33.80 -35.21 28.68
C ASP C 283 -34.51 -35.35 27.34
N GLN C 284 -34.78 -34.23 26.66
CA GLN C 284 -35.35 -34.26 25.33
C GLN C 284 -34.23 -34.30 24.31
N ALA C 285 -34.46 -35.04 23.21
CA ALA C 285 -33.50 -35.07 22.12
C ALA C 285 -33.09 -33.64 21.79
N TRP C 286 -31.82 -33.32 21.95
CA TRP C 286 -31.37 -32.00 21.55
C TRP C 286 -30.36 -32.03 20.41
N ASP C 287 -30.43 -30.97 19.62
CA ASP C 287 -29.50 -30.62 18.55
C ASP C 287 -29.22 -29.12 18.77
N ALA C 288 -27.94 -28.74 18.80
CA ALA C 288 -27.57 -27.32 18.97
C ALA C 288 -28.16 -26.51 17.82
N GLN C 289 -28.13 -27.09 16.61
CA GLN C 289 -28.73 -26.40 15.44
C GLN C 289 -30.23 -26.24 15.71
N ARG C 290 -30.87 -27.27 16.28
CA ARG C 290 -32.34 -27.23 16.54
C ARG C 290 -32.66 -26.08 17.51
N ILE C 291 -31.79 -25.84 18.49
CA ILE C 291 -32.05 -24.77 19.49
C ILE C 291 -32.13 -23.42 18.77
N PHE C 292 -31.23 -23.19 17.80
CA PHE C 292 -31.27 -21.93 17.01
C PHE C 292 -32.37 -22.00 15.96
N LYS C 293 -32.63 -23.20 15.41
CA LYS C 293 -33.69 -23.38 14.42
C LYS C 293 -35.05 -23.10 15.06
N GLU C 294 -35.21 -23.51 16.33
CA GLU C 294 -36.47 -23.25 17.00
C GLU C 294 -36.68 -21.74 17.19
N ALA C 295 -35.62 -21.02 17.54
CA ALA C 295 -35.72 -19.57 17.59
C ALA C 295 -36.10 -19.02 16.23
N GLU C 296 -35.49 -19.56 15.16
CA GLU C 296 -35.83 -19.14 13.80
C GLU C 296 -37.29 -19.43 13.48
N LYS C 297 -37.79 -20.61 13.87
CA LYS C 297 -39.21 -20.92 13.68
C LYS C 297 -40.10 -19.93 14.41
N PHE C 298 -39.69 -19.50 15.61
CA PHE C 298 -40.45 -18.50 16.34
C PHE C 298 -40.56 -17.19 15.56
N PHE C 299 -39.44 -16.70 15.03
CA PHE C 299 -39.43 -15.43 14.32
C PHE C 299 -40.23 -15.48 13.02
N VAL C 300 -40.20 -16.61 12.31
CA VAL C 300 -41.00 -16.70 11.09
C VAL C 300 -42.50 -16.76 11.39
N SER C 301 -42.88 -17.30 12.55
CA SER C 301 -44.30 -17.41 12.89
C SER C 301 -44.99 -16.07 13.06
N VAL C 302 -44.24 -14.98 13.19
CA VAL C 302 -44.81 -13.64 13.36
C VAL C 302 -44.63 -12.79 12.12
N GLY C 303 -44.23 -13.39 11.00
CA GLY C 303 -44.12 -12.70 9.73
C GLY C 303 -42.75 -12.21 9.33
N LEU C 304 -41.68 -12.65 10.00
CA LEU C 304 -40.32 -12.25 9.67
C LEU C 304 -39.62 -13.32 8.82
N PRO C 305 -38.57 -12.95 8.09
CA PRO C 305 -37.93 -13.93 7.20
C PRO C 305 -37.10 -14.96 7.96
N ASN C 306 -36.80 -16.05 7.26
CA ASN C 306 -35.83 -17.03 7.72
C ASN C 306 -34.46 -16.39 7.96
N MET C 307 -33.58 -17.18 8.57
CA MET C 307 -32.16 -16.86 8.56
C MET C 307 -31.56 -17.20 7.21
N THR C 308 -30.52 -16.46 6.84
CA THR C 308 -29.88 -16.61 5.55
C THR C 308 -29.00 -17.86 5.53
N GLN C 309 -28.87 -18.46 4.33
CA GLN C 309 -27.95 -19.58 4.14
C GLN C 309 -26.50 -19.23 4.53
N GLY C 310 -26.10 -17.97 4.33
CA GLY C 310 -24.80 -17.53 4.80
C GLY C 310 -24.67 -17.58 6.32
N PHE C 311 -25.73 -17.21 7.03
CA PHE C 311 -25.76 -17.33 8.49
C PHE C 311 -25.56 -18.76 8.96
N TRP C 312 -26.35 -19.71 8.44
CA TRP C 312 -26.23 -21.08 8.91
C TRP C 312 -24.88 -21.69 8.57
N GLU C 313 -24.24 -21.21 7.51
CA GLU C 313 -22.95 -21.73 7.07
C GLU C 313 -21.76 -21.07 7.75
N ASN C 314 -21.88 -19.80 8.15
CA ASN C 314 -20.72 -19.05 8.61
C ASN C 314 -20.75 -18.80 10.11
N SER C 315 -21.91 -18.95 10.74
CA SER C 315 -22.05 -18.75 12.16
C SER C 315 -21.28 -19.84 12.90
N MET C 316 -20.90 -19.54 14.13
CA MET C 316 -20.24 -20.50 15.01
C MET C 316 -21.20 -20.74 16.16
N LEU C 317 -21.83 -21.92 16.14
CA LEU C 317 -22.94 -22.27 17.02
C LEU C 317 -22.53 -23.24 18.12
N THR C 318 -21.28 -23.69 18.15
CA THR C 318 -20.83 -24.57 19.23
C THR C 318 -19.45 -24.12 19.70
N ASP C 319 -19.13 -24.50 20.93
CA ASP C 319 -17.79 -24.25 21.43
C ASP C 319 -16.83 -25.03 20.53
N PRO C 320 -15.86 -24.38 19.89
CA PRO C 320 -14.99 -25.14 18.98
C PRO C 320 -14.03 -26.07 19.69
N GLY C 321 -13.97 -26.02 21.01
CA GLY C 321 -13.17 -26.95 21.78
C GLY C 321 -11.90 -26.33 22.32
N ASN C 322 -10.98 -27.21 22.71
CA ASN C 322 -9.72 -26.82 23.34
C ASN C 322 -8.70 -26.46 22.27
N VAL C 323 -8.81 -27.08 21.10
CA VAL C 323 -7.89 -26.87 19.98
C VAL C 323 -8.08 -25.49 19.39
N GLN C 324 -9.30 -24.97 19.41
CA GLN C 324 -9.63 -23.69 18.79
C GLN C 324 -10.24 -22.78 19.86
N LYS C 325 -9.47 -21.81 20.31
CA LYS C 325 -9.96 -20.90 21.33
C LYS C 325 -10.59 -19.70 20.66
N ALA C 326 -11.75 -19.29 21.18
CA ALA C 326 -12.53 -18.21 20.59
C ALA C 326 -13.06 -17.35 21.71
N VAL C 327 -13.64 -16.21 21.35
CA VAL C 327 -14.26 -15.34 22.33
C VAL C 327 -15.71 -15.78 22.45
N CYS C 328 -16.16 -16.06 23.68
CA CYS C 328 -17.44 -16.73 23.89
C CYS C 328 -18.52 -15.76 24.38
N HIS C 329 -18.20 -14.48 24.51
CA HIS C 329 -19.21 -13.48 24.84
C HIS C 329 -20.26 -13.49 23.73
N PRO C 330 -21.53 -13.74 24.03
CA PRO C 330 -22.53 -13.80 22.96
C PRO C 330 -22.62 -12.48 22.22
N THR C 331 -22.45 -12.55 20.90
CA THR C 331 -22.45 -11.38 20.04
C THR C 331 -23.20 -11.69 18.76
N ALA C 332 -23.88 -10.68 18.23
CA ALA C 332 -24.58 -10.77 16.95
C ALA C 332 -23.83 -9.87 15.96
N TRP C 333 -23.23 -10.48 14.95
CA TRP C 333 -22.34 -9.77 14.04
C TRP C 333 -23.12 -9.38 12.79
N ASP C 334 -23.11 -8.08 12.49
CA ASP C 334 -23.59 -7.53 11.23
C ASP C 334 -22.36 -7.09 10.44
N LEU C 335 -21.83 -8.00 9.63
CA LEU C 335 -20.59 -7.73 8.91
C LEU C 335 -20.79 -6.81 7.71
N GLY C 336 -22.02 -6.62 7.26
CA GLY C 336 -22.28 -5.92 6.01
C GLY C 336 -22.29 -6.86 4.81
N LYS C 337 -22.70 -6.29 3.68
CA LYS C 337 -22.88 -7.04 2.43
C LYS C 337 -23.78 -8.25 2.63
N GLY C 338 -24.79 -8.08 3.47
CA GLY C 338 -25.70 -9.17 3.73
C GLY C 338 -25.13 -10.32 4.51
N ASP C 339 -23.98 -10.13 5.15
CA ASP C 339 -23.35 -11.20 5.92
C ASP C 339 -23.77 -11.02 7.37
N PHE C 340 -24.52 -12.00 7.90
CA PHE C 340 -24.99 -11.97 9.28
C PHE C 340 -24.59 -13.27 9.95
N ARG C 341 -24.00 -13.17 11.14
CA ARG C 341 -23.53 -14.33 11.87
C ARG C 341 -23.86 -14.15 13.34
N ILE C 342 -23.77 -15.24 14.08
CA ILE C 342 -23.86 -15.22 15.53
C ILE C 342 -22.68 -16.00 16.07
N LEU C 343 -21.97 -15.40 17.02
CA LEU C 343 -20.83 -16.03 17.68
C LEU C 343 -21.26 -16.32 19.12
N MET C 344 -21.36 -17.61 19.45
CA MET C 344 -21.87 -18.02 20.76
C MET C 344 -21.42 -19.44 21.03
N CYS C 345 -20.85 -19.67 22.21
CA CYS C 345 -20.44 -21.01 22.62
C CYS C 345 -21.61 -21.64 23.38
N THR C 346 -22.66 -21.97 22.63
CA THR C 346 -23.92 -22.34 23.25
C THR C 346 -23.84 -23.65 24.03
N LYS C 347 -24.31 -23.61 25.26
CA LYS C 347 -24.61 -24.80 26.04
C LYS C 347 -26.11 -25.04 26.06
N VAL C 348 -26.50 -26.24 26.48
CA VAL C 348 -27.91 -26.65 26.50
C VAL C 348 -28.42 -26.21 27.87
N THR C 349 -28.76 -24.92 27.96
CA THR C 349 -29.25 -24.36 29.21
C THR C 349 -30.37 -23.38 28.92
N MET C 350 -31.20 -23.15 29.93
CA MET C 350 -32.32 -22.21 29.81
C MET C 350 -31.85 -20.77 29.59
N ASP C 351 -30.77 -20.37 30.28
CA ASP C 351 -30.25 -19.02 30.08
C ASP C 351 -29.80 -18.79 28.64
N ASP C 352 -29.15 -19.78 28.05
CA ASP C 352 -28.69 -19.67 26.67
C ASP C 352 -29.85 -19.71 25.66
N PHE C 353 -30.94 -20.42 25.97
CA PHE C 353 -32.12 -20.37 25.11
C PHE C 353 -32.68 -18.94 24.95
N LEU C 354 -32.93 -18.23 26.05
CA LEU C 354 -33.47 -16.88 25.92
C LEU C 354 -32.47 -15.95 25.25
N THR C 355 -31.19 -16.08 25.57
CA THR C 355 -30.18 -15.21 24.96
C THR C 355 -29.99 -15.54 23.49
N ALA C 356 -30.24 -16.79 23.09
CA ALA C 356 -30.22 -17.11 21.67
C ALA C 356 -31.35 -16.36 20.95
N HIS C 357 -32.54 -16.33 21.56
CA HIS C 357 -33.62 -15.49 21.04
C HIS C 357 -33.21 -14.03 20.97
N HIS C 358 -32.53 -13.54 22.01
CA HIS C 358 -32.10 -12.15 22.05
C HIS C 358 -31.13 -11.83 20.91
N GLU C 359 -30.09 -12.64 20.73
CA GLU C 359 -29.10 -12.36 19.70
C GLU C 359 -29.69 -12.50 18.30
N MET C 360 -30.58 -13.47 18.09
CA MET C 360 -31.22 -13.58 16.78
C MET C 360 -32.19 -12.42 16.55
N GLY C 361 -32.73 -11.84 17.61
CA GLY C 361 -33.46 -10.59 17.45
C GLY C 361 -32.58 -9.47 16.95
N HIS C 362 -31.37 -9.35 17.50
CA HIS C 362 -30.37 -8.45 16.96
C HIS C 362 -30.18 -8.66 15.45
N ILE C 363 -30.01 -9.92 15.04
CA ILE C 363 -29.75 -10.22 13.64
C ILE C 363 -30.93 -9.81 12.76
N GLN C 364 -32.16 -10.00 13.27
CA GLN C 364 -33.31 -9.59 12.47
C GLN C 364 -33.33 -8.07 12.33
N TYR C 365 -33.05 -7.35 13.41
CA TYR C 365 -32.86 -5.90 13.32
C TYR C 365 -31.79 -5.64 12.28
N ASP C 366 -30.67 -6.35 12.40
CA ASP C 366 -29.56 -6.19 11.48
C ASP C 366 -29.99 -6.55 10.06
N MET C 367 -30.77 -7.63 9.92
CA MET C 367 -31.28 -7.96 8.59
C MET C 367 -32.18 -6.85 8.08
N ALA C 368 -32.92 -6.21 8.98
CA ALA C 368 -33.86 -5.19 8.55
C ALA C 368 -33.06 -3.96 8.13
N TYR C 369 -33.77 -2.97 7.61
CA TYR C 369 -33.19 -1.68 7.17
C TYR C 369 -31.92 -1.90 6.34
N ALA C 370 -31.83 -3.04 5.67
CA ALA C 370 -30.61 -3.34 4.91
C ALA C 370 -30.53 -2.49 3.66
N ALA C 371 -31.68 -2.07 3.14
CA ALA C 371 -31.71 -1.25 1.94
C ALA C 371 -31.38 0.20 2.24
N GLN C 372 -31.29 0.56 3.51
CA GLN C 372 -30.89 1.91 3.87
C GLN C 372 -29.41 2.14 3.54
N PRO C 373 -29.02 3.39 3.29
CA PRO C 373 -27.59 3.70 3.14
C PRO C 373 -26.77 3.35 4.37
N PHE C 374 -25.46 3.22 4.14
CA PHE C 374 -24.54 2.67 5.15
C PHE C 374 -24.70 3.35 6.51
N LEU C 375 -24.50 4.67 6.55
CA LEU C 375 -24.47 5.41 7.81
C LEU C 375 -25.81 5.39 8.53
N LEU C 376 -26.85 4.81 7.92
CA LEU C 376 -28.16 4.67 8.54
C LEU C 376 -28.41 3.24 8.98
N ARG C 377 -27.41 2.37 8.85
CA ARG C 377 -27.53 0.98 9.29
C ARG C 377 -27.11 0.97 10.76
N ASN C 378 -28.07 1.30 11.61
CA ASN C 378 -27.86 1.41 13.05
C ASN C 378 -29.23 1.56 13.71
N GLY C 379 -29.25 1.27 15.01
CA GLY C 379 -30.48 1.42 15.77
C GLY C 379 -30.93 2.87 15.85
N ALA C 380 -32.24 3.04 16.10
CA ALA C 380 -32.81 4.38 16.19
C ALA C 380 -32.05 5.23 17.20
N ASN C 381 -31.78 4.66 18.37
CA ASN C 381 -30.79 5.20 19.29
C ASN C 381 -30.01 4.03 19.88
N GLU C 382 -29.20 4.29 20.90
CA GLU C 382 -28.33 3.24 21.43
C GLU C 382 -29.09 2.15 22.15
N GLY C 383 -30.35 2.37 22.47
CA GLY C 383 -31.10 1.36 23.20
C GLY C 383 -31.98 0.41 22.42
N PHE C 384 -32.16 0.65 21.13
CA PHE C 384 -33.20 -0.07 20.39
C PHE C 384 -32.85 -1.54 20.15
N HIS C 385 -31.60 -1.84 19.77
CA HIS C 385 -31.22 -3.23 19.49
C HIS C 385 -31.39 -4.16 20.69
N GLU C 386 -30.86 -3.78 21.85
CA GLU C 386 -30.97 -4.62 23.03
C GLU C 386 -32.41 -4.73 23.54
N ALA C 387 -33.19 -3.65 23.41
CA ALA C 387 -34.60 -3.69 23.81
C ALA C 387 -35.37 -4.72 23.00
N VAL C 388 -35.10 -4.81 21.70
CA VAL C 388 -35.78 -5.77 20.84
C VAL C 388 -35.43 -7.20 21.25
N GLY C 389 -34.15 -7.48 21.46
CA GLY C 389 -33.74 -8.79 21.94
C GLY C 389 -34.46 -9.19 23.22
N GLU C 390 -34.67 -8.23 24.13
CA GLU C 390 -35.28 -8.56 25.42
C GLU C 390 -36.77 -8.89 25.32
N ILE C 391 -37.52 -8.24 24.42
CA ILE C 391 -38.92 -8.63 24.26
C ILE C 391 -39.01 -10.03 23.67
N MET C 392 -38.08 -10.38 22.77
CA MET C 392 -37.99 -11.76 22.30
C MET C 392 -37.80 -12.73 23.47
N SER C 393 -36.86 -12.45 24.36
CA SER C 393 -36.57 -13.37 25.45
C SER C 393 -37.72 -13.46 26.44
N LEU C 394 -38.43 -12.35 26.70
CA LEU C 394 -39.62 -12.41 27.55
C LEU C 394 -40.70 -13.30 26.96
N SER C 395 -41.03 -13.10 25.69
CA SER C 395 -42.04 -13.94 25.03
C SER C 395 -41.64 -15.41 25.08
N ALA C 396 -40.35 -15.70 24.89
CA ALA C 396 -39.88 -17.09 24.94
C ALA C 396 -39.90 -17.63 26.37
N ALA C 397 -39.80 -16.74 27.37
CA ALA C 397 -39.75 -17.17 28.75
C ALA C 397 -41.14 -17.42 29.33
N THR C 398 -42.19 -16.93 28.70
CA THR C 398 -43.52 -17.15 29.22
C THR C 398 -43.80 -18.65 29.27
N PRO C 399 -44.48 -19.14 30.30
CA PRO C 399 -44.77 -20.58 30.40
C PRO C 399 -45.64 -21.10 29.26
N LYS C 400 -46.53 -20.27 28.72
CA LYS C 400 -47.36 -20.71 27.59
C LYS C 400 -46.48 -21.10 26.40
N HIS C 401 -45.51 -20.26 26.05
CA HIS C 401 -44.60 -20.62 24.98
C HIS C 401 -43.80 -21.86 25.34
N LEU C 402 -43.29 -21.93 26.57
CA LEU C 402 -42.52 -23.10 26.99
C LEU C 402 -43.34 -24.37 26.88
N LYS C 403 -44.63 -24.29 27.21
CA LYS C 403 -45.51 -25.45 27.07
C LYS C 403 -45.74 -25.80 25.60
N SER C 404 -46.01 -24.79 24.77
CA SER C 404 -46.32 -25.02 23.33
C SER C 404 -45.16 -25.73 22.62
N ILE C 405 -43.92 -25.29 22.87
CA ILE C 405 -42.73 -25.95 22.26
C ILE C 405 -42.62 -27.39 22.79
N GLY C 406 -43.12 -27.63 24.01
CA GLY C 406 -43.12 -28.99 24.59
C GLY C 406 -41.95 -29.23 25.52
N LEU C 407 -41.03 -28.27 25.64
CA LEU C 407 -39.93 -28.43 26.62
C LEU C 407 -40.55 -28.46 28.03
N LEU C 408 -41.53 -27.60 28.29
CA LEU C 408 -42.23 -27.61 29.61
C LEU C 408 -43.39 -28.61 29.54
N SER C 409 -43.50 -29.49 30.53
CA SER C 409 -44.63 -30.45 30.59
C SER C 409 -45.93 -29.66 30.78
N PRO C 410 -47.07 -30.06 30.18
CA PRO C 410 -48.30 -29.27 30.27
C PRO C 410 -49.05 -29.48 31.59
N ASP C 411 -48.36 -29.30 32.72
CA ASP C 411 -49.03 -29.40 34.05
C ASP C 411 -50.03 -28.25 34.18
N PHE C 412 -49.66 -27.05 33.70
CA PHE C 412 -50.54 -25.85 33.78
C PHE C 412 -50.92 -25.59 35.24
N GLN C 413 -49.95 -25.77 36.16
CA GLN C 413 -50.21 -25.50 37.60
C GLN C 413 -49.89 -24.02 37.87
N GLU C 414 -50.52 -23.11 37.12
CA GLU C 414 -50.27 -21.69 37.29
C GLU C 414 -51.07 -21.25 38.51
N ASP C 415 -50.47 -21.39 39.68
CA ASP C 415 -51.10 -20.87 40.87
C ASP C 415 -51.04 -19.34 40.83
N ASN C 416 -51.66 -18.69 41.80
CA ASN C 416 -51.35 -17.28 41.97
C ASN C 416 -50.00 -17.10 42.64
N GLU C 417 -49.36 -18.19 43.09
CA GLU C 417 -48.04 -18.20 43.68
C GLU C 417 -46.92 -18.48 42.68
N THR C 418 -47.16 -19.36 41.71
CA THR C 418 -46.19 -19.53 40.62
C THR C 418 -46.03 -18.24 39.82
N GLU C 419 -47.11 -17.49 39.66
CA GLU C 419 -47.06 -16.22 38.95
C GLU C 419 -46.25 -15.18 39.71
N ILE C 420 -46.42 -15.13 41.04
CA ILE C 420 -45.66 -14.20 41.85
C ILE C 420 -44.18 -14.60 41.89
N ASN C 421 -43.91 -15.92 41.90
CA ASN C 421 -42.53 -16.40 41.82
C ASN C 421 -41.82 -15.89 40.57
N PHE C 422 -42.45 -16.06 39.40
CA PHE C 422 -41.84 -15.63 38.14
C PHE C 422 -41.62 -14.12 38.13
N LEU C 423 -42.59 -13.34 38.61
CA LEU C 423 -42.51 -11.88 38.60
C LEU C 423 -41.43 -11.38 39.57
N LEU C 424 -41.26 -12.06 40.71
CA LEU C 424 -40.22 -11.68 41.65
C LEU C 424 -38.81 -11.88 41.07
N LYS C 425 -38.59 -12.99 40.38
CA LYS C 425 -37.29 -13.22 39.75
C LYS C 425 -37.01 -12.19 38.66
N GLN C 426 -38.04 -11.79 37.92
CA GLN C 426 -37.87 -10.73 36.94
C GLN C 426 -37.46 -9.42 37.60
N ALA C 427 -38.03 -9.09 38.76
CA ALA C 427 -37.74 -7.80 39.35
C ALA C 427 -36.30 -7.74 39.87
N LEU C 428 -35.84 -8.83 40.48
CA LEU C 428 -34.45 -8.91 40.94
C LEU C 428 -33.49 -8.48 39.85
N THR C 429 -33.81 -8.83 38.60
CA THR C 429 -33.03 -8.51 37.41
C THR C 429 -33.37 -7.14 36.84
N ILE C 430 -34.67 -6.86 36.65
CA ILE C 430 -35.08 -5.71 35.84
C ILE C 430 -35.04 -4.42 36.65
N VAL C 431 -35.62 -4.41 37.85
CA VAL C 431 -35.59 -3.20 38.66
C VAL C 431 -34.33 -3.08 39.50
N GLY C 432 -33.66 -4.20 39.82
CA GLY C 432 -32.40 -4.10 40.55
C GLY C 432 -31.31 -3.37 39.80
N THR C 433 -31.37 -3.35 38.47
CA THR C 433 -30.30 -2.75 37.70
C THR C 433 -30.54 -1.25 37.43
N LEU C 434 -31.77 -0.76 37.65
CA LEU C 434 -32.09 0.60 37.25
C LEU C 434 -31.42 1.65 38.14
N PRO C 435 -31.50 1.57 39.49
CA PRO C 435 -30.76 2.56 40.29
C PRO C 435 -29.27 2.46 40.06
N PHE C 436 -28.77 1.24 39.90
CA PHE C 436 -27.37 1.05 39.58
C PHE C 436 -27.04 1.79 38.29
N THR C 437 -27.85 1.56 37.24
CA THR C 437 -27.61 2.20 35.95
C THR C 437 -27.73 3.70 36.05
N TYR C 438 -28.79 4.17 36.67
CA TYR C 438 -28.97 5.60 36.77
C TYR C 438 -27.86 6.26 37.58
N MET C 439 -27.42 5.63 38.67
CA MET C 439 -26.40 6.26 39.52
C MET C 439 -25.04 6.32 38.84
N LEU C 440 -24.65 5.23 38.16
CA LEU C 440 -23.38 5.22 37.49
C LEU C 440 -23.31 6.35 36.47
N GLU C 441 -24.33 6.49 35.63
CA GLU C 441 -24.28 7.55 34.64
C GLU C 441 -24.42 8.93 35.28
N LYS C 442 -25.18 9.04 36.36
CA LYS C 442 -25.27 10.33 37.05
C LYS C 442 -23.93 10.73 37.66
N TRP C 443 -23.25 9.79 38.32
CA TRP C 443 -21.93 10.07 38.86
C TRP C 443 -20.94 10.41 37.75
N ARG C 444 -20.97 9.64 36.67
CA ARG C 444 -20.07 9.85 35.55
C ARG C 444 -20.33 11.20 34.89
N TRP C 445 -21.61 11.52 34.66
CA TRP C 445 -21.98 12.82 34.11
C TRP C 445 -21.45 13.96 34.97
N MET C 446 -21.63 13.85 36.29
CA MET C 446 -21.19 14.90 37.20
C MET C 446 -19.67 15.01 37.22
N VAL C 447 -18.96 13.88 37.13
CA VAL C 447 -17.51 13.91 37.10
C VAL C 447 -17.03 14.62 35.84
N PHE C 448 -17.63 14.30 34.69
CA PHE C 448 -17.26 14.97 33.45
C PHE C 448 -17.55 16.46 33.52
N LYS C 449 -18.66 16.85 34.17
CA LYS C 449 -19.00 18.27 34.30
C LYS C 449 -18.07 19.01 35.27
N GLY C 450 -17.24 18.30 36.02
CA GLY C 450 -16.38 18.95 36.99
C GLY C 450 -17.05 19.42 38.26
N GLU C 451 -18.16 18.77 38.65
CA GLU C 451 -18.87 19.10 39.88
C GLU C 451 -18.40 18.27 41.07
N ILE C 452 -17.68 17.19 40.82
CA ILE C 452 -17.14 16.34 41.88
C ILE C 452 -15.63 16.53 41.86
N PRO C 453 -15.08 17.26 42.82
CA PRO C 453 -13.63 17.46 42.91
C PRO C 453 -12.86 16.16 43.05
N LYS C 454 -11.57 16.27 42.73
CA LYS C 454 -10.69 15.11 42.76
C LYS C 454 -10.57 14.52 44.15
N ASP C 455 -10.61 15.37 45.16
CA ASP C 455 -10.46 15.00 46.57
C ASP C 455 -11.74 14.42 47.17
N GLN C 456 -12.83 14.30 46.39
CA GLN C 456 -14.03 13.65 46.90
C GLN C 456 -14.73 12.77 45.88
N TRP C 457 -13.99 12.13 44.98
CA TRP C 457 -14.61 11.18 44.06
C TRP C 457 -15.33 10.08 44.84
N MET C 458 -14.61 9.36 45.69
CA MET C 458 -15.21 8.25 46.43
C MET C 458 -16.21 8.71 47.50
N LYS C 459 -15.97 9.86 48.14
CA LYS C 459 -16.95 10.40 49.08
C LYS C 459 -18.31 10.58 48.43
N LYS C 460 -18.35 11.33 47.32
CA LYS C 460 -19.62 11.54 46.64
C LYS C 460 -20.15 10.27 46.01
N TRP C 461 -19.26 9.38 45.55
CA TRP C 461 -19.69 8.12 44.99
C TRP C 461 -20.49 7.32 46.01
N TRP C 462 -19.97 7.19 47.23
CA TRP C 462 -20.66 6.39 48.23
C TRP C 462 -21.80 7.17 48.88
N GLU C 463 -21.67 8.50 48.97
CA GLU C 463 -22.81 9.31 49.34
C GLU C 463 -23.98 9.09 48.39
N MET C 464 -23.70 9.09 47.09
CA MET C 464 -24.73 8.86 46.09
C MET C 464 -25.22 7.42 46.11
N LYS C 465 -24.29 6.47 46.31
CA LYS C 465 -24.62 5.06 46.49
C LYS C 465 -25.72 4.86 47.54
N ARG C 466 -25.47 5.31 48.77
CA ARG C 466 -26.45 5.19 49.85
C ARG C 466 -27.83 5.72 49.44
N GLU C 467 -27.91 7.01 49.10
CA GLU C 467 -29.21 7.65 48.92
C GLU C 467 -30.06 6.98 47.84
N ILE C 468 -29.48 6.69 46.66
CA ILE C 468 -30.31 6.24 45.55
C ILE C 468 -30.56 4.73 45.59
N VAL C 469 -29.49 3.90 45.60
CA VAL C 469 -29.69 2.46 45.48
C VAL C 469 -29.99 1.82 46.83
N GLY C 470 -29.70 2.51 47.94
CA GLY C 470 -29.88 1.86 49.22
C GLY C 470 -28.84 0.81 49.53
N VAL C 471 -27.60 1.04 49.11
CA VAL C 471 -26.51 0.08 49.27
C VAL C 471 -25.33 0.81 49.93
N VAL C 472 -24.69 0.15 50.89
CA VAL C 472 -23.63 0.74 51.70
C VAL C 472 -22.40 -0.15 51.62
N GLU C 473 -21.23 0.47 51.57
CA GLU C 473 -19.98 -0.28 51.46
C GLU C 473 -19.69 -1.01 52.77
N PRO C 474 -19.18 -2.25 52.69
CA PRO C 474 -18.84 -3.01 53.90
C PRO C 474 -17.57 -2.56 54.60
N VAL C 475 -16.65 -1.96 53.85
CA VAL C 475 -15.43 -1.38 54.44
C VAL C 475 -15.19 -0.01 53.85
N PRO C 476 -14.60 0.88 54.65
CA PRO C 476 -14.39 2.26 54.19
C PRO C 476 -13.33 2.37 53.12
N HIS C 477 -13.53 3.33 52.21
CA HIS C 477 -12.61 3.49 51.10
C HIS C 477 -12.23 4.96 51.06
N ASP C 478 -10.92 5.24 51.08
CA ASP C 478 -10.47 6.61 50.94
C ASP C 478 -10.28 6.91 49.45
N GLU C 479 -9.63 8.02 49.12
CA GLU C 479 -9.47 8.36 47.72
C GLU C 479 -8.37 7.57 47.05
N THR C 480 -7.70 6.68 47.77
CA THR C 480 -6.74 5.78 47.14
C THR C 480 -7.47 4.75 46.28
N TYR C 481 -8.63 4.30 46.74
CA TYR C 481 -9.38 3.29 46.00
C TYR C 481 -10.00 3.95 44.76
N CYS C 482 -10.50 3.12 43.85
CA CYS C 482 -11.24 3.64 42.69
C CYS C 482 -12.35 2.69 42.26
N ASP C 483 -13.29 2.44 43.17
CA ASP C 483 -14.34 1.44 42.93
C ASP C 483 -15.16 1.67 41.67
N PRO C 484 -15.52 2.90 41.26
CA PRO C 484 -16.24 3.06 39.97
C PRO C 484 -15.52 2.46 38.78
N ALA C 485 -14.20 2.57 38.71
CA ALA C 485 -13.44 1.98 37.60
C ALA C 485 -13.36 0.47 37.65
N SER C 486 -13.82 -0.16 38.73
CA SER C 486 -13.90 -1.61 38.84
C SER C 486 -15.02 -2.25 38.04
N LEU C 487 -15.77 -1.50 37.24
CA LEU C 487 -16.78 -2.09 36.36
C LEU C 487 -16.31 -2.09 34.91
N PHE C 488 -16.71 -3.12 34.18
CA PHE C 488 -16.24 -3.33 32.81
C PHE C 488 -16.58 -2.15 31.92
N HIS C 489 -17.85 -1.74 31.93
CA HIS C 489 -18.30 -0.67 31.05
C HIS C 489 -17.61 0.66 31.34
N VAL C 490 -17.28 0.90 32.61
CA VAL C 490 -16.62 2.15 32.99
C VAL C 490 -15.17 2.15 32.56
N SER C 491 -14.45 1.05 32.80
CA SER C 491 -13.04 0.97 32.47
C SER C 491 -12.77 0.69 30.99
N ASN C 492 -13.81 0.46 30.19
CA ASN C 492 -13.66 0.19 28.76
C ASN C 492 -14.39 1.23 27.90
N ASP C 493 -14.71 2.39 28.48
CA ASP C 493 -15.17 3.55 27.73
C ASP C 493 -16.48 3.27 27.00
N TYR C 494 -17.41 2.62 27.70
CA TYR C 494 -18.75 2.38 27.17
C TYR C 494 -19.75 3.18 28.00
N SER C 495 -20.65 3.89 27.33
CA SER C 495 -21.75 4.55 28.03
C SER C 495 -22.65 3.49 28.65
N PHE C 496 -23.42 3.92 29.65
CA PHE C 496 -24.21 2.99 30.46
C PHE C 496 -25.69 3.29 30.47
N ILE C 497 -26.11 4.52 30.18
CA ILE C 497 -27.51 4.86 30.20
C ILE C 497 -28.33 4.10 29.17
N ARG C 498 -27.70 3.45 28.18
CA ARG C 498 -28.52 2.64 27.28
C ARG C 498 -29.35 1.63 28.05
N TYR C 499 -28.82 1.12 29.17
CA TYR C 499 -29.51 0.05 29.89
C TYR C 499 -30.74 0.55 30.62
N TYR C 500 -30.69 1.75 31.20
CA TYR C 500 -31.91 2.34 31.75
C TYR C 500 -32.95 2.52 30.65
N THR C 501 -32.56 3.16 29.55
CA THR C 501 -33.47 3.46 28.44
C THR C 501 -34.03 2.19 27.78
N ARG C 502 -33.19 1.16 27.64
CA ARG C 502 -33.65 -0.08 27.01
C ARG C 502 -34.66 -0.83 27.86
N THR C 503 -34.54 -0.75 29.18
CA THR C 503 -35.52 -1.42 30.03
C THR C 503 -36.91 -0.82 29.87
N LEU C 504 -37.00 0.51 29.77
CA LEU C 504 -38.30 1.14 29.53
C LEU C 504 -38.81 0.89 28.12
N TYR C 505 -37.95 1.02 27.11
CA TYR C 505 -38.37 0.79 25.73
C TYR C 505 -38.94 -0.60 25.53
N GLN C 506 -38.34 -1.62 26.16
CA GLN C 506 -38.74 -2.99 25.88
C GLN C 506 -40.14 -3.27 26.38
N PHE C 507 -40.54 -2.68 27.50
CA PHE C 507 -41.89 -2.91 27.99
C PHE C 507 -42.91 -2.06 27.23
N GLN C 508 -42.52 -0.88 26.75
CA GLN C 508 -43.37 -0.16 25.80
C GLN C 508 -43.66 -1.01 24.57
N PHE C 509 -42.62 -1.58 23.98
CA PHE C 509 -42.81 -2.43 22.81
C PHE C 509 -43.64 -3.67 23.13
N GLN C 510 -43.37 -4.30 24.28
CA GLN C 510 -44.10 -5.50 24.66
C GLN C 510 -45.59 -5.20 24.84
N GLU C 511 -45.92 -4.11 25.55
CA GLU C 511 -47.31 -3.72 25.71
C GLU C 511 -47.96 -3.46 24.35
N ALA C 512 -47.26 -2.71 23.49
CA ALA C 512 -47.79 -2.37 22.18
C ALA C 512 -48.04 -3.62 21.35
N LEU C 513 -47.06 -4.53 21.30
CA LEU C 513 -47.20 -5.70 20.43
C LEU C 513 -48.20 -6.70 21.01
N CYS C 514 -48.38 -6.73 22.33
CA CYS C 514 -49.40 -7.59 22.93
C CYS C 514 -50.78 -6.98 22.80
N GLN C 515 -50.89 -5.65 22.85
CA GLN C 515 -52.13 -4.98 22.48
C GLN C 515 -52.49 -5.28 21.03
N ALA C 516 -51.49 -5.29 20.15
CA ALA C 516 -51.73 -5.65 18.76
C ALA C 516 -52.23 -7.09 18.64
N ALA C 517 -51.70 -7.99 19.47
CA ALA C 517 -52.14 -9.39 19.48
C ALA C 517 -53.42 -9.63 20.27
N LYS C 518 -54.14 -8.57 20.67
CA LYS C 518 -55.42 -8.66 21.37
C LYS C 518 -55.32 -9.44 22.68
N HIS C 519 -54.15 -9.45 23.30
CA HIS C 519 -53.99 -10.15 24.57
C HIS C 519 -54.83 -9.47 25.65
N GLU C 520 -55.31 -10.29 26.59
CA GLU C 520 -56.29 -9.85 27.57
C GLU C 520 -55.83 -10.02 29.02
N GLY C 521 -55.09 -11.09 29.33
CA GLY C 521 -54.71 -11.38 30.69
C GLY C 521 -53.63 -10.44 31.19
N PRO C 522 -52.94 -10.80 32.27
CA PRO C 522 -51.80 -9.99 32.71
C PRO C 522 -50.70 -9.92 31.67
N LEU C 523 -50.06 -8.75 31.59
CA LEU C 523 -49.11 -8.49 30.52
C LEU C 523 -47.95 -9.49 30.51
N HIS C 524 -47.46 -9.85 31.70
CA HIS C 524 -46.33 -10.77 31.83
C HIS C 524 -46.63 -12.18 31.33
N LYS C 525 -47.89 -12.52 31.10
CA LYS C 525 -48.28 -13.81 30.55
C LYS C 525 -48.44 -13.77 29.03
N CYS C 526 -47.98 -12.70 28.38
CA CYS C 526 -48.22 -12.51 26.96
C CYS C 526 -47.14 -13.18 26.13
N ASP C 527 -47.56 -13.95 25.13
CA ASP C 527 -46.67 -14.56 24.15
C ASP C 527 -47.12 -14.10 22.77
N ILE C 528 -46.28 -13.31 22.10
CA ILE C 528 -46.62 -12.68 20.82
C ILE C 528 -46.41 -13.63 19.66
N SER C 529 -46.10 -14.90 19.95
CA SER C 529 -45.94 -15.90 18.92
C SER C 529 -47.18 -16.01 18.04
N ASN C 530 -46.96 -16.32 16.76
CA ASN C 530 -48.02 -16.53 15.77
C ASN C 530 -48.82 -15.26 15.50
N SER C 531 -48.25 -14.09 15.75
CA SER C 531 -48.96 -12.82 15.57
C SER C 531 -48.26 -12.03 14.46
N THR C 532 -48.74 -12.20 13.23
CA THR C 532 -48.22 -11.43 12.10
C THR C 532 -48.51 -9.94 12.24
N GLU C 533 -49.58 -9.57 12.95
CA GLU C 533 -49.85 -8.15 13.18
C GLU C 533 -48.78 -7.51 14.06
N ALA C 534 -48.43 -8.16 15.17
CA ALA C 534 -47.35 -7.66 16.01
C ALA C 534 -46.03 -7.68 15.26
N GLY C 535 -45.79 -8.75 14.49
CA GLY C 535 -44.58 -8.81 13.67
C GLY C 535 -44.48 -7.65 12.70
N GLN C 536 -45.58 -7.34 12.01
CA GLN C 536 -45.57 -6.22 11.07
C GLN C 536 -45.35 -4.89 11.77
N LYS C 537 -46.00 -4.68 12.92
CA LYS C 537 -45.82 -3.41 13.63
C LYS C 537 -44.38 -3.23 14.08
N LEU C 538 -43.71 -4.32 14.45
CA LEU C 538 -42.32 -4.19 14.82
C LEU C 538 -41.44 -4.01 13.59
N PHE C 539 -41.77 -4.71 12.48
CA PHE C 539 -40.95 -4.56 11.28
C PHE C 539 -41.09 -3.15 10.71
N ASN C 540 -42.29 -2.56 10.83
CA ASN C 540 -42.52 -1.19 10.38
C ASN C 540 -41.59 -0.20 11.06
N MET C 541 -41.16 -0.50 12.29
CA MET C 541 -40.19 0.29 13.03
C MET C 541 -38.75 -0.13 12.74
N LEU C 542 -38.50 -1.43 12.56
CA LEU C 542 -37.15 -1.93 12.34
C LEU C 542 -36.54 -1.34 11.07
N ARG C 543 -37.34 -1.22 10.01
CA ARG C 543 -36.86 -0.79 8.71
C ARG C 543 -36.31 0.63 8.67
N LEU C 544 -36.60 1.47 9.67
CA LEU C 544 -36.12 2.85 9.57
C LEU C 544 -34.62 2.96 9.79
N GLY C 545 -34.05 2.08 10.61
CA GLY C 545 -32.67 2.30 10.98
C GLY C 545 -32.53 3.62 11.69
N LYS C 546 -31.50 4.38 11.32
CA LYS C 546 -31.29 5.72 11.86
C LYS C 546 -31.71 6.80 10.87
N SER C 547 -32.65 6.48 9.96
CA SER C 547 -33.10 7.49 9.00
C SER C 547 -34.04 8.51 9.64
N GLU C 548 -34.99 8.06 10.47
CA GLU C 548 -35.92 8.91 11.19
C GLU C 548 -35.49 9.11 12.63
N PRO C 549 -35.92 10.19 13.27
CA PRO C 549 -35.59 10.38 14.68
C PRO C 549 -36.15 9.23 15.51
N TRP C 550 -35.46 8.92 16.60
CA TRP C 550 -35.92 7.81 17.43
C TRP C 550 -37.28 8.13 18.04
N THR C 551 -37.54 9.41 18.29
CA THR C 551 -38.84 9.84 18.79
C THR C 551 -39.95 9.56 17.77
N LEU C 552 -39.71 9.90 16.49
CA LEU C 552 -40.70 9.62 15.46
C LEU C 552 -40.89 8.12 15.28
N ALA C 553 -39.80 7.35 15.33
CA ALA C 553 -39.89 5.90 15.19
C ALA C 553 -40.67 5.27 16.34
N LEU C 554 -40.44 5.76 17.57
CA LEU C 554 -41.17 5.24 18.72
C LEU C 554 -42.66 5.58 18.65
N GLU C 555 -43.00 6.77 18.14
CA GLU C 555 -44.41 7.11 18.02
C GLU C 555 -45.09 6.21 16.99
N ASN C 556 -44.38 5.86 15.91
CA ASN C 556 -44.94 5.02 14.87
C ASN C 556 -45.45 3.69 15.41
N VAL C 557 -44.86 3.18 16.48
CA VAL C 557 -45.22 1.87 17.01
C VAL C 557 -46.06 1.97 18.28
N VAL C 558 -45.70 2.87 19.21
CA VAL C 558 -46.37 2.93 20.52
C VAL C 558 -47.28 4.13 20.67
N GLY C 559 -47.21 5.11 19.78
CA GLY C 559 -48.07 6.28 19.87
C GLY C 559 -47.60 7.38 20.79
N ALA C 560 -46.33 7.35 21.22
CA ALA C 560 -45.81 8.35 22.14
C ALA C 560 -44.44 8.82 21.67
N LYS C 561 -44.19 10.12 21.84
CA LYS C 561 -42.94 10.74 21.42
C LYS C 561 -41.82 10.55 22.43
N ASN C 562 -42.07 9.87 23.56
CA ASN C 562 -41.09 9.80 24.63
C ASN C 562 -41.23 8.48 25.38
N MET C 563 -40.24 8.19 26.20
CA MET C 563 -40.21 6.97 27.00
C MET C 563 -41.27 7.04 28.10
N ASN C 564 -41.82 5.87 28.44
CA ASN C 564 -42.94 5.77 29.37
C ASN C 564 -42.71 4.64 30.37
N VAL C 565 -43.15 4.86 31.60
CA VAL C 565 -42.93 3.93 32.71
C VAL C 565 -44.16 3.06 32.98
N ARG C 566 -45.34 3.44 32.50
CA ARG C 566 -46.52 2.63 32.76
C ARG C 566 -46.44 1.20 32.23
N PRO C 567 -45.79 0.90 31.11
CA PRO C 567 -45.59 -0.52 30.76
C PRO C 567 -44.88 -1.33 31.84
N LEU C 568 -43.77 -0.81 32.37
CA LEU C 568 -43.05 -1.51 33.43
C LEU C 568 -43.91 -1.65 34.68
N LEU C 569 -44.56 -0.55 35.08
CA LEU C 569 -45.38 -0.59 36.29
C LEU C 569 -46.58 -1.51 36.13
N ASN C 570 -47.18 -1.54 34.94
CA ASN C 570 -48.30 -2.46 34.70
C ASN C 570 -47.83 -3.91 34.63
N TYR C 571 -46.64 -4.15 34.07
CA TYR C 571 -46.06 -5.48 34.07
C TYR C 571 -45.86 -6.01 35.49
N PHE C 572 -45.42 -5.14 36.40
CA PHE C 572 -45.07 -5.55 37.76
C PHE C 572 -46.14 -5.23 38.79
N GLU C 573 -47.30 -4.71 38.37
CA GLU C 573 -48.36 -4.37 39.32
C GLU C 573 -48.72 -5.50 40.28
N PRO C 574 -48.92 -6.75 39.85
CA PRO C 574 -49.28 -7.79 40.84
C PRO C 574 -48.20 -7.99 41.89
N LEU C 575 -46.94 -8.09 41.48
CA LEU C 575 -45.84 -8.15 42.43
C LEU C 575 -45.76 -6.91 43.31
N PHE C 576 -46.14 -5.74 42.77
CA PHE C 576 -46.09 -4.53 43.57
C PHE C 576 -47.07 -4.61 44.74
N THR C 577 -48.32 -5.01 44.46
CA THR C 577 -49.29 -5.15 45.54
C THR C 577 -48.89 -6.27 46.51
N TRP C 578 -48.34 -7.36 45.98
CA TRP C 578 -47.88 -8.45 46.85
C TRP C 578 -46.77 -7.99 47.77
N LEU C 579 -45.83 -7.19 47.25
CA LEU C 579 -44.79 -6.62 48.09
C LEU C 579 -45.37 -5.66 49.12
N LYS C 580 -46.31 -4.80 48.70
CA LYS C 580 -46.93 -3.87 49.64
C LYS C 580 -47.60 -4.60 50.79
N ASP C 581 -48.21 -5.76 50.50
CA ASP C 581 -48.79 -6.56 51.57
C ASP C 581 -47.70 -7.23 52.41
N GLN C 582 -46.67 -7.77 51.74
CA GLN C 582 -45.62 -8.49 52.47
C GLN C 582 -44.79 -7.58 53.36
N ASN C 583 -44.74 -6.27 53.04
CA ASN C 583 -43.93 -5.36 53.83
C ASN C 583 -44.72 -4.53 54.83
N LYS C 584 -45.94 -4.95 55.17
CA LYS C 584 -46.76 -4.16 56.08
C LYS C 584 -46.05 -4.01 57.42
N ASN C 585 -45.39 -5.09 57.85
CA ASN C 585 -44.66 -5.14 59.11
C ASN C 585 -43.16 -5.06 58.87
N SER C 586 -42.76 -4.48 57.76
CA SER C 586 -41.38 -4.28 57.35
C SER C 586 -41.11 -2.79 57.17
N PHE C 587 -39.84 -2.39 57.31
CA PHE C 587 -39.45 -1.00 57.11
C PHE C 587 -39.33 -0.67 55.62
N VAL C 588 -39.96 0.44 55.23
CA VAL C 588 -39.97 0.97 53.87
C VAL C 588 -39.22 2.30 53.85
N GLY C 589 -38.24 2.44 52.95
CA GLY C 589 -37.30 3.54 53.09
C GLY C 589 -35.90 3.04 53.42
N TRP C 590 -35.02 4.00 53.72
CA TRP C 590 -33.65 3.60 54.04
C TRP C 590 -33.08 4.74 54.84
N SER C 591 -32.25 4.43 55.83
CA SER C 591 -31.48 5.47 56.49
C SER C 591 -30.22 5.78 55.70
N THR C 592 -29.90 7.06 55.57
CA THR C 592 -28.68 7.38 54.82
C THR C 592 -27.46 7.32 55.73
N ASP C 593 -27.69 7.02 57.01
CA ASP C 593 -26.69 7.12 58.06
C ASP C 593 -26.18 5.80 58.61
N TRP C 594 -26.96 4.72 58.48
CA TRP C 594 -26.51 3.44 59.01
C TRP C 594 -25.36 2.87 58.19
N SER C 595 -24.41 2.28 58.89
CA SER C 595 -23.23 1.67 58.32
C SER C 595 -23.02 0.33 59.01
N PRO C 596 -22.43 -0.65 58.30
CA PRO C 596 -22.11 -1.94 58.96
C PRO C 596 -20.97 -1.78 59.94
N TYR C 597 -19.94 -1.07 59.51
CA TYR C 597 -18.75 -0.75 60.26
C TYR C 597 -19.02 0.43 61.19
N ALA C 598 -18.16 0.58 62.19
CA ALA C 598 -18.30 1.67 63.16
C ALA C 598 -16.94 2.20 63.56
N ASP C 599 -16.80 3.52 63.54
CA ASP C 599 -15.54 4.20 63.87
C ASP C 599 -14.38 3.66 63.03
N ASN D 18 -21.90 -28.60 -37.85
CA ASN D 18 -20.95 -29.66 -37.53
C ASN D 18 -19.54 -29.11 -37.27
N LEU D 19 -19.38 -27.79 -37.37
CA LEU D 19 -18.12 -27.13 -37.10
C LEU D 19 -18.12 -26.35 -35.79
N CYS D 20 -19.29 -26.14 -35.20
CA CYS D 20 -19.46 -25.23 -34.06
C CYS D 20 -20.18 -25.90 -32.89
N PRO D 21 -19.48 -26.19 -31.79
CA PRO D 21 -20.20 -26.50 -30.54
C PRO D 21 -21.09 -25.38 -30.08
N PHE D 22 -20.75 -24.14 -30.48
CA PHE D 22 -21.52 -22.91 -30.49
C PHE D 22 -21.78 -22.44 -29.08
N GLY D 23 -21.25 -23.16 -28.09
CA GLY D 23 -21.24 -22.79 -26.70
C GLY D 23 -19.86 -22.60 -26.12
N GLU D 24 -18.82 -22.47 -26.94
CA GLU D 24 -17.56 -21.92 -26.47
C GLU D 24 -17.79 -20.60 -25.76
N VAL D 25 -18.88 -19.92 -26.09
CA VAL D 25 -19.37 -18.82 -25.27
C VAL D 25 -19.92 -19.36 -23.95
N PHE D 26 -20.88 -20.28 -24.02
CA PHE D 26 -21.66 -20.67 -22.85
C PHE D 26 -20.77 -21.09 -21.69
N ASN D 27 -20.01 -22.16 -21.84
CA ASN D 27 -19.10 -22.58 -20.78
C ASN D 27 -17.72 -22.21 -21.27
N ALA D 28 -16.97 -21.51 -20.44
CA ALA D 28 -15.63 -21.06 -20.81
C ALA D 28 -14.90 -20.72 -19.53
N THR D 29 -13.76 -20.03 -19.66
CA THR D 29 -13.00 -19.65 -18.49
C THR D 29 -13.60 -18.41 -17.82
N THR D 30 -13.80 -17.33 -18.58
CA THR D 30 -14.28 -16.05 -18.06
C THR D 30 -15.03 -15.31 -19.15
N PHE D 31 -15.80 -14.31 -18.75
CA PHE D 31 -16.50 -13.42 -19.67
C PHE D 31 -16.00 -11.99 -19.55
N ALA D 32 -16.69 -11.08 -20.25
CA ALA D 32 -16.33 -9.68 -20.32
C ALA D 32 -17.27 -8.86 -19.44
N SER D 33 -16.88 -7.62 -19.20
CA SER D 33 -17.68 -6.73 -18.37
C SER D 33 -18.97 -6.36 -19.07
N VAL D 34 -19.89 -5.77 -18.31
CA VAL D 34 -21.21 -5.45 -18.83
C VAL D 34 -21.14 -4.26 -19.79
N TYR D 35 -20.31 -3.26 -19.49
CA TYR D 35 -20.23 -2.08 -20.36
C TYR D 35 -19.46 -2.39 -21.64
N ALA D 36 -18.74 -3.49 -21.68
CA ALA D 36 -18.02 -3.92 -22.87
C ALA D 36 -18.48 -5.33 -23.23
N TRP D 37 -19.78 -5.54 -23.23
CA TRP D 37 -20.36 -6.85 -23.55
C TRP D 37 -19.96 -7.30 -24.94
N ASN D 38 -19.96 -8.63 -25.12
CA ASN D 38 -19.38 -9.27 -26.28
C ASN D 38 -20.47 -9.84 -27.19
N ARG D 39 -20.20 -9.80 -28.50
CA ARG D 39 -21.07 -10.38 -29.51
C ARG D 39 -20.31 -11.47 -30.26
N LYS D 40 -21.04 -12.46 -30.76
CA LYS D 40 -20.43 -13.52 -31.56
C LYS D 40 -21.43 -14.03 -32.60
N ARG D 41 -20.93 -14.29 -33.81
CA ARG D 41 -21.71 -14.91 -34.86
C ARG D 41 -21.65 -16.43 -34.73
N ILE D 42 -22.78 -17.07 -35.00
CA ILE D 42 -22.93 -18.51 -34.93
C ILE D 42 -23.49 -18.97 -36.27
N SER D 43 -22.87 -20.00 -36.84
CA SER D 43 -23.26 -20.46 -38.17
C SER D 43 -22.79 -21.88 -38.36
N ASN D 44 -23.54 -22.63 -39.17
CA ASN D 44 -23.18 -23.99 -39.54
C ASN D 44 -23.25 -24.94 -38.35
N CYS D 45 -24.32 -24.82 -37.56
CA CYS D 45 -24.42 -25.47 -36.26
C CYS D 45 -25.57 -26.47 -36.21
N VAL D 46 -25.44 -27.44 -35.31
CA VAL D 46 -26.54 -28.34 -34.94
C VAL D 46 -27.02 -27.98 -33.54
N ALA D 47 -28.06 -27.14 -33.47
CA ALA D 47 -28.58 -26.64 -32.20
C ALA D 47 -29.47 -27.70 -31.56
N ASP D 48 -28.90 -28.44 -30.62
CA ASP D 48 -29.66 -29.33 -29.74
C ASP D 48 -29.67 -28.70 -28.36
N TYR D 49 -30.86 -28.40 -27.83
CA TYR D 49 -30.94 -27.69 -26.57
C TYR D 49 -31.74 -28.47 -25.54
N SER D 50 -31.92 -29.78 -25.76
CA SER D 50 -32.55 -30.63 -24.76
C SER D 50 -31.53 -31.09 -23.72
N VAL D 51 -30.28 -31.32 -24.14
CA VAL D 51 -29.22 -31.63 -23.18
C VAL D 51 -28.90 -30.43 -22.31
N LEU D 52 -29.17 -29.22 -22.79
CA LEU D 52 -29.04 -28.05 -21.94
C LEU D 52 -30.27 -27.81 -21.06
N TYR D 53 -31.35 -28.57 -21.25
CA TYR D 53 -32.50 -28.51 -20.34
C TYR D 53 -32.22 -29.26 -19.03
N ASN D 54 -31.41 -30.32 -19.07
CA ASN D 54 -30.90 -30.95 -17.85
C ASN D 54 -29.46 -30.53 -17.56
N SER D 55 -29.08 -29.32 -17.98
CA SER D 55 -27.78 -28.74 -17.65
C SER D 55 -27.84 -28.18 -16.24
N THR D 56 -26.82 -27.40 -15.86
CA THR D 56 -26.91 -26.62 -14.63
C THR D 56 -28.12 -25.71 -14.71
N SER D 57 -28.96 -25.75 -13.68
CA SER D 57 -30.25 -25.09 -13.72
C SER D 57 -30.10 -23.62 -14.07
N PHE D 58 -30.77 -23.19 -15.14
CA PHE D 58 -30.72 -21.81 -15.58
C PHE D 58 -31.57 -20.97 -14.64
N SER D 59 -30.95 -19.94 -14.05
CA SER D 59 -31.69 -19.03 -13.18
C SER D 59 -32.93 -18.47 -13.89
N THR D 60 -32.82 -18.21 -15.19
CA THR D 60 -33.95 -17.74 -15.97
C THR D 60 -33.72 -18.09 -17.43
N PHE D 61 -34.71 -18.70 -18.06
CA PHE D 61 -34.65 -19.08 -19.48
C PHE D 61 -36.05 -18.90 -20.07
N LYS D 62 -36.30 -17.74 -20.68
CA LYS D 62 -37.60 -17.44 -21.26
C LYS D 62 -37.41 -16.81 -22.64
N CYS D 63 -38.24 -17.22 -23.59
CA CYS D 63 -38.17 -16.75 -24.97
C CYS D 63 -39.35 -15.82 -25.28
N TYR D 64 -39.15 -14.93 -26.24
CA TYR D 64 -40.11 -13.88 -26.55
C TYR D 64 -40.78 -14.03 -27.90
N GLY D 65 -40.01 -14.36 -28.94
CA GLY D 65 -40.56 -14.39 -30.29
C GLY D 65 -40.94 -15.77 -30.79
N VAL D 66 -40.32 -16.80 -30.22
CA VAL D 66 -40.52 -18.18 -30.66
C VAL D 66 -40.79 -19.04 -29.44
N SER D 67 -41.03 -20.32 -29.69
CA SER D 67 -41.43 -21.28 -28.67
C SER D 67 -40.23 -22.10 -28.22
N PRO D 68 -40.05 -22.29 -26.90
CA PRO D 68 -39.01 -23.22 -26.43
C PRO D 68 -39.29 -24.67 -26.77
N THR D 69 -40.54 -25.04 -27.07
CA THR D 69 -40.88 -26.39 -27.49
C THR D 69 -40.79 -26.59 -29.00
N LYS D 70 -40.32 -25.57 -29.73
CA LYS D 70 -40.17 -25.62 -31.18
C LYS D 70 -38.79 -25.16 -31.65
N LEU D 71 -37.83 -25.02 -30.72
CA LEU D 71 -36.56 -24.40 -31.05
C LEU D 71 -35.84 -25.12 -32.18
N ASN D 72 -35.63 -26.43 -32.04
CA ASN D 72 -34.77 -27.14 -32.99
C ASN D 72 -35.45 -27.28 -34.35
N ASP D 73 -36.77 -27.40 -34.37
CA ASP D 73 -37.50 -27.46 -35.64
C ASP D 73 -37.28 -26.19 -36.45
N LEU D 74 -37.26 -25.04 -35.79
CA LEU D 74 -37.06 -23.79 -36.48
C LEU D 74 -35.66 -23.73 -37.07
N CYS D 75 -35.56 -23.28 -38.32
CA CYS D 75 -34.29 -23.14 -39.03
C CYS D 75 -34.14 -21.65 -39.39
N PHE D 76 -33.59 -20.86 -38.47
CA PHE D 76 -33.40 -19.44 -38.72
C PHE D 76 -32.10 -19.19 -39.48
N THR D 77 -31.94 -17.95 -39.94
CA THR D 77 -30.80 -17.61 -40.78
C THR D 77 -29.62 -17.11 -39.95
N ASN D 78 -29.80 -15.99 -39.26
CA ASN D 78 -28.72 -15.33 -38.53
C ASN D 78 -28.97 -15.40 -37.03
N VAL D 79 -27.91 -15.67 -36.28
CA VAL D 79 -27.97 -15.77 -34.82
C VAL D 79 -26.73 -15.10 -34.23
N TYR D 80 -26.94 -14.40 -33.12
CA TYR D 80 -25.88 -13.66 -32.45
C TYR D 80 -25.95 -13.94 -30.95
N ALA D 81 -24.81 -13.85 -30.28
CA ALA D 81 -24.72 -14.22 -28.87
C ALA D 81 -24.07 -13.08 -28.08
N ASP D 82 -24.76 -12.63 -27.03
CA ASP D 82 -24.28 -11.55 -26.18
C ASP D 82 -24.00 -12.14 -24.80
N SER D 83 -22.75 -12.04 -24.35
CA SER D 83 -22.31 -12.61 -23.08
C SER D 83 -21.68 -11.54 -22.21
N PHE D 84 -22.05 -11.52 -20.92
CA PHE D 84 -21.57 -10.54 -19.97
C PHE D 84 -21.99 -10.98 -18.57
N VAL D 85 -21.48 -10.27 -17.56
CA VAL D 85 -21.66 -10.63 -16.16
C VAL D 85 -22.21 -9.44 -15.39
N ILE D 86 -23.21 -9.69 -14.55
CA ILE D 86 -23.88 -8.66 -13.75
C ILE D 86 -24.26 -9.24 -12.39
N THR D 87 -24.77 -8.39 -11.50
CA THR D 87 -25.12 -8.81 -10.14
C THR D 87 -26.49 -9.50 -10.13
N GLY D 88 -26.84 -10.01 -8.96
CA GLY D 88 -28.02 -10.84 -8.79
C GLY D 88 -29.35 -10.11 -8.79
N ASP D 89 -29.45 -8.99 -8.07
CA ASP D 89 -30.69 -8.22 -8.10
C ASP D 89 -30.83 -7.46 -9.42
N GLU D 90 -29.71 -7.08 -10.04
CA GLU D 90 -29.76 -6.36 -11.30
C GLU D 90 -30.08 -7.26 -12.49
N VAL D 91 -30.15 -8.58 -12.30
CA VAL D 91 -30.32 -9.48 -13.44
C VAL D 91 -31.73 -9.38 -14.02
N ARG D 92 -32.73 -9.13 -13.17
CA ARG D 92 -34.12 -9.04 -13.61
C ARG D 92 -34.40 -7.80 -14.46
N GLN D 93 -33.39 -6.98 -14.73
CA GLN D 93 -33.53 -5.83 -15.63
C GLN D 93 -33.24 -6.18 -17.09
N ILE D 94 -32.75 -7.38 -17.39
CA ILE D 94 -32.40 -7.71 -18.76
C ILE D 94 -33.67 -8.16 -19.49
N ALA D 95 -34.41 -7.19 -20.01
CA ALA D 95 -35.71 -7.42 -20.63
C ALA D 95 -36.15 -6.12 -21.27
N PRO D 96 -37.05 -6.19 -22.26
CA PRO D 96 -37.63 -4.95 -22.79
C PRO D 96 -38.41 -4.24 -21.70
N GLY D 97 -38.18 -2.93 -21.59
CA GLY D 97 -38.75 -2.18 -20.50
C GLY D 97 -37.99 -2.39 -19.20
N GLN D 98 -38.65 -2.07 -18.10
CA GLN D 98 -38.04 -2.09 -16.76
C GLN D 98 -36.63 -1.49 -16.79
N THR D 99 -36.55 -0.31 -17.39
CA THR D 99 -35.28 0.39 -17.50
C THR D 99 -34.72 0.69 -16.12
N GLY D 100 -33.43 0.46 -15.95
CA GLY D 100 -32.76 0.68 -14.69
C GLY D 100 -31.30 1.00 -14.92
N LYS D 101 -30.45 0.64 -13.95
CA LYS D 101 -29.02 0.92 -14.08
C LYS D 101 -28.43 0.14 -15.25
N ILE D 102 -28.64 -1.17 -15.27
CA ILE D 102 -28.15 -2.00 -16.37
C ILE D 102 -28.92 -1.71 -17.65
N ALA D 103 -30.25 -1.55 -17.54
CA ALA D 103 -31.11 -1.45 -18.72
C ALA D 103 -31.00 -0.12 -19.44
N ASP D 104 -30.33 0.89 -18.88
CA ASP D 104 -30.09 2.15 -19.58
C ASP D 104 -28.61 2.41 -19.84
N TYR D 105 -27.79 2.43 -18.79
CA TYR D 105 -26.41 2.86 -18.93
C TYR D 105 -25.50 1.78 -19.47
N ASN D 106 -25.92 0.52 -19.43
CA ASN D 106 -25.04 -0.58 -19.81
C ASN D 106 -25.58 -1.38 -20.98
N TYR D 107 -26.79 -1.92 -20.92
CA TYR D 107 -27.26 -2.87 -21.92
C TYR D 107 -28.80 -2.86 -21.91
N LYS D 108 -29.40 -2.22 -22.92
CA LYS D 108 -30.84 -2.21 -23.09
C LYS D 108 -31.26 -3.19 -24.17
N LEU D 109 -32.50 -3.70 -24.05
CA LEU D 109 -33.05 -4.56 -25.07
C LEU D 109 -34.13 -3.84 -25.85
N PRO D 110 -34.25 -4.08 -27.16
CA PRO D 110 -35.29 -3.42 -27.93
C PRO D 110 -36.67 -3.85 -27.46
N ASP D 111 -37.63 -2.92 -27.56
CA ASP D 111 -38.98 -3.22 -27.13
C ASP D 111 -39.57 -4.36 -27.96
N ASP D 112 -39.34 -4.34 -29.27
CA ASP D 112 -39.61 -5.50 -30.12
C ASP D 112 -38.39 -6.43 -30.09
N PHE D 113 -38.52 -7.56 -29.40
CA PHE D 113 -37.41 -8.49 -29.23
C PHE D 113 -37.83 -9.88 -29.68
N THR D 114 -37.00 -10.51 -30.51
CA THR D 114 -37.21 -11.87 -31.01
C THR D 114 -35.97 -12.68 -30.65
N GLY D 115 -36.02 -13.33 -29.50
CA GLY D 115 -34.89 -14.11 -29.04
C GLY D 115 -35.17 -14.70 -27.68
N CYS D 116 -34.10 -15.16 -27.04
CA CYS D 116 -34.20 -15.83 -25.75
C CYS D 116 -33.09 -15.29 -24.85
N VAL D 117 -33.33 -15.33 -23.54
CA VAL D 117 -32.37 -14.85 -22.55
C VAL D 117 -32.03 -16.00 -21.61
N ILE D 118 -30.75 -16.11 -21.26
CA ILE D 118 -30.23 -17.24 -20.50
C ILE D 118 -29.35 -16.71 -19.36
N ALA D 119 -29.48 -17.32 -18.19
CA ALA D 119 -28.65 -16.95 -17.05
C ALA D 119 -28.52 -18.12 -16.09
N TRP D 120 -27.33 -18.28 -15.50
CA TRP D 120 -27.08 -19.27 -14.46
C TRP D 120 -26.14 -18.69 -13.42
N ASN D 121 -26.00 -19.39 -12.30
CA ASN D 121 -25.23 -18.93 -11.16
C ASN D 121 -23.91 -19.69 -11.08
N SER D 122 -22.83 -18.95 -10.88
CA SER D 122 -21.50 -19.52 -10.67
C SER D 122 -21.15 -19.32 -9.20
N LYS D 123 -21.18 -20.41 -8.44
CA LYS D 123 -21.03 -20.32 -6.99
C LYS D 123 -19.68 -19.72 -6.62
N HIS D 124 -18.59 -20.38 -7.03
CA HIS D 124 -17.25 -19.95 -6.68
C HIS D 124 -16.38 -19.86 -7.92
N ILE D 125 -16.97 -19.95 -9.12
CA ILE D 125 -16.20 -19.81 -10.34
C ILE D 125 -15.69 -18.38 -10.48
N ASP D 126 -16.60 -17.40 -10.40
CA ASP D 126 -16.25 -15.99 -10.49
C ASP D 126 -15.93 -15.36 -9.14
N ALA D 127 -16.07 -16.09 -8.04
CA ALA D 127 -15.88 -15.56 -6.69
C ALA D 127 -14.72 -16.27 -6.00
N LYS D 128 -13.83 -15.49 -5.40
CA LYS D 128 -12.66 -16.02 -4.71
C LYS D 128 -12.61 -15.45 -3.29
N GLU D 129 -11.89 -16.16 -2.41
CA GLU D 129 -11.85 -15.77 -1.00
C GLU D 129 -11.28 -14.36 -0.84
N GLY D 130 -10.23 -14.04 -1.58
CA GLY D 130 -9.69 -12.69 -1.54
C GLY D 130 -10.63 -11.67 -2.16
N GLY D 131 -11.46 -12.10 -3.08
CA GLY D 131 -12.39 -11.21 -3.76
C GLY D 131 -12.00 -11.00 -5.21
N ASN D 132 -13.01 -10.85 -6.05
CA ASN D 132 -12.81 -10.65 -7.48
C ASN D 132 -13.17 -9.22 -7.83
N PHE D 133 -12.22 -8.49 -8.39
CA PHE D 133 -12.47 -7.11 -8.79
C PHE D 133 -12.13 -6.91 -10.26
N ASN D 134 -12.58 -7.83 -11.11
CA ASN D 134 -12.26 -7.77 -12.52
C ASN D 134 -13.46 -7.43 -13.39
N TYR D 135 -14.64 -7.27 -12.79
CA TYR D 135 -15.83 -6.93 -13.54
C TYR D 135 -16.23 -5.50 -13.22
N LEU D 136 -16.48 -4.72 -14.27
CA LEU D 136 -16.80 -3.30 -14.15
C LEU D 136 -18.22 -3.03 -14.62
N TYR D 137 -18.68 -1.81 -14.34
CA TYR D 137 -20.04 -1.41 -14.69
C TYR D 137 -20.14 0.11 -14.61
N ARG D 138 -21.01 0.67 -15.45
CA ARG D 138 -21.20 2.12 -15.53
C ARG D 138 -22.37 2.57 -14.67
N LEU D 139 -22.15 3.65 -13.92
CA LEU D 139 -23.18 4.24 -13.06
C LEU D 139 -23.61 5.62 -13.51
N PHE D 140 -22.71 6.42 -14.07
CA PHE D 140 -23.00 7.77 -14.51
C PHE D 140 -22.82 7.84 -16.02
N ARG D 141 -23.89 8.22 -16.73
CA ARG D 141 -23.77 8.47 -18.16
C ARG D 141 -24.68 9.63 -18.52
N LYS D 142 -24.34 10.28 -19.64
CA LYS D 142 -25.06 11.48 -20.07
C LYS D 142 -26.52 11.17 -20.41
N ALA D 143 -26.76 10.09 -21.14
CA ALA D 143 -28.10 9.75 -21.60
C ALA D 143 -28.28 8.24 -21.59
N ASN D 144 -29.54 7.83 -21.65
CA ASN D 144 -29.87 6.42 -21.72
C ASN D 144 -29.45 5.85 -23.08
N LEU D 145 -28.89 4.64 -23.06
CA LEU D 145 -28.38 4.03 -24.27
C LEU D 145 -29.51 3.45 -25.09
N LYS D 146 -29.57 3.82 -26.38
CA LYS D 146 -30.48 3.18 -27.30
C LYS D 146 -30.11 1.70 -27.47
N PRO D 147 -31.06 0.87 -27.90
CA PRO D 147 -30.82 -0.59 -27.91
C PRO D 147 -29.57 -0.99 -28.69
N PHE D 148 -28.80 -1.93 -28.10
CA PHE D 148 -27.62 -2.53 -28.72
C PHE D 148 -26.54 -1.48 -28.97
N GLU D 149 -26.30 -0.64 -27.96
CA GLU D 149 -25.28 0.39 -28.02
C GLU D 149 -24.25 0.17 -26.92
N ARG D 150 -23.02 0.61 -27.18
CA ARG D 150 -21.94 0.59 -26.19
C ARG D 150 -21.27 1.95 -26.12
N ASP D 151 -20.74 2.24 -24.93
CA ASP D 151 -19.98 3.48 -24.70
C ASP D 151 -18.94 3.15 -23.64
N ILE D 152 -17.73 2.83 -24.09
CA ILE D 152 -16.66 2.43 -23.19
C ILE D 152 -15.78 3.62 -22.84
N SER D 153 -16.26 4.82 -23.17
CA SER D 153 -15.47 6.04 -22.96
C SER D 153 -15.27 6.28 -21.46
N THR D 154 -14.03 6.63 -21.08
CA THR D 154 -13.73 7.03 -19.71
C THR D 154 -13.75 8.56 -19.59
N GLU D 155 -14.92 9.13 -19.85
CA GLU D 155 -15.10 10.57 -19.81
C GLU D 155 -15.60 10.94 -18.42
N ILE D 156 -14.82 11.75 -17.70
CA ILE D 156 -15.15 12.11 -16.33
C ILE D 156 -16.49 12.83 -16.31
N TYR D 157 -17.49 12.19 -15.71
CA TYR D 157 -18.84 12.74 -15.74
C TYR D 157 -18.96 13.97 -14.86
N GLN D 158 -19.64 14.99 -15.36
CA GLN D 158 -19.74 16.28 -14.67
C GLN D 158 -21.14 16.87 -14.90
N ALA D 159 -22.06 16.55 -13.98
CA ALA D 159 -23.43 17.04 -14.05
C ALA D 159 -23.51 18.51 -13.64
N GLY D 160 -22.81 18.89 -12.58
CA GLY D 160 -22.66 20.29 -12.25
C GLY D 160 -22.05 21.07 -13.40
N SER D 161 -22.49 22.33 -13.53
CA SER D 161 -22.06 23.16 -14.66
C SER D 161 -20.55 23.19 -14.82
N LYS D 162 -19.81 23.35 -13.71
CA LYS D 162 -18.36 23.50 -13.72
C LYS D 162 -17.66 22.27 -14.30
N PRO D 163 -17.12 22.37 -15.52
CA PRO D 163 -16.51 21.19 -16.16
C PRO D 163 -15.06 20.97 -15.79
N CYS D 164 -14.78 20.27 -14.69
CA CYS D 164 -13.40 20.02 -14.28
C CYS D 164 -12.57 19.46 -15.43
N ASN D 165 -12.92 18.26 -15.90
CA ASN D 165 -12.34 17.63 -17.09
C ASN D 165 -10.87 17.25 -16.92
N GLY D 166 -10.26 17.61 -15.78
CA GLY D 166 -8.85 17.31 -15.61
C GLY D 166 -8.61 15.96 -14.97
N GLN D 167 -9.13 15.77 -13.77
CA GLN D 167 -8.99 14.52 -13.01
C GLN D 167 -10.28 14.32 -12.21
N THR D 168 -10.24 13.43 -11.22
CA THR D 168 -11.28 13.40 -10.20
C THR D 168 -11.52 14.80 -9.67
N GLY D 169 -12.80 15.17 -9.54
CA GLY D 169 -13.16 16.50 -9.10
C GLY D 169 -14.16 16.46 -7.95
N LEU D 170 -14.44 17.65 -7.41
CA LEU D 170 -15.41 17.75 -6.33
C LEU D 170 -16.80 17.34 -6.80
N ASN D 171 -17.26 17.91 -7.90
CA ASN D 171 -18.52 17.51 -8.52
C ASN D 171 -18.29 16.56 -9.70
N CYS D 172 -17.04 16.23 -10.00
CA CYS D 172 -16.72 15.26 -11.05
C CYS D 172 -16.51 13.87 -10.47
N TYR D 173 -16.68 12.87 -11.34
CA TYR D 173 -16.67 11.48 -10.91
C TYR D 173 -16.17 10.61 -12.05
N TYR D 174 -15.48 9.54 -11.69
CA TYR D 174 -15.04 8.57 -12.68
C TYR D 174 -16.19 7.60 -12.97
N PRO D 175 -16.63 7.47 -14.23
CA PRO D 175 -17.93 6.82 -14.49
C PRO D 175 -17.92 5.31 -14.33
N LEU D 176 -16.77 4.67 -14.22
CA LEU D 176 -16.69 3.21 -14.19
C LEU D 176 -16.42 2.75 -12.77
N TYR D 177 -17.26 1.84 -12.28
CA TYR D 177 -17.09 1.21 -10.99
C TYR D 177 -16.85 -0.29 -11.18
N ARG D 178 -16.38 -0.94 -10.12
CA ARG D 178 -15.88 -2.30 -10.19
C ARG D 178 -16.66 -3.22 -9.25
N TYR D 179 -17.02 -4.40 -9.75
CA TYR D 179 -17.71 -5.37 -8.94
C TYR D 179 -16.81 -5.96 -7.87
N GLY D 180 -17.39 -6.17 -6.69
CA GLY D 180 -16.76 -6.93 -5.62
C GLY D 180 -17.56 -8.18 -5.28
N PHE D 181 -16.96 -9.35 -5.51
CA PHE D 181 -17.66 -10.62 -5.41
C PHE D 181 -16.91 -11.54 -4.44
N TYR D 182 -17.49 -11.75 -3.27
CA TYR D 182 -16.93 -12.62 -2.25
C TYR D 182 -17.77 -13.87 -2.10
N PRO D 183 -17.18 -14.99 -1.65
CA PRO D 183 -17.93 -16.24 -1.57
C PRO D 183 -18.92 -16.31 -0.41
N THR D 184 -19.06 -15.26 0.39
CA THR D 184 -20.01 -15.23 1.50
C THR D 184 -21.12 -14.21 1.30
N ASP D 185 -21.30 -13.73 0.06
CA ASP D 185 -22.30 -12.73 -0.23
C ASP D 185 -23.70 -13.33 -0.18
N GLY D 186 -24.69 -12.46 -0.02
CA GLY D 186 -26.07 -12.90 -0.16
C GLY D 186 -26.42 -13.18 -1.61
N VAL D 187 -27.53 -13.90 -1.80
CA VAL D 187 -27.93 -14.30 -3.15
C VAL D 187 -28.22 -13.09 -4.03
N GLY D 188 -28.60 -11.96 -3.43
CA GLY D 188 -28.99 -10.79 -4.19
C GLY D 188 -27.88 -10.18 -5.03
N HIS D 189 -26.61 -10.41 -4.69
CA HIS D 189 -25.49 -9.85 -5.45
C HIS D 189 -24.35 -10.84 -5.58
N GLN D 190 -24.67 -12.10 -5.88
CA GLN D 190 -23.69 -13.09 -6.27
C GLN D 190 -23.48 -13.07 -7.78
N PRO D 191 -22.35 -13.59 -8.27
CA PRO D 191 -22.07 -13.51 -9.71
C PRO D 191 -23.05 -14.30 -10.57
N TYR D 192 -23.89 -13.59 -11.33
CA TYR D 192 -24.74 -14.20 -12.34
C TYR D 192 -24.14 -14.02 -13.73
N ARG D 193 -24.17 -15.10 -14.52
CA ARG D 193 -23.57 -15.14 -15.84
C ARG D 193 -24.68 -15.19 -16.89
N VAL D 194 -24.67 -14.24 -17.82
CA VAL D 194 -25.80 -14.01 -18.71
C VAL D 194 -25.36 -14.19 -20.16
N VAL D 195 -26.19 -14.87 -20.95
CA VAL D 195 -26.02 -15.01 -22.39
C VAL D 195 -27.35 -14.69 -23.05
N VAL D 196 -27.32 -13.81 -24.06
CA VAL D 196 -28.51 -13.36 -24.75
C VAL D 196 -28.42 -13.76 -26.22
N LEU D 197 -29.47 -14.39 -26.73
CA LEU D 197 -29.55 -14.80 -28.13
C LEU D 197 -30.58 -13.94 -28.85
N SER D 198 -30.18 -13.35 -29.98
CA SER D 198 -31.05 -12.48 -30.76
C SER D 198 -31.00 -12.90 -32.23
N PHE D 199 -32.17 -13.04 -32.84
CA PHE D 199 -32.31 -13.45 -34.25
C PHE D 199 -32.83 -12.24 -35.03
N GLU D 200 -31.92 -11.55 -35.72
CA GLU D 200 -32.31 -10.41 -36.53
C GLU D 200 -33.28 -10.84 -37.63
N LEU D 201 -34.24 -9.96 -37.93
CA LEU D 201 -35.26 -10.26 -38.93
C LEU D 201 -34.79 -9.70 -40.28
N LEU D 202 -34.32 -10.59 -41.15
CA LEU D 202 -33.83 -10.22 -42.46
C LEU D 202 -34.44 -11.13 -43.52
N ASN D 203 -34.41 -10.65 -44.76
CA ASN D 203 -34.79 -11.45 -45.92
C ASN D 203 -33.59 -12.10 -46.60
N ALA D 204 -32.54 -12.38 -45.83
CA ALA D 204 -31.32 -12.99 -46.35
C ALA D 204 -30.96 -14.21 -45.51
N PRO D 205 -30.61 -15.33 -46.14
CA PRO D 205 -30.38 -16.57 -45.40
C PRO D 205 -28.93 -16.78 -44.99
N ALA D 206 -28.76 -17.41 -43.83
CA ALA D 206 -27.49 -17.99 -43.40
C ALA D 206 -27.77 -19.42 -42.90
N THR D 207 -26.74 -20.10 -42.42
CA THR D 207 -26.79 -21.53 -42.16
C THR D 207 -26.91 -21.79 -40.66
N VAL D 208 -28.14 -21.91 -40.16
CA VAL D 208 -28.43 -22.28 -38.78
C VAL D 208 -29.74 -23.08 -38.76
N CYS D 209 -29.75 -24.19 -38.02
CA CYS D 209 -30.98 -24.92 -37.70
C CYS D 209 -30.67 -25.98 -36.66
N GLY D 210 -31.72 -26.62 -36.16
CA GLY D 210 -31.60 -27.66 -35.15
C GLY D 210 -31.77 -29.08 -35.67
C1 NAG E . 9.75 22.26 -8.23
C2 NAG E . 9.23 22.36 -9.65
C3 NAG E . 7.94 23.16 -9.69
C4 NAG E . 6.93 22.60 -8.70
C5 NAG E . 7.55 22.46 -7.31
C6 NAG E . 6.65 21.75 -6.32
C7 NAG E . 10.77 22.30 -11.56
C8 NAG E . 11.78 23.07 -12.36
N2 NAG E . 10.22 22.95 -10.52
O3 NAG E . 7.41 23.06 -11.01
O4 NAG E . 5.81 23.48 -8.62
O5 NAG E . 8.76 21.68 -7.39
O6 NAG E . 7.35 21.44 -5.13
O7 NAG E . 10.48 21.14 -11.82
C1 NAG E . 5.44 24.67 -9.20
C2 NAG E . 5.38 25.43 -10.55
C3 NAG E . 3.95 25.81 -10.90
C4 NAG E . 3.00 24.72 -10.44
C5 NAG E . 2.98 24.69 -8.91
C6 NAG E . 2.62 23.33 -8.35
C7 NAG E . 7.12 26.90 -11.49
C8 NAG E . 7.19 25.93 -12.63
N2 NAG E . 6.24 26.61 -10.53
O3 NAG E . 3.85 25.99 -12.31
O4 NAG E . 1.68 24.99 -10.91
O5 NAG E . 4.28 25.03 -8.38
O6 NAG E . 1.35 22.90 -8.81
O7 NAG E . 7.82 27.89 -11.44
C1 NAG F . 20.09 -18.86 -21.87
C2 NAG F . 20.59 -19.34 -23.23
C3 NAG F . 20.33 -18.28 -24.30
C4 NAG F . 18.88 -17.85 -24.28
C5 NAG F . 18.46 -17.42 -22.88
C6 NAG F . 16.98 -17.10 -22.77
C7 NAG F . 22.55 -20.66 -23.91
C8 NAG F . 24.03 -20.88 -23.73
N2 NAG F . 22.00 -19.68 -23.18
O3 NAG F . 20.69 -18.79 -25.58
O4 NAG F . 18.66 -16.77 -25.18
O5 NAG F . 18.71 -18.49 -21.95
O6 NAG F . 16.75 -16.03 -21.86
O7 NAG F . 21.89 -21.35 -24.68
C1 NAG F . 17.85 -16.78 -26.29
C2 NAG F . 17.02 -15.55 -26.69
C3 NAG F . 15.85 -15.98 -27.59
C4 NAG F . 16.35 -16.80 -28.77
C5 NAG F . 17.22 -17.96 -28.27
C6 NAG F . 17.85 -18.76 -29.39
C7 NAG F . 17.19 -13.83 -24.96
C8 NAG F . 16.54 -13.21 -23.76
N2 NAG F . 16.53 -14.85 -25.53
O3 NAG F . 15.16 -14.84 -28.04
O4 NAG F . 15.26 -17.30 -29.52
O5 NAG F . 18.29 -17.46 -27.46
O6 NAG F . 18.75 -17.97 -30.17
O7 NAG F . 18.26 -13.42 -25.39
C1 BMA F . 15.03 -16.72 -30.75
C2 BMA F . 14.39 -17.79 -31.65
C3 BMA F . 14.09 -17.21 -33.03
C4 BMA F . 13.37 -15.85 -32.94
C5 BMA F . 14.16 -14.90 -32.02
C6 BMA F . 13.49 -13.55 -31.83
O2 BMA F . 13.15 -18.23 -31.11
O3 BMA F . 13.34 -18.11 -33.83
O4 BMA F . 13.25 -15.28 -34.22
O5 BMA F . 14.29 -15.52 -30.73
O6 BMA F . 13.42 -12.90 -33.10
C1 NAG G . 62.97 20.09 -30.77
C2 NAG G . 64.05 19.02 -30.86
C3 NAG G . 65.43 19.67 -30.91
C4 NAG G . 65.50 20.67 -32.06
C5 NAG G . 64.35 21.68 -31.96
C6 NAG G . 64.29 22.61 -33.15
C7 NAG G . 63.63 16.80 -29.92
C8 NAG G . 63.58 15.98 -28.67
N2 NAG G . 63.95 18.09 -29.75
O3 NAG G . 66.41 18.66 -31.08
O4 NAG G . 66.75 21.35 -32.05
O5 NAG G . 63.09 21.00 -31.88
O6 NAG G . 62.95 22.94 -33.48
O7 NAG G . 63.39 16.32 -31.02
C1 NAG G . 67.94 21.44 -32.72
C2 NAG G . 68.72 22.75 -32.79
C3 NAG G . 70.01 22.56 -33.59
C4 NAG G . 70.83 21.41 -33.01
C5 NAG G . 69.97 20.15 -32.95
C6 NAG G . 70.68 18.98 -32.30
C7 NAG G . 67.22 24.69 -32.64
C8 NAG G . 66.44 25.72 -33.40
N2 NAG G . 67.92 23.81 -33.37
O3 NAG G . 70.78 23.76 -33.57
O4 NAG G . 72.00 21.18 -33.79
O5 NAG G . 68.79 20.39 -32.18
O6 NAG G . 69.87 17.81 -32.30
O7 NAG G . 67.21 24.65 -31.41
C1 BMA G . 73.31 21.52 -33.54
C2 BMA G . 74.43 20.52 -33.93
C3 BMA G . 75.75 20.90 -33.24
C4 BMA G . 76.06 22.40 -33.40
C5 BMA G . 74.86 23.23 -32.90
C6 BMA G . 75.10 24.73 -33.03
O2 BMA G . 74.67 20.56 -35.33
O3 BMA G . 76.84 20.13 -33.74
O4 BMA G . 77.22 22.75 -32.65
O5 BMA G . 73.72 22.87 -33.69
O6 BMA G . 73.95 25.42 -32.55
C1 NAG H . 35.30 15.20 -40.38
C2 NAG H . 35.83 15.68 -41.74
C3 NAG H . 35.54 17.15 -41.93
C4 NAG H . 34.06 17.42 -41.75
C5 NAG H . 33.63 16.94 -40.38
C6 NAG H . 32.14 17.13 -40.12
C7 NAG H . 37.73 14.50 -42.72
C8 NAG H . 36.72 13.75 -43.54
N2 NAG H . 37.24 15.41 -41.88
O3 NAG H . 35.95 17.55 -43.23
O4 NAG H . 33.80 18.82 -41.90
O5 NAG H . 33.90 15.54 -40.25
O6 NAG H . 31.88 18.40 -39.53
O7 NAG H . 38.94 14.29 -42.83
C1 NAG H . 33.27 19.30 -43.06
C2 NAG H . 32.65 20.70 -43.06
C3 NAG H . 32.18 21.06 -44.46
C4 NAG H . 33.31 20.94 -45.45
C5 NAG H . 33.93 19.55 -45.38
C6 NAG H . 35.16 19.39 -46.24
C7 NAG H . 31.61 21.41 -40.94
C8 NAG H . 32.92 22.07 -40.63
N2 NAG H . 31.54 20.77 -42.12
O3 NAG H . 31.67 22.39 -44.47
O4 NAG H . 32.85 21.19 -46.78
O5 NAG H . 34.33 19.24 -44.03
O6 NAG H . 36.21 20.23 -45.77
O7 NAG H . 30.66 21.44 -40.17
C1 NAG I . -11.59 11.42 -36.79
C2 NAG I . -12.65 11.87 -37.79
C3 NAG I . -12.04 12.72 -38.88
C4 NAG I . -11.46 14.02 -38.32
C5 NAG I . -10.84 13.81 -36.94
C6 NAG I . -11.66 14.34 -35.78
C7 NAG I . -13.93 9.72 -37.71
C8 NAG I . -14.59 8.68 -38.55
N2 NAG I . -13.35 10.73 -38.38
O3 NAG I . -13.04 13.00 -39.85
O4 NAG I . -10.48 14.53 -39.22
O5 NAG I . -10.54 12.43 -36.68
O6 NAG I . -10.83 14.71 -34.69
O7 NAG I . -13.94 9.66 -36.47
C1 NAG I . -10.65 15.82 -39.88
C2 NAG I . -10.17 15.69 -41.33
C3 NAG I . -9.99 17.08 -41.91
C4 NAG I . -11.38 17.74 -41.84
C5 NAG I . -11.83 17.82 -40.39
C6 NAG I . -13.20 18.48 -40.26
C7 NAG I . -8.92 13.74 -42.04
C8 NAG I . -8.54 12.56 -41.21
N2 NAG I . -8.93 14.93 -41.43
O3 NAG I . -9.49 16.97 -43.24
O4 NAG I . -11.37 19.04 -42.45
O5 NAG I . -11.92 16.49 -39.86
O6 NAG I . -13.54 18.61 -38.87
O7 NAG I . -9.21 13.64 -43.22
C1 BMA I . -11.95 18.92 -43.77
C2 BMA I . -13.17 19.83 -44.02
C3 BMA I . -13.77 19.54 -45.40
C4 BMA I . -12.68 19.50 -46.50
C5 BMA I . -11.56 18.51 -46.10
C6 BMA I . -10.43 18.45 -47.13
O2 BMA I . -12.80 21.21 -44.01
O3 BMA I . -14.79 20.48 -45.74
O4 BMA I . -13.25 19.11 -47.74
O5 BMA I . -11.02 18.95 -44.84
O6 BMA I . -9.43 17.55 -46.65
C1 NAG J . -7.33 -20.53 12.26
C2 NAG J . -8.20 -21.29 11.26
C3 NAG J . -7.35 -22.28 10.47
C4 NAG J . -6.17 -21.58 9.84
C5 NAG J . -5.39 -20.78 10.87
C6 NAG J . -4.29 -19.94 10.25
C7 NAG J . -10.57 -21.72 11.70
C8 NAG J . -11.56 -22.52 12.49
N2 NAG J . -9.28 -21.98 11.94
O3 NAG J . -8.19 -22.84 9.45
O4 NAG J . -5.30 -22.57 9.26
O5 NAG J . -6.26 -19.87 11.56
O6 NAG J . -3.57 -19.20 11.24
O7 NAG J . -10.93 -20.87 10.89
C1 NAG J . -5.30 -23.93 9.07
C2 NAG J . -6.17 -25.16 8.74
C3 NAG J . -5.58 -25.92 7.56
C4 NAG J . -4.98 -24.94 6.56
C5 NAG J . -3.75 -24.30 7.19
C6 NAG J . -3.45 -22.92 6.64
C7 NAG J . -7.50 -26.47 10.34
C8 NAG J . -8.70 -26.01 9.58
N2 NAG J . -6.32 -26.04 9.89
O3 NAG J . -6.62 -26.68 6.93
O4 NAG J . -4.60 -25.62 5.38
O5 NAG J . -3.93 -24.14 8.61
O6 NAG J . -3.47 -22.92 5.22
O7 NAG J . -7.59 -27.21 11.31
C1 NAG K . -33.40 13.45 0.17
C2 NAG K . -34.89 13.44 -0.16
C3 NAG K . -35.37 12.02 -0.42
C4 NAG K . -34.51 11.34 -1.47
C5 NAG K . -33.04 11.42 -1.07
C6 NAG K . -32.11 10.86 -2.11
C7 NAG K . -36.79 14.74 0.70
C8 NAG K . -37.45 15.30 1.93
N2 NAG K . -35.66 14.06 0.91
O3 NAG K . -36.73 12.04 -0.85
O4 NAG K . -34.88 9.97 -1.61
O5 NAG K . -32.67 12.79 -0.88
O6 NAG K . -31.03 10.15 -1.50
O7 NAG K . -37.26 14.90 -0.42
C1 NAG K . -35.41 9.47 -2.78
C2 NAG K . -35.02 8.05 -3.16
C3 NAG K . -35.27 7.80 -4.64
C4 NAG K . -36.71 8.16 -5.00
C5 NAG K . -37.03 9.58 -4.54
C6 NAG K . -38.48 9.97 -4.76
C7 NAG K . -33.25 7.23 -1.66
C8 NAG K . -31.77 7.02 -1.49
N2 NAG K . -33.63 7.77 -2.82
O3 NAG K . -35.00 6.45 -4.96
O4 NAG K . -36.90 8.05 -6.41
O5 NAG K . -36.77 9.70 -3.13
O6 NAG K . -39.36 9.16 -3.98
O7 NAG K . -34.05 6.94 -0.79
C1 BMA K . -37.60 7.06 -7.05
C2 BMA K . -38.25 7.53 -8.37
C3 BMA K . -39.12 6.41 -8.97
C4 BMA K . -38.38 5.07 -9.01
C5 BMA K . -37.83 4.74 -7.60
C6 BMA K . -37.04 3.43 -7.57
O2 BMA K . -37.26 7.86 -9.33
O3 BMA K . -39.60 6.75 -10.27
O4 BMA K . -39.25 4.03 -9.43
O5 BMA K . -36.96 5.80 -7.20
O6 BMA K . -37.92 2.37 -7.91
C1 NAG L . -54.04 -16.67 46.16
C2 NAG L . -54.94 -15.52 46.62
C3 NAG L . -55.56 -15.86 47.97
C4 NAG L . -56.30 -17.18 47.89
C5 NAG L . -55.38 -18.28 47.35
C6 NAG L . -56.10 -19.59 47.12
C7 NAG L . -54.59 -13.16 46.04
C8 NAG L . -53.72 -11.96 46.22
N2 NAG L . -54.21 -14.27 46.69
O3 NAG L . -56.44 -14.81 48.36
O4 NAG L . -56.80 -17.54 49.18
O5 NAG L . -54.81 -17.88 46.10
O6 NAG L . -55.61 -20.24 45.95
O7 NAG L . -55.59 -13.14 45.33
C1 NAG L . -57.93 -17.65 49.95
C2 NAG L . -58.09 -18.68 51.07
C3 NAG L . -59.47 -18.57 51.72
C4 NAG L . -59.72 -17.14 52.18
C5 NAG L . -59.52 -16.17 51.01
C6 NAG L . -59.66 -14.72 51.41
C7 NAG L . -56.66 -20.62 50.58
C8 NAG L . -56.61 -22.01 50.03
N2 NAG L . -57.86 -20.03 50.58
O3 NAG L . -59.57 -19.47 52.81
O4 NAG L . -61.04 -17.01 52.70
O5 NAG L . -58.20 -16.33 50.46
O6 NAG L . -59.45 -13.85 50.31
O7 NAG L . -55.65 -20.05 50.99
C1 BMA L . -61.40 -16.93 54.02
C2 BMA L . -62.54 -15.97 54.46
C3 BMA L . -62.50 -15.75 55.98
C4 BMA L . -62.37 -17.09 56.73
C5 BMA L . -61.15 -17.88 56.20
C6 BMA L . -60.96 -19.21 56.90
O2 BMA L . -63.81 -16.52 54.15
O3 BMA L . -63.65 -15.05 56.44
O4 BMA L . -62.21 -16.84 58.12
O5 BMA L . -61.36 -18.12 54.81
O6 BMA L . -59.81 -19.86 56.33
C1 NAG M . -48.51 -21.31 17.20
C2 NAG M . -49.79 -22.18 17.26
C3 NAG M . -49.42 -23.64 17.48
C4 NAG M . -48.45 -24.10 16.40
C5 NAG M . -47.21 -23.21 16.43
C6 NAG M . -46.19 -23.58 15.38
C7 NAG M . -51.86 -21.14 18.09
C8 NAG M . -52.24 -20.95 16.65
N2 NAG M . -50.68 -21.73 18.32
O3 NAG M . -50.59 -24.44 17.46
O4 NAG M . -48.06 -25.46 16.62
O5 NAG M . -47.60 -21.85 16.18
O6 NAG M . -45.39 -24.68 15.81
O7 NAG M . -52.59 -20.77 19.01
C1 NAG M . -48.60 -26.48 15.87
C2 NAG M . -47.91 -27.84 15.83
C3 NAG M . -48.70 -28.80 14.95
C4 NAG M . -50.13 -28.90 15.43
C5 NAG M . -50.76 -27.50 15.48
C6 NAG M . -52.16 -27.51 16.06
C7 NAG M . -45.48 -27.86 16.16
C8 NAG M . -45.78 -28.15 17.61
N2 NAG M . -46.54 -27.72 15.36
O3 NAG M . -48.07 -30.08 14.99
O4 NAG M . -50.89 -29.72 14.54
O5 NAG M . -49.96 -26.64 16.31
O6 NAG M . -52.16 -27.82 17.45
O7 NAG M . -44.33 -27.77 15.75
C1 NAG N . -19.90 -26.80 -21.35
C2 NAG N . -19.84 -27.90 -22.41
C3 NAG N . -20.75 -29.07 -22.05
C4 NAG N . -20.30 -29.75 -20.76
C5 NAG N . -19.74 -28.75 -19.76
C6 NAG N . -18.24 -28.77 -19.58
C7 NAG N . -19.74 -26.27 -24.30
C8 NAG N . -20.28 -25.98 -25.67
N2 NAG N . -20.21 -27.39 -23.72
O3 NAG N . -20.75 -29.99 -23.13
O4 NAG N . -21.38 -30.48 -20.18
O5 NAG N . -20.16 -27.40 -20.02
O6 NAG N . -17.88 -28.61 -18.22
O7 NAG N . -18.92 -25.53 -23.76
C1 NAG N . -21.35 -31.93 -20.03
C2 NAG N . -22.74 -32.45 -20.37
C3 NAG N . -22.84 -33.88 -19.86
C4 NAG N . -21.78 -34.65 -20.64
C5 NAG N . -20.40 -34.09 -20.33
C6 NAG N . -19.30 -34.83 -21.07
C7 NAG N . -24.64 -30.99 -20.61
C8 NAG N . -24.63 -29.50 -20.55
N2 NAG N . -23.79 -31.63 -19.80
O3 NAG N . -24.16 -34.37 -20.09
O4 NAG N . -21.85 -36.06 -20.39
O5 NAG N . -20.36 -32.71 -20.71
O6 NAG N . -18.02 -34.32 -20.65
O7 NAG N . -25.39 -31.60 -21.35
C1 BMA N . -22.53 -36.69 -21.50
C2 BMA N . -21.72 -37.83 -22.16
C3 BMA N . -22.48 -38.36 -23.38
C4 BMA N . -23.97 -38.64 -23.05
C5 BMA N . -24.61 -37.38 -22.44
C6 BMA N . -26.07 -37.56 -22.06
O2 BMA N . -21.56 -38.93 -21.26
O3 BMA N . -21.86 -39.53 -23.92
O4 BMA N . -24.67 -39.01 -24.22
O5 BMA N . -23.88 -37.02 -21.26
O6 BMA N . -26.54 -36.36 -21.47
#